data_7JK5
#
_entry.id   7JK5
#
_cell.length_a   1.00
_cell.length_b   1.00
_cell.length_c   1.00
_cell.angle_alpha   90.00
_cell.angle_beta   90.00
_cell.angle_gamma   90.00
#
_symmetry.space_group_name_H-M   'P 1'
#
loop_
_entity.id
_entity.type
_entity.pdbx_description
1 polymer 'Origin recognition complex subunit 2'
2 polymer 'Origin recognition complex subunit 3'
3 polymer 'Origin recognition complex subunit 4'
4 polymer 'Origin recognition complex subunit 5'
5 polymer 'Origin recognition complex subunit 6'
6 polymer 'Origin recognition complex subunit 1'
7 polymer 'DNA (32-MER)'
8 polymer 'DNA (32-MER)'
9 non-polymer "ADENOSINE-5'-TRIPHOSPHATE"
10 non-polymer 'MAGNESIUM ION'
#
loop_
_entity_poly.entity_id
_entity_poly.type
_entity_poly.pdbx_seq_one_letter_code
_entity_poly.pdbx_strand_id
1 'polypeptide(L)'
;MSASNKGGYKTPRKENLMSIENLTNSEEESEDLNTAMVGNAVESQPKVTSRRSTRRPSPTKKYQAYQKESNGKGQEERIV
VNYVEMSDERSSDAEDQEEEESIEESENAARPAAKDLHLIQSEYNVAGTSMFGFNTPKKRDAMALAALNATPCTPKTPKT
PRLGVKTPDTKRKKSMDQPKTPAHVRTRVKKQIAKIVADSDEDFSGDESDFRPSDEESSSSSSSSDAGNSSDNDAADDEP
KTPSRARRAIVVPVLPKTPSAARLRQSARAKKSNEFVPESDGYFHSHASSKILTSDHTLDRLKNPRLAADRVFSLLSEIK
TSAEHEGSINAIMEEYRSYFPKWMCILNEGFNILLYGLGSKHQLLQSFHREVLHKQTVLVVNGFFPSLTIKDMLDSITSD
ILDAGISPANPHEAVDMIEEEFALIPETHLFLIVHNLDGAMLRNVKAQAILSRLARIPNIHLLASIDHINTPLLWDQGKL
CSFNFSWWDCTTMLPYTNETAFENSLLVQNSGELALSSMRSVFSSLTTNSRGIYMLIVKYQLKNKGNATYQGMPFRDLYS
SCREAFLVSSDLALRAQLTEFLDHKLVKSKRSVDGSEQLTIPIDGALLQQFLEEQEKK
;
B
2 'polypeptide(L)'
;MDPTISVSKGCFVYKNGATRAGKKAASKRKRPAAESSSLLGKEVVQQPFYEEYRKAWNQINDHIADLQHRSYARTLEQLV
DFVVGQAERDTPDEVLPTAALLTGINQPDHLSQFTALTQRLHAQRAAMVCVLQSRDCATLKAAVETLVFGLVEDNAEVEQ
MEDEDEDEDGAERDRKRLRRSQCTMKQLKSWYTNNFDSEQKRRQLVVILPDFECFNASVLQDLILILSAHCGSLPFVLVL
GVATAMTAVHGTLPYHVSSKIRLRVFQTQAAPTGLNEVLDKVLLSPKYAFHLSGKTFKFLTHIFLYYDFSIHGFIQGFKY
CLMEHFFGGNAFALCTDYSKALGRIKQLTHEDMETIRRLPSFRPYVEQINDCKRIIAVLTDDDYLKKKLPQLLRDCLLHF
LLFRCSLEFLTELVGDLPRCPLGKLRRELYVNCLNRAIISTPEYKECLQMLSFLSKDEFVAKVNRALERTEQFLVEEIAP
LELGEACTAVLRPKLEAIRLAVDEVVKATMATITTTSPNETRQATDHLTPVASRQELKDQLLQRSKEDKMRHQLNTPTTQ
FGRALQKTLQLIETQIVQDHLRALQDAPPIHELFVFSDIATVRRNIIGAPRAALHTALNNPHFYMQCKCCELQDQSLLVG
TLPDLSVVYKLHLECGRMINLFDWLQAFRSVVSDSDHEEVAQEQIDPQIQARFTRAVAELQFLGYIKMSKRKTDHATRLT
W
;
C
3 'polypeptide(L)'
;SNAMPEADRELVSIRRFLKERLQRDYTTLRGYAKERSNVRLLLQRTAEMGESNSLLLLGPRGSGKTTLINSVLADLLPNK
SFGENTLIVHLDGNLHTDDRVALKSITVQMQLENAADGKVFGSFAENLAFLLQCLKAGGKHSKSVIFILEEFDLFCAHHN
QTLLYNLFDVSQSAQAPICVLGVTCRLDVIELLEKRVKSRFSHRQVFLFPSLRRFEDYVDLCRDLLSLPTGNSLLLAAEK
IYNLQNIQSGALYFSRNHFDPGEYGFSPRLRDAWNKQICKVLATQQARSTLQALHDFDISEAYLKNFLFRLVAHLRPQSP
HITAEKMAAVGSQFEGDDKIELLCGLSVLELCLIIAIKHHSQIYDRDSFNFEIIYARFSKFAKVSTTMQAVERSIVLKAF
EHLRIAELIMPLTGGAGGGVGKVQKEFEMHKLALTYSQIHHCMQRYQALPTEVAQWAQSSLI
;
D
4 'polypeptide(L)'
;MEAICSSLEPLFPCREAAIETLGELIGDSSETYPSAIYLFGHSGTGKTALTRAFLKECGKRQNVRTAHLNAIECYTTKIM
LEILLDSLAPDQGDALKVDNMLDFVEQLRRQAATRVEDQGFLIAVDNAERLRDMDANVLPVLLRLQELTNLNLCVILLSQ
LPFEKFYNKTGLSEIVCLHLAQYNKAETQRILGSDFQQVRNQLLEQFAQDKKRLEICQEAVTEDFYNNYLNLFLSVFYKA
CRDVPELQLTARKCLSTYLEPVLDGTVDATDISRLWRHIAGPLRSALTQIYMRIEKPAEEVEDFTAIEDQSVRKLAQSLE
LPYYAKFLLIAAFLASHNAAKQDKRLFVKHHGKQRKRMQTVNARAKTTEKMSTTLGPKSFSIDRLLAIFYAILEEKVGLT
CNLLSQISTLVHLNLLSFVSGEQNIMEGSARLQCTIGLEFVLQIGKVVGFNVRQYLCDFM
;
E
5 'polypeptide(L)'
;MTTLIEQLITKMGLREEPNVLEKTTELVRLLELRSTNVPLQINEYGKIVLCADLASCMIGIAFDKEQALKLSGLRKSQYL
NNKRMFEKLLDLNKLASVNDICVQLGLNEVARKAEELMTLFKGVAATEDMGTDTSHPQYATMAVFQACRLLKKKVSKSKL
MPFSNLRPSQFQLLEQQWERMIAKHHKESKVPSSTDMEGKLKENQNENIKGHEAKKAHKPPPEDYEIWKARMLAKAQAKL
KELEASQSHMDSQLLEA
;
F
6 'polypeptide(L)'
;SNAPRRSIHLSNIVEQRVFEDDEIISTPKRGRSKKTVQDNDEDYSPKKSVQKTPTRTRRSSTTTKTATTPSKGITTATAT
PMTPSQKMKKIRAGELSPSMQQRTDLPAKDSSKSELQLAREQLHVSVVPKSLPCREREFENIYAFLEGKIQDQCGGCMYV
SGVPGTGKTATVTGVIRTLQRMAKQNELPAFEYLEINGMRLTEPRQAYVQIYKQLTGKTVSWEQAHALLEKRFTTPAPRR
VTTVLLVDELDILCNRRQDVVYNLLDWPTKSAAKLVVVTIANTMDLPERLLMGKVTSRLGLTRLTFQPYSHKQLQEIVTA
RLGGSETFKGEAVQLVARKVAAVSGDARRALDICRRATEIADTAAVKCVTMLHVQQALAEMIASAKVQAIRNCSRMEQIF
LQAIAAEVTRTGVEETTFMGVYQQVETIAAFMGVTFPPPGRALRLCSKLGAERLIISEHSRNDLFQKILLNVSADDIHYA
LRVEEMVN
;
A
7 'polydeoxyribonucleotide'
;(DT)(DG)(DT)(DT)(DA)(DT)(DT)(DT)(DT)(DA)(DC)(DA)(DG)(DA)(DT)(DT)(DT)(DT)(DA)(DT)
(DG)(DT)(DT)(DT)(DA)(DG)(DA)(DT)(DC)(DT)(DT)(DT)(DT)(DA)(DT)(DG)(DC)(DT)(DT)(DG)
(DC)(DT)(DT)(DT)(DT)(DC)(DA)(DA)(DA)(DA)(DG)(DG)(DC)(DC)(DT)(DG)(DC)(DA)(DG)(DG)
;
H
8 'polydeoxyribonucleotide'
;(DC)(DC)(DT)(DG)(DC)(DA)(DG)(DG)(DC)(DC)(DT)(DT)(DT)(DT)(DG)(DA)(DA)(DA)(DA)(DG)
(DC)(DA)(DA)(DG)(DC)(DA)(DT)(DA)(DA)(DA)(DA)(DG)(DA)(DT)(DC)(DT)(DA)(DA)(DA)(DC)
(DA)(DT)(DA)(DA)(DA)(DA)(DT)(DC)(DT)(DG)(DT)(DA)(DA)(DA)(DA)(DT)(DA)(DA)(DC)(DA)
;
I
#
loop_
_chem_comp.id
_chem_comp.type
_chem_comp.name
_chem_comp.formula
ATP non-polymer ADENOSINE-5'-TRIPHOSPHATE 'C10 H16 N5 O13 P3'
DA DNA linking 2'-DEOXYADENOSINE-5'-MONOPHOSPHATE 'C10 H14 N5 O6 P'
DC DNA linking 2'-DEOXYCYTIDINE-5'-MONOPHOSPHATE 'C9 H14 N3 O7 P'
DG DNA linking 2'-DEOXYGUANOSINE-5'-MONOPHOSPHATE 'C10 H14 N5 O7 P'
DT DNA linking THYMIDINE-5'-MONOPHOSPHATE 'C10 H15 N2 O8 P'
MG non-polymer 'MAGNESIUM ION' 'Mg 2'
#
# COMPACT_ATOMS: atom_id res chain seq x y z
N SER A 328 54.19 -16.76 -12.35
CA SER A 328 52.83 -16.53 -12.82
C SER A 328 52.03 -15.76 -11.78
N ILE A 329 51.49 -16.48 -10.78
CA ILE A 329 50.58 -15.90 -9.80
C ILE A 329 51.28 -14.85 -8.94
N ASN A 330 52.50 -15.15 -8.48
CA ASN A 330 53.25 -14.20 -7.63
C ASN A 330 53.61 -12.95 -8.40
N ALA A 331 53.87 -13.08 -9.71
CA ALA A 331 54.21 -11.93 -10.54
C ALA A 331 53.04 -10.95 -10.64
N ILE A 332 51.85 -11.47 -10.97
CA ILE A 332 50.68 -10.61 -11.08
C ILE A 332 50.28 -10.08 -9.72
N MET A 333 50.55 -10.82 -8.65
CA MET A 333 50.23 -10.33 -7.32
C MET A 333 51.12 -9.15 -6.93
N GLU A 334 52.42 -9.22 -7.24
CA GLU A 334 53.30 -8.07 -7.01
C GLU A 334 52.99 -6.91 -7.93
N GLU A 335 52.55 -7.19 -9.17
CA GLU A 335 52.13 -6.12 -10.07
C GLU A 335 50.86 -5.45 -9.56
N TYR A 336 49.98 -6.21 -8.91
CA TYR A 336 48.82 -5.61 -8.28
C TYR A 336 49.22 -4.76 -7.08
N ARG A 337 50.27 -5.18 -6.35
CA ARG A 337 50.74 -4.34 -5.25
C ARG A 337 51.44 -3.08 -5.74
N SER A 338 51.95 -3.08 -6.98
CA SER A 338 52.57 -1.87 -7.50
C SER A 338 51.57 -0.75 -7.78
N TYR A 339 50.29 -1.07 -7.94
CA TYR A 339 49.30 -0.06 -8.31
C TYR A 339 48.84 0.79 -7.12
N PHE A 340 49.26 0.42 -5.90
CA PHE A 340 48.62 0.91 -4.68
C PHE A 340 48.65 2.43 -4.46
N PRO A 341 49.79 3.15 -4.59
CA PRO A 341 49.72 4.63 -4.46
C PRO A 341 48.82 5.30 -5.48
N LYS A 342 48.76 4.80 -6.72
CA LYS A 342 47.85 5.38 -7.69
C LYS A 342 46.40 5.08 -7.32
N TRP A 343 46.16 3.92 -6.69
CA TRP A 343 44.83 3.65 -6.13
C TRP A 343 44.48 4.65 -5.05
N MET A 344 45.48 5.07 -4.27
CA MET A 344 45.22 6.05 -3.23
C MET A 344 44.92 7.43 -3.83
N CYS A 345 45.63 7.79 -4.90
CA CYS A 345 45.32 9.04 -5.60
C CYS A 345 43.95 8.99 -6.25
N ILE A 346 43.54 7.82 -6.72
CA ILE A 346 42.20 7.67 -7.31
C ILE A 346 41.14 7.82 -6.24
N LEU A 347 41.39 7.22 -5.07
CA LEU A 347 40.47 7.32 -3.95
C LEU A 347 40.38 8.74 -3.41
N ASN A 348 41.45 9.53 -3.58
CA ASN A 348 41.46 10.89 -3.07
C ASN A 348 40.47 11.80 -3.79
N GLU A 349 40.14 11.47 -5.05
CA GLU A 349 39.31 12.36 -5.86
C GLU A 349 37.83 11.97 -5.86
N GLY A 350 37.41 11.06 -4.99
CA GLY A 350 36.03 10.66 -4.90
C GLY A 350 35.67 9.39 -5.65
N PHE A 351 36.60 8.81 -6.40
CA PHE A 351 36.31 7.55 -7.05
C PHE A 351 36.32 6.39 -6.06
N ASN A 352 35.63 5.32 -6.43
CA ASN A 352 35.47 4.15 -5.60
C ASN A 352 36.00 2.93 -6.34
N ILE A 353 37.00 2.28 -5.77
CA ILE A 353 37.69 1.19 -6.44
C ILE A 353 36.77 -0.03 -6.52
N LEU A 354 36.80 -0.75 -7.64
CA LEU A 354 35.93 -1.89 -7.85
C LEU A 354 36.64 -2.94 -8.69
N LEU A 355 37.08 -4.01 -8.05
CA LEU A 355 37.74 -5.10 -8.75
C LEU A 355 36.69 -5.99 -9.38
N TYR A 356 37.08 -6.74 -10.44
CA TYR A 356 36.14 -7.64 -11.10
C TYR A 356 36.83 -8.89 -11.65
N GLY A 357 37.69 -9.53 -10.87
CA GLY A 357 38.45 -10.64 -11.39
C GLY A 357 37.72 -11.97 -11.39
N LEU A 358 38.41 -12.97 -11.92
CA LEU A 358 37.91 -14.34 -11.89
C LEU A 358 38.25 -15.04 -10.58
N GLY A 359 39.46 -14.84 -10.08
CA GLY A 359 39.90 -15.51 -8.87
C GLY A 359 39.47 -14.77 -7.63
N SER A 360 39.94 -15.27 -6.49
CA SER A 360 39.67 -14.61 -5.23
C SER A 360 40.37 -13.26 -5.18
N LYS A 361 39.65 -12.25 -4.72
CA LYS A 361 40.19 -10.91 -4.47
C LYS A 361 40.52 -10.75 -2.99
N HIS A 362 40.54 -11.87 -2.26
CA HIS A 362 40.64 -11.80 -0.81
C HIS A 362 42.06 -11.48 -0.35
N GLN A 363 43.04 -12.23 -0.85
CA GLN A 363 44.42 -12.05 -0.40
C GLN A 363 44.97 -10.70 -0.81
N LEU A 364 44.55 -10.19 -1.97
CA LEU A 364 45.03 -8.90 -2.43
C LEU A 364 44.42 -7.76 -1.63
N LEU A 365 43.10 -7.80 -1.40
CA LEU A 365 42.47 -6.76 -0.61
C LEU A 365 42.92 -6.79 0.85
N GLN A 366 43.21 -7.97 1.40
CA GLN A 366 43.80 -8.02 2.73
C GLN A 366 45.21 -7.45 2.72
N SER A 367 45.96 -7.67 1.63
CA SER A 367 47.27 -7.05 1.50
C SER A 367 47.18 -5.54 1.42
N PHE A 368 46.11 -5.03 0.81
CA PHE A 368 45.91 -3.59 0.79
C PHE A 368 45.50 -3.06 2.15
N HIS A 369 44.71 -3.85 2.88
CA HIS A 369 44.29 -3.47 4.23
C HIS A 369 45.48 -3.44 5.20
N ARG A 370 46.49 -4.26 4.95
CA ARG A 370 47.67 -4.20 5.81
C ARG A 370 48.68 -3.18 5.33
N GLU A 371 48.89 -3.07 4.02
CA GLU A 371 50.08 -2.41 3.51
C GLU A 371 50.00 -0.89 3.45
N VAL A 372 48.79 -0.33 3.45
CA VAL A 372 48.62 1.13 3.51
C VAL A 372 47.42 1.49 4.36
N LEU A 373 46.66 0.49 4.81
CA LEU A 373 45.51 0.75 5.65
C LEU A 373 45.69 0.22 7.07
N HIS A 374 46.92 0.27 7.58
CA HIS A 374 47.17 -0.10 8.97
C HIS A 374 46.53 0.86 9.95
N LYS A 375 46.29 2.11 9.56
CA LYS A 375 45.84 3.15 10.46
C LYS A 375 44.43 3.66 10.19
N GLN A 376 43.95 3.61 8.95
CA GLN A 376 42.69 4.25 8.61
C GLN A 376 41.50 3.42 9.08
N THR A 377 40.36 4.10 9.26
CA THR A 377 39.15 3.47 9.73
C THR A 377 38.59 2.53 8.68
N VAL A 378 39.01 1.27 8.73
CA VAL A 378 38.63 0.26 7.75
C VAL A 378 37.40 -0.47 8.25
N LEU A 379 36.36 -0.55 7.42
CA LEU A 379 35.20 -1.37 7.70
C LEU A 379 35.25 -2.56 6.74
N VAL A 380 35.86 -3.66 7.19
CA VAL A 380 35.79 -4.89 6.41
C VAL A 380 34.36 -5.37 6.41
N VAL A 381 33.85 -5.78 5.25
CA VAL A 381 32.50 -6.33 5.15
C VAL A 381 32.58 -7.55 4.26
N ASN A 382 32.41 -8.73 4.85
CA ASN A 382 32.33 -9.97 4.09
C ASN A 382 30.88 -10.13 3.65
N GLY A 383 30.58 -9.68 2.43
CA GLY A 383 29.22 -9.74 1.93
C GLY A 383 28.79 -11.09 1.44
N PHE A 384 29.70 -12.06 1.39
CA PHE A 384 29.35 -13.43 1.08
C PHE A 384 28.90 -14.20 2.31
N PHE A 385 28.75 -13.52 3.44
CA PHE A 385 28.23 -14.14 4.65
C PHE A 385 26.77 -14.54 4.43
N PRO A 386 26.38 -15.76 4.80
CA PRO A 386 24.98 -16.21 4.59
C PRO A 386 23.95 -15.39 5.34
N SER A 387 24.28 -14.83 6.50
CA SER A 387 23.29 -14.13 7.32
C SER A 387 23.68 -12.69 7.62
N LEU A 388 24.45 -12.03 6.77
CA LEU A 388 24.76 -10.63 7.00
C LEU A 388 23.64 -9.73 6.51
N THR A 389 22.95 -9.11 7.47
CA THR A 389 21.95 -8.11 7.18
C THR A 389 22.62 -6.77 6.89
N ILE A 390 21.92 -5.94 6.14
CA ILE A 390 22.38 -4.56 5.90
C ILE A 390 22.29 -3.75 7.19
N LYS A 391 21.39 -4.14 8.10
CA LYS A 391 21.18 -3.42 9.35
C LYS A 391 22.41 -3.48 10.26
N ASP A 392 23.14 -4.59 10.22
CA ASP A 392 24.37 -4.69 10.99
C ASP A 392 25.42 -3.72 10.48
N MET A 393 25.47 -3.52 9.15
CA MET A 393 26.37 -2.53 8.58
C MET A 393 25.96 -1.11 8.97
N LEU A 394 24.65 -0.84 8.99
CA LEU A 394 24.16 0.48 9.37
C LEU A 394 24.46 0.79 10.82
N ASP A 395 24.17 -0.15 11.72
CA ASP A 395 24.46 0.04 13.14
C ASP A 395 25.95 0.09 13.42
N SER A 396 26.76 -0.64 12.64
CA SER A 396 28.20 -0.57 12.83
C SER A 396 28.74 0.80 12.46
N ILE A 397 28.21 1.39 11.38
CA ILE A 397 28.66 2.73 10.96
C ILE A 397 28.19 3.78 11.95
N THR A 398 26.94 3.68 12.43
CA THR A 398 26.46 4.74 13.30
C THR A 398 26.87 4.53 14.75
N SER A 399 27.46 3.38 15.07
CA SER A 399 27.82 3.11 16.46
C SER A 399 29.32 3.07 16.69
N ASP A 400 30.03 2.16 16.01
CA ASP A 400 31.44 1.96 16.37
C ASP A 400 32.32 3.11 15.92
N ILE A 401 31.87 3.91 14.96
CA ILE A 401 32.68 5.02 14.46
C ILE A 401 32.19 6.34 15.02
N LEU A 402 30.93 6.69 14.74
CA LEU A 402 30.41 8.00 15.07
C LEU A 402 29.86 8.11 16.49
N ASP A 403 29.74 6.97 17.20
CA ASP A 403 29.38 6.90 18.63
C ASP A 403 28.06 7.58 18.95
N ALA A 404 27.09 7.41 18.04
CA ALA A 404 25.79 8.04 18.16
C ALA A 404 24.66 7.05 18.43
N GLY A 405 24.98 5.85 18.90
CA GLY A 405 23.96 4.89 19.22
C GLY A 405 23.39 4.17 18.01
N ILE A 406 22.25 3.52 18.23
CA ILE A 406 21.64 2.65 17.23
C ILE A 406 21.04 3.49 16.11
N SER A 407 20.98 2.90 14.91
CA SER A 407 20.31 3.53 13.79
C SER A 407 18.79 3.46 13.96
N PRO A 408 18.06 4.43 13.41
CA PRO A 408 16.61 4.30 13.30
C PRO A 408 16.22 3.15 12.37
N ALA A 409 15.04 2.59 12.64
CA ALA A 409 14.64 1.29 12.09
C ALA A 409 14.53 1.27 10.58
N ASN A 410 14.15 2.38 9.96
CA ASN A 410 14.11 2.44 8.49
C ASN A 410 15.52 2.70 7.98
N PRO A 411 16.03 1.87 7.06
CA PRO A 411 17.35 2.13 6.46
C PRO A 411 17.48 3.48 5.75
N HIS A 412 16.41 3.98 5.14
CA HIS A 412 16.49 5.30 4.50
C HIS A 412 16.64 6.43 5.50
N GLU A 413 15.90 6.38 6.62
CA GLU A 413 16.16 7.31 7.71
C GLU A 413 17.52 7.06 8.34
N ALA A 414 18.00 5.81 8.31
CA ALA A 414 19.32 5.52 8.85
C ALA A 414 20.43 6.16 8.03
N VAL A 415 20.34 6.09 6.70
CA VAL A 415 21.36 6.75 5.89
C VAL A 415 21.16 8.25 5.88
N ASP A 416 19.95 8.74 6.12
CA ASP A 416 19.77 10.19 6.36
C ASP A 416 20.49 10.63 7.63
N MET A 417 20.43 9.80 8.67
CA MET A 417 21.13 10.11 9.91
C MET A 417 22.64 10.05 9.71
N ILE A 418 23.13 9.05 8.96
CA ILE A 418 24.56 8.92 8.68
C ILE A 418 25.04 10.10 7.84
N GLU A 419 24.19 10.58 6.92
CA GLU A 419 24.57 11.70 6.07
C GLU A 419 24.66 13.00 6.85
N GLU A 420 23.64 13.33 7.65
CA GLU A 420 23.69 14.57 8.40
C GLU A 420 24.70 14.49 9.54
N GLU A 421 25.02 13.27 10.01
CA GLU A 421 26.11 13.12 10.95
C GLU A 421 27.47 13.35 10.32
N PHE A 422 27.65 12.90 9.08
CA PHE A 422 28.91 13.13 8.39
C PHE A 422 29.03 14.54 7.81
N ALA A 423 27.92 15.28 7.73
CA ALA A 423 27.96 16.64 7.18
C ALA A 423 28.72 17.60 8.10
N LEU A 424 28.73 17.32 9.41
CA LEU A 424 29.35 18.25 10.34
C LEU A 424 30.84 18.01 10.52
N ILE A 425 31.40 16.94 9.94
CA ILE A 425 32.73 16.49 10.33
C ILE A 425 33.67 16.29 9.14
N PRO A 426 34.30 17.36 8.64
CA PRO A 426 35.41 17.19 7.70
C PRO A 426 36.61 16.55 8.36
N GLU A 427 37.46 15.91 7.52
CA GLU A 427 38.70 15.25 7.91
C GLU A 427 38.43 14.08 8.86
N THR A 428 37.23 13.52 8.78
CA THR A 428 36.87 12.31 9.50
C THR A 428 36.79 11.19 8.46
N HIS A 429 37.90 11.01 7.72
CA HIS A 429 37.94 10.10 6.59
C HIS A 429 37.92 8.65 7.04
N LEU A 430 37.32 7.81 6.21
CA LEU A 430 37.07 6.42 6.55
C LEU A 430 36.87 5.62 5.27
N PHE A 431 37.21 4.34 5.34
CA PHE A 431 37.16 3.44 4.19
C PHE A 431 36.31 2.23 4.52
N LEU A 432 35.70 1.66 3.49
CA LEU A 432 35.09 0.35 3.66
C LEU A 432 35.57 -0.58 2.55
N ILE A 433 35.72 -1.85 2.90
CA ILE A 433 36.26 -2.87 2.01
C ILE A 433 35.20 -3.96 1.94
N VAL A 434 34.40 -3.96 0.89
CA VAL A 434 33.31 -4.91 0.73
C VAL A 434 33.81 -6.04 -0.15
N HIS A 435 34.11 -7.19 0.45
CA HIS A 435 34.16 -8.39 -0.36
C HIS A 435 32.75 -8.68 -0.86
N ASN A 436 32.65 -8.98 -2.15
CA ASN A 436 31.42 -9.40 -2.83
C ASN A 436 30.11 -8.59 -2.74
N LEU A 437 30.04 -7.46 -3.45
CA LEU A 437 28.76 -6.79 -3.65
C LEU A 437 27.62 -7.69 -4.11
N ASP A 438 27.93 -8.80 -4.77
CA ASP A 438 26.96 -9.73 -5.34
C ASP A 438 26.54 -10.81 -4.35
N GLY A 439 26.78 -10.60 -3.05
CA GLY A 439 26.51 -11.60 -2.04
C GLY A 439 25.03 -11.86 -1.86
N ALA A 440 24.74 -13.04 -1.31
CA ALA A 440 23.40 -13.63 -1.39
C ALA A 440 22.36 -12.81 -0.63
N MET A 441 22.75 -12.14 0.45
CA MET A 441 21.85 -11.22 1.13
C MET A 441 21.86 -9.83 0.51
N LEU A 442 22.94 -9.43 -0.13
CA LEU A 442 23.04 -8.13 -0.79
C LEU A 442 22.45 -8.15 -2.19
N ARG A 443 22.08 -9.32 -2.70
CA ARG A 443 21.59 -9.46 -4.07
C ARG A 443 20.26 -8.77 -4.32
N ASN A 444 19.49 -8.50 -3.27
CA ASN A 444 18.29 -7.69 -3.44
C ASN A 444 18.66 -6.27 -3.81
N VAL A 445 17.76 -5.59 -4.53
CA VAL A 445 18.05 -4.24 -5.01
C VAL A 445 18.11 -3.22 -3.87
N LYS A 446 17.49 -3.54 -2.72
CA LYS A 446 17.43 -2.56 -1.64
C LYS A 446 18.76 -2.41 -0.94
N ALA A 447 19.49 -3.52 -0.76
CA ALA A 447 20.81 -3.42 -0.16
C ALA A 447 21.80 -2.69 -1.06
N GLN A 448 21.70 -2.90 -2.38
CA GLN A 448 22.57 -2.16 -3.29
C GLN A 448 22.17 -0.69 -3.38
N ALA A 449 20.89 -0.38 -3.21
CA ALA A 449 20.49 1.03 -3.13
C ALA A 449 21.02 1.68 -1.85
N ILE A 450 21.07 0.92 -0.75
CA ILE A 450 21.62 1.46 0.49
C ILE A 450 23.13 1.65 0.36
N LEU A 451 23.81 0.74 -0.34
CA LEU A 451 25.23 0.94 -0.62
C LEU A 451 25.47 2.12 -1.56
N SER A 452 24.56 2.35 -2.51
CA SER A 452 24.72 3.47 -3.43
C SER A 452 24.50 4.80 -2.74
N ARG A 453 23.53 4.85 -1.82
CA ARG A 453 23.39 6.05 -1.00
C ARG A 453 24.54 6.18 -0.01
N LEU A 454 25.17 5.06 0.35
CA LEU A 454 26.28 5.09 1.29
C LEU A 454 27.53 5.67 0.65
N ALA A 455 27.85 5.26 -0.57
CA ALA A 455 29.09 5.74 -1.19
C ALA A 455 28.93 7.14 -1.78
N ARG A 456 27.71 7.67 -1.82
CA ARG A 456 27.45 8.96 -2.42
C ARG A 456 27.94 10.10 -1.54
N ILE A 457 28.23 9.82 -0.27
CA ILE A 457 28.79 10.82 0.64
C ILE A 457 30.18 11.23 0.16
N PRO A 458 30.51 12.51 0.14
CA PRO A 458 31.89 12.93 -0.18
C PRO A 458 32.95 12.37 0.74
N ASN A 459 32.65 12.15 2.03
CA ASN A 459 33.69 11.78 2.98
C ASN A 459 34.12 10.32 2.84
N ILE A 460 33.16 9.40 2.84
CA ILE A 460 33.44 7.97 2.91
C ILE A 460 33.88 7.47 1.54
N HIS A 461 34.75 6.46 1.52
CA HIS A 461 35.29 5.90 0.30
C HIS A 461 35.26 4.38 0.35
N LEU A 462 35.21 3.76 -0.82
CA LEU A 462 34.76 2.38 -0.98
C LEU A 462 35.71 1.60 -1.87
N LEU A 463 35.98 0.37 -1.48
CA LEU A 463 36.73 -0.58 -2.29
C LEU A 463 35.97 -1.89 -2.31
N ALA A 464 35.58 -2.33 -3.49
CA ALA A 464 34.65 -3.44 -3.56
C ALA A 464 35.18 -4.53 -4.47
N SER A 465 34.77 -5.76 -4.19
CA SER A 465 35.04 -6.90 -5.06
C SER A 465 33.78 -7.36 -5.76
N ILE A 466 33.95 -8.04 -6.89
CA ILE A 466 32.86 -8.51 -7.73
C ILE A 466 33.24 -9.88 -8.30
N ASP A 467 32.30 -10.82 -8.27
CA ASP A 467 32.57 -12.14 -8.84
C ASP A 467 31.51 -12.60 -9.82
N HIS A 468 30.22 -12.39 -9.52
CA HIS A 468 29.14 -12.94 -10.33
C HIS A 468 29.05 -12.23 -11.67
N ILE A 469 28.75 -13.00 -12.71
CA ILE A 469 28.77 -12.50 -14.09
C ILE A 469 27.59 -11.58 -14.36
N ASN A 470 26.56 -11.61 -13.53
CA ASN A 470 25.32 -10.89 -13.79
C ASN A 470 24.99 -9.90 -12.69
N THR A 471 26.01 -9.40 -11.99
CA THR A 471 25.79 -8.34 -11.01
C THR A 471 25.17 -7.05 -11.54
N PRO A 472 25.59 -6.42 -12.71
CA PRO A 472 25.10 -5.06 -12.96
C PRO A 472 23.69 -5.00 -13.52
N LEU A 473 22.95 -6.10 -13.41
CA LEU A 473 21.54 -6.11 -13.78
C LEU A 473 20.71 -5.30 -12.80
N LEU A 474 21.16 -5.15 -11.57
CA LEU A 474 20.44 -4.38 -10.56
C LEU A 474 21.00 -2.98 -10.34
N TRP A 475 22.08 -2.61 -11.01
CA TRP A 475 22.61 -1.25 -10.96
C TRP A 475 22.06 -0.46 -12.13
N ASP A 476 21.05 0.36 -11.89
CA ASP A 476 20.65 1.31 -12.91
C ASP A 476 21.57 2.52 -12.89
N GLN A 477 21.36 3.42 -13.87
CA GLN A 477 22.27 4.54 -14.11
C GLN A 477 22.32 5.52 -12.95
N GLY A 478 21.24 5.67 -12.20
CA GLY A 478 21.29 6.52 -11.02
C GLY A 478 22.19 5.95 -9.94
N LYS A 479 22.02 4.67 -9.61
CA LYS A 479 22.89 4.02 -8.64
C LYS A 479 24.30 3.85 -9.17
N LEU A 480 24.46 3.68 -10.48
CA LEU A 480 25.80 3.64 -11.04
C LEU A 480 26.48 5.02 -11.04
N CYS A 481 25.71 6.11 -11.12
CA CYS A 481 26.33 7.43 -10.99
C CYS A 481 26.67 7.73 -9.54
N SER A 482 25.81 7.34 -8.60
CA SER A 482 26.19 7.49 -7.20
C SER A 482 27.34 6.57 -6.82
N PHE A 483 27.44 5.42 -7.47
CA PHE A 483 28.62 4.56 -7.32
C PHE A 483 29.69 5.07 -8.27
N ASN A 484 30.40 6.11 -7.86
CA ASN A 484 31.45 6.71 -8.70
C ASN A 484 32.62 5.73 -8.82
N PHE A 485 32.44 4.75 -9.69
CA PHE A 485 33.41 3.68 -9.80
C PHE A 485 34.59 4.04 -10.68
N SER A 486 35.71 3.39 -10.39
CA SER A 486 36.84 3.29 -11.31
C SER A 486 37.24 1.81 -11.33
N TRP A 487 36.79 1.11 -12.37
CA TRP A 487 36.97 -0.34 -12.47
C TRP A 487 38.45 -0.69 -12.64
N TRP A 488 38.83 -1.86 -12.12
CA TRP A 488 40.20 -2.33 -12.21
C TRP A 488 40.19 -3.84 -12.37
N ASP A 489 40.64 -4.32 -13.52
CA ASP A 489 40.68 -5.76 -13.77
C ASP A 489 41.82 -6.32 -12.93
N CYS A 490 41.45 -6.83 -11.76
CA CYS A 490 42.41 -7.48 -10.88
C CYS A 490 42.05 -8.96 -10.77
N THR A 491 42.84 -9.78 -11.48
CA THR A 491 42.51 -11.18 -11.70
C THR A 491 43.71 -12.06 -11.44
N THR A 492 43.75 -12.61 -10.23
CA THR A 492 44.53 -13.81 -9.97
C THR A 492 43.68 -15.01 -10.38
N MET A 493 44.31 -16.17 -10.53
CA MET A 493 43.57 -17.41 -10.71
C MET A 493 43.37 -18.16 -9.39
N LEU A 494 43.01 -17.45 -8.32
CA LEU A 494 42.90 -18.07 -7.01
C LEU A 494 41.67 -18.96 -6.91
N PRO A 495 41.78 -20.12 -6.26
CA PRO A 495 40.60 -20.91 -5.94
C PRO A 495 39.67 -20.19 -4.97
N TYR A 496 38.38 -20.46 -5.11
CA TYR A 496 37.38 -19.90 -4.21
C TYR A 496 37.29 -20.78 -2.96
N THR A 497 37.92 -20.33 -1.89
CA THR A 497 37.92 -21.08 -0.65
C THR A 497 37.01 -20.47 0.41
N ASN A 498 37.15 -19.17 0.69
CA ASN A 498 36.22 -18.50 1.60
C ASN A 498 34.84 -18.36 1.01
N GLU A 499 34.75 -18.27 -0.33
CA GLU A 499 33.47 -18.07 -1.00
C GLU A 499 32.58 -19.28 -0.86
N THR A 500 33.15 -20.47 -0.72
CA THR A 500 32.39 -21.68 -0.45
C THR A 500 32.48 -22.14 1.00
N ALA A 501 33.29 -21.47 1.83
CA ALA A 501 33.35 -21.80 3.25
C ALA A 501 32.09 -21.42 3.99
N PHE A 502 31.36 -20.41 3.54
CA PHE A 502 30.14 -19.97 4.20
C PHE A 502 28.90 -20.46 3.47
N SER B 8 32.67 -15.45 12.13
CA SER B 8 31.37 -15.65 12.77
C SER B 8 30.51 -14.39 12.65
N LYS B 9 31.16 -13.24 12.75
CA LYS B 9 30.47 -11.98 12.48
C LYS B 9 30.29 -11.80 10.98
N GLY B 10 29.20 -11.15 10.60
CA GLY B 10 29.01 -10.78 9.21
C GLY B 10 29.72 -9.48 8.83
N CYS B 11 30.19 -8.77 9.83
CA CYS B 11 30.82 -7.46 9.64
C CYS B 11 31.98 -7.34 10.61
N PHE B 12 33.01 -6.61 10.19
CA PHE B 12 34.21 -6.43 10.98
C PHE B 12 34.52 -4.94 11.01
N VAL B 13 35.07 -4.46 12.12
CA VAL B 13 35.43 -3.06 12.28
C VAL B 13 36.92 -3.01 12.57
N TYR B 14 37.59 -1.96 12.11
CA TYR B 14 38.98 -1.69 12.47
C TYR B 14 39.12 -0.22 12.83
N LYS B 15 38.16 0.30 13.61
CA LYS B 15 38.07 1.74 13.88
C LYS B 15 39.26 2.22 14.70
N ASN B 16 39.78 3.42 14.35
CA ASN B 16 40.94 4.00 15.00
C ASN B 16 40.73 5.50 15.21
N GLY B 17 40.26 5.87 16.40
CA GLY B 17 40.32 7.25 16.84
C GLY B 17 39.22 8.16 16.37
N ALA B 18 38.22 7.65 15.67
CA ALA B 18 37.13 8.50 15.19
C ALA B 18 36.21 8.92 16.33
N THR B 19 35.62 10.10 16.22
CA THR B 19 34.76 10.58 17.29
C THR B 19 33.39 10.95 16.71
N ARG B 20 33.06 12.24 16.68
CA ARG B 20 31.78 12.72 16.13
C ARG B 20 31.85 14.22 15.90
N SER B 38 41.64 14.34 1.29
CA SER B 38 42.84 14.62 2.06
C SER B 38 43.49 13.34 2.58
N LEU B 39 43.15 12.22 1.94
CA LEU B 39 43.73 10.93 2.32
C LEU B 39 45.23 10.88 2.06
N LEU B 40 45.69 11.57 1.03
CA LEU B 40 47.06 11.41 0.56
C LEU B 40 48.05 12.14 1.45
N GLY B 41 49.30 11.67 1.39
CA GLY B 41 50.35 12.20 2.22
C GLY B 41 50.93 13.49 1.66
N LYS B 42 51.93 14.00 2.38
CA LYS B 42 52.58 15.26 2.00
C LYS B 42 53.35 15.14 0.70
N GLU B 43 53.82 13.93 0.35
CA GLU B 43 54.81 13.78 -0.72
C GLU B 43 54.18 13.98 -2.10
N VAL B 44 52.86 13.97 -2.19
CA VAL B 44 52.21 14.23 -3.47
C VAL B 44 51.52 15.60 -3.46
N VAL B 45 50.90 15.99 -2.34
CA VAL B 45 50.17 17.25 -2.32
C VAL B 45 51.13 18.44 -2.36
N GLN B 46 52.39 18.23 -1.92
CA GLN B 46 53.44 19.23 -2.11
C GLN B 46 53.78 19.45 -3.57
N GLN B 47 53.65 18.42 -4.40
CA GLN B 47 54.05 18.51 -5.79
C GLN B 47 53.10 19.41 -6.57
N PRO B 48 53.60 20.15 -7.56
CA PRO B 48 52.74 21.06 -8.34
C PRO B 48 51.59 20.39 -9.11
N PHE B 49 51.70 19.11 -9.51
CA PHE B 49 50.72 18.55 -10.44
C PHE B 49 49.34 18.44 -9.83
N TYR B 50 49.25 18.18 -8.52
CA TYR B 50 47.93 18.12 -7.90
C TYR B 50 47.31 19.50 -7.76
N GLU B 51 48.12 20.51 -7.46
CA GLU B 51 47.61 21.88 -7.39
C GLU B 51 47.13 22.37 -8.75
N GLU B 52 47.87 22.02 -9.80
CA GLU B 52 47.47 22.36 -11.15
C GLU B 52 46.22 21.62 -11.58
N TYR B 53 46.11 20.34 -11.23
CA TYR B 53 44.91 19.58 -11.55
C TYR B 53 43.70 20.13 -10.82
N ARG B 54 43.85 20.47 -9.54
CA ARG B 54 42.72 21.00 -8.78
C ARG B 54 42.30 22.38 -9.30
N LYS B 55 43.26 23.21 -9.70
CA LYS B 55 42.93 24.53 -10.23
C LYS B 55 42.19 24.42 -11.57
N ALA B 56 42.73 23.61 -12.49
CA ALA B 56 42.12 23.50 -13.81
C ALA B 56 40.78 22.80 -13.73
N TRP B 57 40.71 21.68 -13.01
CA TRP B 57 39.46 20.95 -12.91
C TRP B 57 38.40 21.74 -12.13
N ASN B 58 38.80 22.52 -11.14
CA ASN B 58 37.82 23.34 -10.45
C ASN B 58 37.29 24.44 -11.35
N GLN B 59 38.15 25.01 -12.21
CA GLN B 59 37.68 25.98 -13.19
C GLN B 59 36.71 25.35 -14.17
N ILE B 60 36.99 24.09 -14.55
CA ILE B 60 36.11 23.34 -15.44
C ILE B 60 34.76 23.12 -14.80
N ASN B 61 34.74 22.64 -13.55
CA ASN B 61 33.51 22.29 -12.88
C ASN B 61 32.67 23.53 -12.58
N ASP B 62 33.32 24.64 -12.22
CA ASP B 62 32.58 25.87 -12.01
C ASP B 62 31.99 26.40 -13.31
N HIS B 63 32.72 26.25 -14.43
CA HIS B 63 32.20 26.75 -15.70
C HIS B 63 31.00 25.94 -16.17
N ILE B 64 31.09 24.61 -16.10
CA ILE B 64 29.97 23.78 -16.54
C ILE B 64 28.79 23.93 -15.58
N ALA B 65 29.06 24.23 -14.31
CA ALA B 65 27.96 24.45 -13.38
C ALA B 65 27.23 25.76 -13.66
N ASP B 66 27.97 26.85 -13.93
CA ASP B 66 27.26 28.09 -14.23
C ASP B 66 26.57 28.02 -15.59
N LEU B 67 27.11 27.24 -16.52
CA LEU B 67 26.42 27.02 -17.79
C LEU B 67 25.11 26.28 -17.60
N GLN B 68 25.12 25.25 -16.74
CA GLN B 68 23.89 24.52 -16.46
C GLN B 68 22.88 25.41 -15.73
N HIS B 69 23.39 26.32 -14.89
CA HIS B 69 22.48 27.21 -14.18
C HIS B 69 21.85 28.24 -15.13
N ARG B 70 22.65 28.80 -16.05
CA ARG B 70 22.10 29.76 -17.00
C ARG B 70 21.14 29.10 -17.98
N SER B 71 21.38 27.84 -18.36
CA SER B 71 20.40 27.15 -19.18
C SER B 71 19.15 26.79 -18.40
N TYR B 72 19.30 26.55 -17.08
CA TYR B 72 18.16 26.19 -16.26
C TYR B 72 17.35 27.39 -15.79
N ALA B 73 17.92 28.59 -15.86
CA ALA B 73 17.36 29.75 -15.17
C ALA B 73 15.98 30.16 -15.68
N ARG B 74 15.71 29.91 -16.97
CA ARG B 74 14.38 30.18 -17.51
C ARG B 74 13.34 29.28 -16.87
N THR B 75 13.63 27.97 -16.81
CA THR B 75 12.71 27.03 -16.18
C THR B 75 12.58 27.26 -14.68
N LEU B 76 13.67 27.64 -14.02
CA LEU B 76 13.62 27.84 -12.58
C LEU B 76 12.83 29.09 -12.22
N GLU B 77 13.05 30.17 -12.97
CA GLU B 77 12.24 31.37 -12.76
C GLU B 77 10.79 31.15 -13.14
N GLN B 78 10.53 30.32 -14.16
CA GLN B 78 9.15 29.98 -14.49
C GLN B 78 8.49 29.17 -13.38
N LEU B 79 9.26 28.31 -12.70
CA LEU B 79 8.71 27.51 -11.60
C LEU B 79 8.44 28.37 -10.38
N VAL B 80 9.37 29.25 -10.04
CA VAL B 80 9.18 30.14 -8.89
C VAL B 80 8.03 31.11 -9.16
N ASP B 81 7.90 31.58 -10.41
CA ASP B 81 6.77 32.42 -10.76
C ASP B 81 5.46 31.65 -10.71
N PHE B 82 5.47 30.36 -11.03
CA PHE B 82 4.25 29.56 -10.91
C PHE B 82 3.85 29.37 -9.45
N VAL B 83 4.83 29.17 -8.58
CA VAL B 83 4.54 28.98 -7.16
C VAL B 83 4.02 30.27 -6.54
N VAL B 84 4.66 31.39 -6.86
CA VAL B 84 4.19 32.69 -6.36
C VAL B 84 2.83 33.06 -6.96
N GLY B 85 2.57 32.67 -8.21
CA GLY B 85 1.28 32.95 -8.80
C GLY B 85 0.18 32.06 -8.27
N GLN B 86 0.53 30.88 -7.75
CA GLN B 86 -0.47 30.11 -7.04
C GLN B 86 -0.66 30.62 -5.61
N ALA B 87 0.38 31.24 -5.03
CA ALA B 87 0.20 31.96 -3.78
C ALA B 87 -0.69 33.17 -3.97
N GLU B 88 -0.70 33.73 -5.18
CA GLU B 88 -1.61 34.82 -5.51
C GLU B 88 -3.07 34.34 -5.51
N ARG B 89 -3.31 33.05 -5.73
CA ARG B 89 -4.67 32.52 -5.76
C ARG B 89 -5.32 32.54 -4.39
N GLU B 94 -11.56 21.34 -4.53
CA GLU B 94 -10.65 22.30 -5.12
C GLU B 94 -9.52 21.59 -5.85
N VAL B 95 -9.35 21.92 -7.13
CA VAL B 95 -8.36 21.24 -7.95
C VAL B 95 -6.98 21.83 -7.68
N LEU B 96 -6.02 20.97 -7.33
CA LEU B 96 -4.72 21.47 -6.93
C LEU B 96 -3.90 21.86 -8.15
N PRO B 97 -3.20 22.99 -8.12
CA PRO B 97 -2.19 23.27 -9.15
C PRO B 97 -1.04 22.27 -9.07
N THR B 98 -0.47 21.94 -10.23
CA THR B 98 0.72 21.11 -10.28
C THR B 98 1.49 21.33 -11.58
N ALA B 99 2.81 21.20 -11.49
CA ALA B 99 3.70 21.59 -12.59
C ALA B 99 4.69 20.46 -12.85
N ALA B 100 4.42 19.66 -13.86
CA ALA B 100 5.36 18.63 -14.27
C ALA B 100 6.57 19.26 -14.94
N LEU B 101 7.72 18.63 -14.76
CA LEU B 101 8.98 19.11 -15.34
C LEU B 101 9.65 17.93 -16.03
N LEU B 102 9.73 17.99 -17.36
CA LEU B 102 10.13 16.84 -18.17
C LEU B 102 11.65 16.66 -18.09
N THR B 103 12.07 16.09 -16.97
CA THR B 103 13.48 15.82 -16.72
C THR B 103 13.95 14.67 -17.63
N GLY B 104 15.26 14.63 -17.87
CA GLY B 104 15.85 13.59 -18.68
C GLY B 104 15.86 12.25 -17.96
N ILE B 105 16.25 11.22 -18.70
CA ILE B 105 16.11 9.85 -18.21
C ILE B 105 17.06 9.58 -17.04
N ASN B 106 18.15 10.33 -16.92
CA ASN B 106 19.10 10.16 -15.83
C ASN B 106 18.59 10.95 -14.63
N GLN B 107 19.05 10.58 -13.44
CA GLN B 107 18.61 11.26 -12.22
C GLN B 107 19.58 12.32 -11.70
N PRO B 108 20.85 12.02 -11.31
CA PRO B 108 21.59 12.92 -10.37
C PRO B 108 21.83 14.35 -10.85
N ASP B 109 21.84 14.58 -12.17
CA ASP B 109 21.99 15.93 -12.71
C ASP B 109 20.84 16.86 -12.30
N HIS B 110 19.63 16.34 -12.15
CA HIS B 110 18.51 17.21 -11.78
C HIS B 110 18.47 17.53 -10.29
N LEU B 111 19.12 16.70 -9.46
CA LEU B 111 18.91 16.72 -8.01
C LEU B 111 19.31 18.05 -7.40
N SER B 112 20.52 18.52 -7.71
CA SER B 112 20.98 19.83 -7.24
C SER B 112 20.09 20.94 -7.78
N GLN B 113 19.55 20.76 -8.99
CA GLN B 113 18.61 21.71 -9.56
C GLN B 113 17.39 21.88 -8.67
N PHE B 114 16.82 20.75 -8.23
CA PHE B 114 15.68 20.82 -7.32
C PHE B 114 16.04 21.48 -6.01
N THR B 115 17.26 21.24 -5.51
CA THR B 115 17.64 21.86 -4.24
C THR B 115 17.74 23.36 -4.39
N ALA B 116 18.20 23.82 -5.56
CA ALA B 116 18.27 25.25 -5.81
C ALA B 116 16.89 25.86 -5.84
N LEU B 117 15.90 25.09 -6.34
CA LEU B 117 14.52 25.55 -6.36
C LEU B 117 14.01 25.75 -4.95
N THR B 118 14.39 24.84 -4.03
CA THR B 118 13.97 24.99 -2.65
C THR B 118 14.57 26.22 -2.03
N GLN B 119 15.83 26.53 -2.39
CA GLN B 119 16.47 27.71 -1.84
C GLN B 119 15.79 28.96 -2.33
N ARG B 120 15.26 28.94 -3.56
CA ARG B 120 14.55 30.11 -4.05
C ARG B 120 13.25 30.30 -3.29
N LEU B 121 12.61 29.20 -2.90
CA LEU B 121 11.38 29.34 -2.14
C LEU B 121 11.68 29.59 -0.67
N HIS B 122 12.94 29.46 -0.27
CA HIS B 122 13.34 29.98 1.02
C HIS B 122 14.09 31.29 0.87
N ALA B 123 14.25 31.77 -0.36
CA ALA B 123 14.75 33.12 -0.54
C ALA B 123 13.63 34.14 -0.44
N GLN B 124 12.58 33.97 -1.24
CA GLN B 124 11.42 34.86 -1.18
C GLN B 124 10.52 34.58 0.00
N ARG B 125 10.70 33.42 0.67
CA ARG B 125 9.94 33.00 1.86
C ARG B 125 8.44 32.99 1.61
N ALA B 126 8.00 32.27 0.58
CA ALA B 126 6.58 32.07 0.35
C ALA B 126 6.20 30.61 0.22
N ALA B 127 7.12 29.68 0.47
CA ALA B 127 6.84 28.26 0.32
C ALA B 127 7.86 27.45 1.10
N MET B 128 7.39 26.33 1.64
CA MET B 128 8.25 25.32 2.24
C MET B 128 7.96 23.99 1.55
N VAL B 129 8.96 23.13 1.53
CA VAL B 129 9.02 22.07 0.53
C VAL B 129 9.65 20.82 1.13
N CYS B 130 8.97 19.70 0.97
CA CYS B 130 9.55 18.40 1.29
C CYS B 130 9.56 17.53 0.04
N VAL B 131 10.72 17.00 -0.29
CA VAL B 131 10.87 16.01 -1.34
C VAL B 131 10.16 14.76 -0.88
N LEU B 132 9.57 14.05 -1.82
CA LEU B 132 8.75 12.88 -1.52
C LEU B 132 9.22 11.76 -2.44
N GLN B 133 10.40 11.25 -2.16
CA GLN B 133 10.99 10.20 -2.99
C GLN B 133 10.24 8.90 -2.80
N SER B 134 10.28 8.05 -3.83
CA SER B 134 9.41 6.87 -3.88
C SER B 134 9.83 5.78 -2.90
N ARG B 135 11.04 5.88 -2.34
CA ARG B 135 11.47 4.95 -1.31
C ARG B 135 10.64 5.09 -0.04
N ASP B 136 10.13 6.30 0.23
CA ASP B 136 9.37 6.58 1.44
C ASP B 136 7.88 6.24 1.30
N CYS B 137 7.44 5.77 0.14
CA CYS B 137 6.01 5.61 -0.08
C CYS B 137 5.63 4.18 -0.40
N ALA B 138 6.01 3.23 0.46
CA ALA B 138 5.56 1.85 0.30
C ALA B 138 4.08 1.70 0.55
N THR B 139 3.48 2.59 1.33
CA THR B 139 2.05 2.55 1.61
C THR B 139 1.56 3.97 1.84
N LEU B 140 0.23 4.12 1.84
CA LEU B 140 -0.38 5.44 1.97
C LEU B 140 -0.09 6.06 3.34
N LYS B 141 -0.02 5.23 4.37
CA LYS B 141 0.31 5.72 5.71
C LYS B 141 1.73 6.27 5.76
N ALA B 142 2.67 5.54 5.13
CA ALA B 142 4.04 6.01 5.07
C ALA B 142 4.17 7.28 4.25
N ALA B 143 3.36 7.42 3.20
CA ALA B 143 3.42 8.62 2.37
C ALA B 143 2.93 9.83 3.14
N VAL B 144 1.82 9.68 3.87
CA VAL B 144 1.29 10.80 4.61
C VAL B 144 2.22 11.20 5.77
N GLU B 145 2.84 10.22 6.43
CA GLU B 145 3.72 10.60 7.54
C GLU B 145 5.01 11.24 7.04
N THR B 146 5.59 10.76 5.93
CA THR B 146 6.78 11.44 5.43
C THR B 146 6.44 12.80 4.86
N LEU B 147 5.23 13.00 4.33
CA LEU B 147 4.83 14.31 3.86
C LEU B 147 4.74 15.32 5.00
N VAL B 148 4.04 14.93 6.07
CA VAL B 148 3.86 15.85 7.20
C VAL B 148 5.17 16.06 7.94
N PHE B 149 5.94 15.00 8.14
CA PHE B 149 7.22 15.11 8.83
C PHE B 149 8.21 15.94 8.04
N GLY B 150 8.19 15.82 6.71
CA GLY B 150 9.09 16.62 5.91
C GLY B 150 8.69 18.07 5.87
N LEU B 151 7.39 18.36 5.88
CA LEU B 151 6.99 19.77 5.93
C LEU B 151 7.35 20.41 7.26
N VAL B 152 7.07 19.74 8.37
CA VAL B 152 7.35 20.34 9.67
C VAL B 152 8.86 20.42 9.94
N GLU B 153 9.64 19.49 9.38
CA GLU B 153 11.07 19.56 9.62
C GLU B 153 11.77 20.50 8.65
N ASP B 154 11.21 20.69 7.45
CA ASP B 154 11.67 21.77 6.60
C ASP B 154 11.42 23.12 7.24
N ASN B 155 10.26 23.29 7.86
CA ASN B 155 9.97 24.57 8.52
C ASN B 155 10.86 24.79 9.73
N ALA B 156 11.17 23.71 10.47
CA ALA B 156 12.13 23.86 11.56
C ALA B 156 13.54 24.15 11.07
N GLU B 157 13.94 23.57 9.93
CA GLU B 157 15.24 23.86 9.33
C GLU B 157 15.34 25.27 8.79
N VAL B 158 14.24 25.86 8.32
CA VAL B 158 14.24 27.28 7.95
C VAL B 158 14.49 28.16 9.18
N GLU B 159 14.00 27.73 10.34
CA GLU B 159 14.23 28.48 11.58
C GLU B 159 15.21 27.77 12.49
N ARG B 177 10.31 17.34 16.41
CA ARG B 177 10.55 15.97 16.81
C ARG B 177 9.26 15.29 17.25
N LEU B 178 8.14 15.74 16.69
CA LEU B 178 6.84 15.18 17.05
C LEU B 178 6.71 13.77 16.51
N ARG B 179 5.87 12.98 17.17
CA ARG B 179 5.87 11.52 17.05
C ARG B 179 5.51 11.05 15.64
N ARG B 180 6.17 9.98 15.22
CA ARG B 180 5.91 9.36 13.93
C ARG B 180 4.50 8.77 13.86
N SER B 181 3.97 8.28 14.98
CA SER B 181 2.64 7.70 14.94
C SER B 181 1.56 8.77 15.00
N GLN B 182 1.91 10.00 15.36
CA GLN B 182 0.91 11.05 15.56
C GLN B 182 0.79 12.01 14.38
N CYS B 183 1.75 12.01 13.45
CA CYS B 183 1.81 13.04 12.42
C CYS B 183 0.79 12.75 11.31
N THR B 184 -0.47 13.04 11.63
CA THR B 184 -1.56 12.92 10.68
C THR B 184 -1.74 14.23 9.92
N MET B 185 -2.60 14.19 8.91
CA MET B 185 -2.95 15.40 8.18
C MET B 185 -3.68 16.41 9.05
N LYS B 186 -4.45 15.93 10.03
CA LYS B 186 -5.17 16.85 10.92
C LYS B 186 -4.22 17.64 11.78
N GLN B 187 -3.13 17.00 12.23
CA GLN B 187 -2.11 17.74 12.96
C GLN B 187 -1.40 18.73 12.07
N LEU B 188 -1.25 18.42 10.79
CA LEU B 188 -0.67 19.37 9.85
C LEU B 188 -1.57 20.58 9.65
N LYS B 189 -2.88 20.36 9.62
CA LYS B 189 -3.80 21.48 9.48
C LYS B 189 -3.81 22.35 10.72
N SER B 190 -3.82 21.72 11.90
CA SER B 190 -3.79 22.48 13.15
C SER B 190 -2.47 23.22 13.32
N TRP B 191 -1.37 22.65 12.83
CA TRP B 191 -0.06 23.29 12.91
C TRP B 191 0.07 24.44 11.93
N TYR B 192 -0.49 24.28 10.73
CA TYR B 192 -0.48 25.38 9.76
C TYR B 192 -1.35 26.54 10.20
N THR B 193 -2.50 26.28 10.81
CA THR B 193 -3.29 27.40 11.31
C THR B 193 -2.76 27.89 12.66
N ASN B 194 -2.01 27.05 13.36
CA ASN B 194 -1.29 27.46 14.56
C ASN B 194 -0.18 28.45 14.23
N ASN B 195 0.40 28.34 13.05
CA ASN B 195 1.53 29.21 12.71
C ASN B 195 1.16 30.25 11.67
N PHE B 196 0.77 29.82 10.47
CA PHE B 196 0.77 30.67 9.29
C PHE B 196 -0.66 31.08 8.95
N ASP B 197 -1.09 32.20 9.51
CA ASP B 197 -2.40 32.75 9.20
C ASP B 197 -2.43 34.28 9.15
N SER B 198 -1.60 34.96 9.95
CA SER B 198 -1.64 36.42 9.99
C SER B 198 -0.82 37.07 8.90
N GLU B 199 -0.13 36.28 8.07
CA GLU B 199 0.68 36.84 6.99
C GLU B 199 -0.18 37.42 5.88
N ARG B 202 0.34 33.62 3.10
CA ARG B 202 0.04 32.20 3.08
C ARG B 202 1.15 31.42 2.38
N ARG B 203 2.05 30.84 3.16
CA ARG B 203 3.16 30.09 2.60
C ARG B 203 2.67 28.83 1.90
N GLN B 204 3.22 28.55 0.73
CA GLN B 204 2.78 27.41 -0.04
C GLN B 204 3.39 26.12 0.48
N LEU B 205 2.69 25.02 0.23
CA LEU B 205 3.08 23.70 0.72
C LEU B 205 3.51 22.86 -0.47
N VAL B 206 4.82 22.82 -0.72
CA VAL B 206 5.35 22.18 -1.92
C VAL B 206 5.75 20.75 -1.60
N VAL B 207 5.47 19.84 -2.52
CA VAL B 207 5.86 18.43 -2.39
C VAL B 207 6.47 17.99 -3.73
N ILE B 208 7.80 18.04 -3.81
CA ILE B 208 8.50 17.52 -4.99
C ILE B 208 8.39 16.01 -5.02
N LEU B 209 8.16 15.47 -6.23
CA LEU B 209 8.10 14.03 -6.48
C LEU B 209 9.08 13.76 -7.60
N PRO B 210 10.37 13.65 -7.27
CA PRO B 210 11.42 13.52 -8.30
C PRO B 210 11.29 12.31 -9.21
N ASP B 211 10.78 11.20 -8.70
CA ASP B 211 10.67 9.98 -9.48
C ASP B 211 9.18 9.60 -9.58
N PHE B 212 8.49 10.28 -10.50
CA PHE B 212 7.07 10.00 -10.73
C PHE B 212 6.87 8.61 -11.30
N GLU B 213 7.81 8.12 -12.11
CA GLU B 213 7.71 6.78 -12.66
C GLU B 213 7.87 5.68 -11.61
N CYS B 214 8.70 5.91 -10.60
CA CYS B 214 9.06 4.85 -9.67
C CYS B 214 7.96 4.55 -8.66
N PHE B 215 6.96 5.42 -8.54
CA PHE B 215 5.89 5.21 -7.58
C PHE B 215 5.00 4.03 -7.97
N ASN B 216 4.54 3.32 -6.94
CA ASN B 216 3.43 2.40 -7.13
C ASN B 216 2.18 3.22 -7.43
N ALA B 217 1.37 2.73 -8.37
CA ALA B 217 0.28 3.54 -8.91
C ALA B 217 -0.82 3.78 -7.88
N SER B 218 -1.08 2.80 -7.01
CA SER B 218 -2.22 2.90 -6.10
C SER B 218 -1.96 3.91 -5.00
N VAL B 219 -0.76 3.88 -4.39
CA VAL B 219 -0.42 4.84 -3.35
C VAL B 219 -0.33 6.24 -3.94
N LEU B 220 0.05 6.35 -5.21
CA LEU B 220 0.15 7.66 -5.84
C LEU B 220 -1.22 8.25 -6.12
N GLN B 221 -2.16 7.42 -6.60
CA GLN B 221 -3.51 7.91 -6.84
C GLN B 221 -4.20 8.27 -5.53
N ASP B 222 -3.97 7.47 -4.48
CA ASP B 222 -4.56 7.79 -3.18
C ASP B 222 -3.95 9.06 -2.60
N LEU B 223 -2.67 9.30 -2.86
CA LEU B 223 -2.04 10.50 -2.33
C LEU B 223 -2.52 11.75 -3.05
N ILE B 224 -2.66 11.68 -4.37
CA ILE B 224 -3.20 12.83 -5.11
C ILE B 224 -4.67 13.06 -4.76
N LEU B 225 -5.42 11.99 -4.46
CA LEU B 225 -6.79 12.16 -4.00
C LEU B 225 -6.88 12.80 -2.62
N ILE B 226 -5.96 12.44 -1.71
CA ILE B 226 -5.94 13.04 -0.39
C ILE B 226 -5.55 14.51 -0.46
N LEU B 227 -4.53 14.83 -1.28
CA LEU B 227 -4.13 16.23 -1.44
C LEU B 227 -5.20 17.04 -2.14
N SER B 228 -5.97 16.43 -3.03
CA SER B 228 -7.13 17.13 -3.59
C SER B 228 -8.20 17.36 -2.55
N ALA B 229 -8.33 16.44 -1.58
CA ALA B 229 -9.33 16.63 -0.54
C ALA B 229 -8.99 17.79 0.40
N HIS B 230 -7.70 18.13 0.54
CA HIS B 230 -7.25 19.10 1.51
C HIS B 230 -6.85 20.44 0.91
N CYS B 231 -6.87 20.56 -0.42
CA CYS B 231 -6.57 21.85 -1.02
C CYS B 231 -7.71 22.82 -0.78
N GLY B 232 -7.35 24.10 -0.69
CA GLY B 232 -8.30 25.11 -0.28
C GLY B 232 -8.11 25.45 1.18
N SER B 233 -8.08 24.42 2.03
CA SER B 233 -7.71 24.62 3.42
C SER B 233 -6.19 24.69 3.58
N LEU B 234 -5.47 23.82 2.88
CA LEU B 234 -4.01 23.86 2.85
C LEU B 234 -3.55 24.18 1.43
N PRO B 235 -2.88 25.30 1.20
CA PRO B 235 -2.42 25.62 -0.15
C PRO B 235 -1.30 24.72 -0.65
N PHE B 236 -1.66 23.72 -1.45
CA PHE B 236 -0.72 22.72 -1.97
C PHE B 236 -0.33 23.05 -3.40
N VAL B 237 0.90 22.71 -3.77
CA VAL B 237 1.32 22.56 -5.16
C VAL B 237 2.10 21.25 -5.26
N LEU B 238 1.99 20.61 -6.42
CA LEU B 238 2.66 19.30 -6.66
C LEU B 238 3.48 19.39 -7.94
N VAL B 239 4.74 18.97 -7.89
CA VAL B 239 5.62 19.00 -9.09
C VAL B 239 5.99 17.56 -9.45
N LEU B 240 5.80 17.17 -10.71
CA LEU B 240 6.11 15.78 -11.09
C LEU B 240 7.35 15.70 -11.98
N GLY B 241 8.36 14.98 -11.48
CA GLY B 241 9.58 14.71 -12.26
C GLY B 241 9.33 13.46 -13.09
N VAL B 242 8.69 13.63 -14.25
CA VAL B 242 8.35 12.50 -15.17
C VAL B 242 9.56 12.26 -16.06
N ALA B 243 10.17 11.08 -15.92
CA ALA B 243 11.42 10.82 -16.62
C ALA B 243 11.23 10.55 -18.10
N THR B 244 9.99 10.41 -18.56
CA THR B 244 9.73 10.02 -19.94
C THR B 244 8.97 11.08 -20.71
N ALA B 245 7.66 10.91 -20.82
CA ALA B 245 6.84 11.75 -21.68
C ALA B 245 5.45 11.84 -21.10
N MET B 246 4.63 12.71 -21.71
CA MET B 246 3.32 13.04 -21.19
C MET B 246 2.34 11.88 -21.22
N THR B 247 2.58 10.91 -22.11
CA THR B 247 1.72 9.73 -22.16
C THR B 247 1.80 8.92 -20.86
N ALA B 248 2.96 8.93 -20.19
CA ALA B 248 3.06 8.26 -18.90
C ALA B 248 2.21 8.93 -17.83
N VAL B 249 2.07 10.26 -17.87
CA VAL B 249 1.24 10.95 -16.90
C VAL B 249 -0.23 10.72 -17.20
N HIS B 250 -0.60 10.79 -18.49
CA HIS B 250 -1.99 10.55 -18.84
C HIS B 250 -2.39 9.09 -18.68
N GLY B 251 -1.43 8.16 -18.71
CA GLY B 251 -1.78 6.76 -18.57
C GLY B 251 -1.76 6.24 -17.15
N THR B 252 -0.76 6.62 -16.37
CA THR B 252 -0.66 6.18 -14.98
C THR B 252 -1.76 6.76 -14.11
N LEU B 253 -2.13 8.02 -14.33
CA LEU B 253 -3.24 8.63 -13.53
C LEU B 253 -4.58 8.13 -14.08
N PRO B 254 -5.49 7.62 -13.22
CA PRO B 254 -6.82 7.12 -13.64
C PRO B 254 -7.84 8.21 -13.94
N TYR B 255 -8.92 7.85 -14.65
CA TYR B 255 -9.99 8.77 -15.03
C TYR B 255 -10.16 9.88 -14.00
N HIS B 256 -10.35 9.48 -12.74
CA HIS B 256 -10.78 10.43 -11.71
C HIS B 256 -9.63 11.23 -11.15
N VAL B 257 -8.45 10.62 -11.01
CA VAL B 257 -7.28 11.36 -10.52
C VAL B 257 -6.89 12.44 -11.51
N SER B 258 -6.97 12.14 -12.81
CA SER B 258 -6.81 13.16 -13.83
C SER B 258 -7.94 14.18 -13.84
N SER B 259 -9.14 13.77 -13.42
CA SER B 259 -10.24 14.74 -13.36
C SER B 259 -10.02 15.77 -12.26
N LYS B 260 -9.27 15.42 -11.22
CA LYS B 260 -9.05 16.30 -10.06
C LYS B 260 -7.62 16.84 -10.03
N ILE B 261 -7.04 17.15 -11.17
CA ILE B 261 -5.66 17.61 -11.21
C ILE B 261 -5.58 18.72 -12.25
N ARG B 262 -4.60 19.61 -12.10
CA ARG B 262 -4.42 20.77 -12.99
C ARG B 262 -2.94 20.91 -13.28
N LEU B 263 -2.47 20.18 -14.30
CA LEU B 263 -1.05 20.02 -14.56
C LEU B 263 -0.59 20.92 -15.69
N ARG B 264 0.64 21.41 -15.57
CA ARG B 264 1.25 22.28 -16.55
C ARG B 264 2.70 21.87 -16.73
N VAL B 265 3.17 21.82 -17.97
CA VAL B 265 4.42 21.15 -18.29
C VAL B 265 5.51 22.19 -18.54
N PHE B 266 6.68 21.98 -17.93
CA PHE B 266 7.89 22.74 -18.23
C PHE B 266 8.93 21.76 -18.73
N GLN B 267 9.84 22.24 -19.58
CA GLN B 267 10.85 21.38 -20.18
C GLN B 267 12.25 21.91 -19.90
N THR B 268 13.04 21.11 -19.19
CA THR B 268 14.49 21.27 -19.14
C THR B 268 15.07 20.74 -20.45
N GLN B 269 16.27 21.20 -20.81
CA GLN B 269 16.86 20.85 -22.10
C GLN B 269 17.25 19.38 -22.18
N ALA B 270 17.24 18.83 -23.39
CA ALA B 270 17.56 17.42 -23.60
C ALA B 270 19.04 17.17 -23.42
N ALA B 271 19.37 15.94 -23.02
CA ALA B 271 20.76 15.55 -22.80
C ALA B 271 21.70 15.68 -24.01
N PRO B 272 21.37 15.23 -25.23
CA PRO B 272 22.29 15.53 -26.36
C PRO B 272 22.51 17.01 -26.60
N THR B 273 21.48 17.83 -26.39
CA THR B 273 21.66 19.27 -26.45
C THR B 273 22.59 19.76 -25.36
N GLY B 274 22.52 19.14 -24.17
CA GLY B 274 23.38 19.54 -23.09
C GLY B 274 24.83 19.15 -23.33
N LEU B 275 25.06 17.98 -23.92
CA LEU B 275 26.43 17.61 -24.29
C LEU B 275 26.96 18.49 -25.41
N ASN B 276 26.08 18.91 -26.34
CA ASN B 276 26.53 19.82 -27.39
C ASN B 276 26.93 21.17 -26.82
N GLU B 277 26.19 21.67 -25.83
CA GLU B 277 26.53 22.95 -25.24
C GLU B 277 27.79 22.86 -24.38
N VAL B 278 27.92 21.79 -23.59
CA VAL B 278 29.11 21.61 -22.76
C VAL B 278 30.34 21.41 -23.62
N LEU B 279 30.19 20.78 -24.79
CA LEU B 279 31.35 20.54 -25.62
C LEU B 279 31.74 21.76 -26.43
N ASP B 280 30.77 22.50 -26.97
CA ASP B 280 31.12 23.74 -27.66
C ASP B 280 31.66 24.81 -26.72
N LYS B 281 31.24 24.83 -25.46
CA LYS B 281 31.51 25.99 -24.64
C LYS B 281 32.55 25.80 -23.54
N VAL B 282 32.98 24.57 -23.25
CA VAL B 282 33.97 24.42 -22.18
C VAL B 282 35.16 23.61 -22.65
N LEU B 283 34.94 22.37 -23.08
CA LEU B 283 36.05 21.53 -23.46
C LEU B 283 36.69 21.98 -24.77
N LEU B 284 35.95 22.68 -25.62
CA LEU B 284 36.52 23.32 -26.80
C LEU B 284 36.70 24.83 -26.63
N SER B 285 36.47 25.36 -25.43
CA SER B 285 36.81 26.74 -25.17
C SER B 285 38.33 26.90 -25.13
N PRO B 286 38.87 27.93 -25.78
CA PRO B 286 40.33 28.05 -25.92
C PRO B 286 41.09 28.18 -24.61
N LYS B 287 40.49 28.77 -23.58
CA LYS B 287 41.25 29.30 -22.44
C LYS B 287 41.78 28.23 -21.51
N TYR B 288 41.30 27.00 -21.60
CA TYR B 288 41.92 25.90 -20.87
C TYR B 288 43.01 25.31 -21.75
N ALA B 289 44.10 24.89 -21.13
CA ALA B 289 45.27 24.47 -21.88
C ALA B 289 45.27 23.01 -22.25
N PHE B 290 44.30 22.22 -21.80
CA PHE B 290 44.34 20.76 -21.94
C PHE B 290 43.33 20.32 -22.98
N HIS B 291 43.82 19.83 -24.12
CA HIS B 291 42.98 19.33 -25.20
C HIS B 291 43.00 17.82 -25.26
N LEU B 292 41.84 17.23 -25.46
CA LEU B 292 41.73 15.78 -25.64
C LEU B 292 42.07 15.40 -27.07
N SER B 293 42.56 14.17 -27.23
CA SER B 293 42.73 13.57 -28.54
C SER B 293 41.38 13.19 -29.14
N GLY B 294 41.36 13.03 -30.45
CA GLY B 294 40.11 12.71 -31.13
C GLY B 294 39.57 11.33 -30.80
N LYS B 295 40.45 10.39 -30.44
CA LYS B 295 40.00 9.07 -30.05
C LYS B 295 39.23 9.10 -28.73
N THR B 296 39.82 9.74 -27.71
CA THR B 296 39.14 9.84 -26.41
C THR B 296 37.90 10.70 -26.48
N PHE B 297 37.92 11.73 -27.34
CA PHE B 297 36.76 12.58 -27.53
C PHE B 297 35.61 11.81 -28.14
N LYS B 298 35.91 11.02 -29.18
CA LYS B 298 34.89 10.18 -29.79
C LYS B 298 34.40 9.12 -28.83
N PHE B 299 35.29 8.59 -27.98
CA PHE B 299 34.88 7.55 -27.02
C PHE B 299 33.95 8.12 -25.97
N LEU B 300 34.21 9.33 -25.48
CA LEU B 300 33.34 9.94 -24.48
C LEU B 300 31.98 10.32 -25.08
N THR B 301 31.95 10.93 -26.26
CA THR B 301 30.64 11.24 -26.83
C THR B 301 29.93 9.98 -27.29
N HIS B 302 30.69 8.91 -27.54
CA HIS B 302 30.11 7.61 -27.83
C HIS B 302 29.40 7.03 -26.62
N ILE B 303 30.05 7.06 -25.45
CA ILE B 303 29.43 6.54 -24.23
C ILE B 303 28.23 7.39 -23.83
N PHE B 304 28.28 8.68 -24.16
CA PHE B 304 27.11 9.52 -23.89
C PHE B 304 25.96 9.19 -24.84
N LEU B 305 26.24 8.96 -26.11
CA LEU B 305 25.14 8.88 -27.06
C LEU B 305 24.63 7.47 -27.29
N TYR B 306 25.39 6.46 -26.91
CA TYR B 306 25.00 5.09 -27.20
C TYR B 306 24.50 4.34 -25.98
N TYR B 307 25.03 4.63 -24.80
CA TYR B 307 24.65 3.86 -23.62
C TYR B 307 23.73 4.66 -22.72
N ASP B 308 24.24 5.69 -22.06
CA ASP B 308 23.47 6.44 -21.08
C ASP B 308 23.50 7.93 -21.35
N PHE B 309 22.35 8.58 -21.17
CA PHE B 309 22.31 10.04 -21.17
C PHE B 309 22.81 10.61 -19.84
N SER B 310 24.09 10.43 -19.56
CA SER B 310 24.67 10.82 -18.28
C SER B 310 25.61 11.98 -18.52
N ILE B 311 25.12 13.20 -18.30
CA ILE B 311 25.99 14.36 -18.32
C ILE B 311 27.01 14.27 -17.20
N HIS B 312 26.57 13.81 -16.03
CA HIS B 312 27.47 13.58 -14.92
C HIS B 312 28.47 12.48 -15.22
N GLY B 313 28.06 11.48 -15.99
CA GLY B 313 28.99 10.44 -16.40
C GLY B 313 30.02 10.97 -17.37
N PHE B 314 29.64 11.93 -18.21
CA PHE B 314 30.60 12.60 -19.07
C PHE B 314 31.59 13.43 -18.25
N ILE B 315 31.10 14.08 -17.20
CA ILE B 315 31.97 14.87 -16.33
C ILE B 315 32.95 13.97 -15.57
N GLN B 316 32.48 12.81 -15.10
CA GLN B 316 33.35 11.86 -14.42
C GLN B 316 34.37 11.24 -15.37
N GLY B 317 34.00 10.99 -16.62
CA GLY B 317 34.96 10.49 -17.57
C GLY B 317 36.02 11.52 -17.93
N PHE B 318 35.62 12.80 -18.06
CA PHE B 318 36.59 13.84 -18.34
C PHE B 318 37.50 14.10 -17.15
N LYS B 319 36.97 13.98 -15.93
CA LYS B 319 37.81 14.10 -14.74
C LYS B 319 38.80 12.94 -14.64
N TYR B 320 38.38 11.73 -15.04
CA TYR B 320 39.32 10.63 -15.05
C TYR B 320 40.39 10.81 -16.13
N CYS B 321 40.03 11.41 -17.27
CA CYS B 321 41.04 11.69 -18.28
C CYS B 321 42.02 12.76 -17.79
N LEU B 322 41.52 13.78 -17.09
CA LEU B 322 42.39 14.80 -16.53
C LEU B 322 43.34 14.23 -15.50
N MET B 323 42.85 13.30 -14.68
CA MET B 323 43.69 12.70 -13.66
C MET B 323 44.75 11.79 -14.28
N GLU B 324 44.34 10.96 -15.25
CA GLU B 324 45.28 10.03 -15.86
C GLU B 324 46.33 10.75 -16.70
N HIS B 325 46.02 11.93 -17.22
CA HIS B 325 47.07 12.69 -17.89
C HIS B 325 47.96 13.40 -16.88
N PHE B 326 47.37 14.10 -15.92
CA PHE B 326 48.13 14.97 -15.04
C PHE B 326 48.97 14.23 -14.02
N PHE B 327 48.64 12.98 -13.72
CA PHE B 327 49.31 12.29 -12.62
C PHE B 327 50.50 11.47 -13.08
N GLY B 328 51.12 11.85 -14.20
CA GLY B 328 52.40 11.28 -14.58
C GLY B 328 53.60 11.98 -13.98
N GLY B 329 53.39 13.00 -13.17
CA GLY B 329 54.50 13.75 -12.61
C GLY B 329 54.33 15.25 -12.77
N ASN B 330 55.30 16.03 -12.27
CA ASN B 330 55.23 17.49 -12.38
C ASN B 330 55.40 17.98 -13.81
N ALA B 331 56.05 17.19 -14.67
CA ALA B 331 56.31 17.63 -16.04
C ALA B 331 55.03 17.80 -16.84
N PHE B 332 54.01 17.02 -16.53
CA PHE B 332 52.72 17.16 -17.19
C PHE B 332 51.97 18.39 -16.70
N ALA B 333 52.39 18.96 -15.57
CA ALA B 333 51.84 20.21 -15.07
C ALA B 333 52.52 21.43 -15.68
N LEU B 334 53.22 21.29 -16.80
CA LEU B 334 53.55 22.47 -17.58
C LEU B 334 52.37 22.90 -18.44
N CYS B 335 51.35 22.05 -18.54
CA CYS B 335 50.18 22.28 -19.40
C CYS B 335 49.23 23.25 -18.69
N THR B 336 49.54 24.53 -18.80
CA THR B 336 48.72 25.56 -18.18
C THR B 336 48.79 26.89 -18.93
N ASP B 337 48.31 27.96 -18.30
CA ASP B 337 48.50 29.29 -18.84
C ASP B 337 49.98 29.67 -18.84
N TYR B 338 50.36 30.48 -19.83
CA TYR B 338 51.74 30.51 -20.32
C TYR B 338 52.73 31.07 -19.29
N SER B 339 52.31 32.05 -18.49
CA SER B 339 53.25 32.68 -17.56
C SER B 339 53.54 31.76 -16.37
N LYS B 340 52.50 31.15 -15.81
CA LYS B 340 52.70 30.15 -14.77
C LYS B 340 53.42 28.94 -15.31
N ALA B 341 53.26 28.65 -16.61
CA ALA B 341 54.06 27.63 -17.26
C ALA B 341 55.53 28.02 -17.29
N LEU B 342 55.86 29.30 -17.47
CA LEU B 342 57.26 29.73 -17.42
C LEU B 342 57.82 29.61 -16.00
N GLY B 343 56.99 29.88 -15.00
CA GLY B 343 57.42 29.67 -13.62
C GLY B 343 57.67 28.20 -13.31
N ARG B 344 56.84 27.33 -13.87
CA ARG B 344 57.09 25.90 -13.71
C ARG B 344 58.27 25.45 -14.58
N ILE B 345 58.58 26.17 -15.66
CA ILE B 345 59.79 25.89 -16.43
C ILE B 345 61.02 26.09 -15.57
N LYS B 346 61.03 27.19 -14.81
CA LYS B 346 62.11 27.38 -13.85
C LYS B 346 62.06 26.36 -12.72
N GLN B 347 60.87 25.88 -12.35
CA GLN B 347 60.74 25.03 -11.15
C GLN B 347 61.26 23.59 -11.31
N LEU B 348 61.34 23.05 -12.52
CA LEU B 348 61.43 21.60 -12.70
C LEU B 348 62.74 20.98 -12.22
N THR B 349 62.63 19.72 -11.79
CA THR B 349 63.74 18.94 -11.27
C THR B 349 64.28 18.06 -12.40
N HIS B 350 64.77 16.85 -12.14
CA HIS B 350 65.42 16.03 -13.16
C HIS B 350 64.53 14.89 -13.67
N GLU B 351 63.67 14.35 -12.80
CA GLU B 351 62.73 13.31 -13.23
C GLU B 351 61.74 13.87 -14.25
N ASP B 352 61.36 15.13 -14.08
CA ASP B 352 60.51 15.79 -15.06
C ASP B 352 61.20 15.96 -16.40
N MET B 353 62.53 16.13 -16.40
CA MET B 353 63.25 16.20 -17.66
C MET B 353 63.19 14.87 -18.41
N GLU B 354 63.26 13.76 -17.69
CA GLU B 354 63.22 12.46 -18.35
C GLU B 354 61.80 12.11 -18.80
N THR B 355 60.79 12.52 -18.04
CA THR B 355 59.41 12.30 -18.48
C THR B 355 58.92 13.31 -19.51
N ILE B 356 59.68 14.38 -19.76
CA ILE B 356 59.50 15.14 -21.00
C ILE B 356 60.20 14.52 -22.20
N ARG B 357 61.48 14.15 -22.05
CA ARG B 357 62.32 13.82 -23.19
C ARG B 357 61.93 12.53 -23.90
N ARG B 358 61.29 11.60 -23.21
CA ARG B 358 60.93 10.32 -23.83
C ARG B 358 59.62 10.38 -24.59
N LEU B 359 58.95 11.53 -24.59
CA LEU B 359 57.66 11.67 -25.26
C LEU B 359 57.83 11.57 -26.76
N PRO B 360 57.00 10.77 -27.45
CA PRO B 360 57.28 10.42 -28.86
C PRO B 360 57.33 11.59 -29.83
N SER B 361 56.54 12.63 -29.59
CA SER B 361 56.46 13.70 -30.57
C SER B 361 57.64 14.65 -30.50
N PHE B 362 58.43 14.57 -29.44
CA PHE B 362 59.74 15.22 -29.42
C PHE B 362 60.71 14.54 -30.37
N ARG B 363 60.48 13.24 -30.67
CA ARG B 363 61.37 12.48 -31.53
C ARG B 363 61.53 13.02 -32.96
N PRO B 364 60.46 13.38 -33.71
CA PRO B 364 60.70 14.01 -35.02
C PRO B 364 61.47 15.33 -34.96
N TYR B 365 61.32 16.10 -33.88
CA TYR B 365 61.98 17.40 -33.77
C TYR B 365 63.50 17.26 -33.76
N VAL B 366 64.03 16.19 -33.20
CA VAL B 366 65.46 15.93 -33.28
C VAL B 366 65.80 15.29 -34.62
N GLU B 367 64.81 14.67 -35.26
CA GLU B 367 65.03 14.10 -36.59
C GLU B 367 65.27 15.18 -37.64
N GLN B 368 64.70 16.36 -37.47
CA GLN B 368 64.73 17.38 -38.51
C GLN B 368 65.89 18.34 -38.39
N ILE B 369 66.80 18.11 -37.44
CA ILE B 369 67.95 19.00 -37.29
C ILE B 369 69.17 18.40 -37.99
N ILE B 375 73.22 21.71 -29.42
CA ILE B 375 72.13 20.76 -29.23
C ILE B 375 72.62 19.64 -28.31
N ILE B 376 73.94 19.58 -28.13
CA ILE B 376 74.54 18.58 -27.25
C ILE B 376 74.19 18.88 -25.80
N ALA B 377 74.26 20.16 -25.41
CA ALA B 377 73.85 20.54 -24.06
C ALA B 377 72.33 20.52 -23.91
N VAL B 378 71.58 20.59 -25.00
CA VAL B 378 70.12 20.45 -24.92
C VAL B 378 69.71 19.05 -24.51
N LEU B 379 70.42 18.02 -24.99
CA LEU B 379 70.00 16.64 -24.72
C LEU B 379 70.55 16.06 -23.44
N THR B 380 71.44 16.75 -22.73
CA THR B 380 72.02 16.17 -21.53
C THR B 380 72.10 17.17 -20.38
N ASP B 381 72.49 18.41 -20.69
CA ASP B 381 72.71 19.41 -19.66
C ASP B 381 71.42 20.12 -19.24
N ASP B 382 70.28 19.73 -19.82
CA ASP B 382 68.93 20.14 -19.42
C ASP B 382 68.61 21.63 -19.58
N ASP B 383 69.47 22.51 -19.05
CA ASP B 383 69.14 23.93 -18.95
C ASP B 383 69.04 24.61 -20.32
N TYR B 384 69.80 24.12 -21.30
CA TYR B 384 69.65 24.66 -22.65
C TYR B 384 68.32 24.23 -23.26
N LEU B 385 67.89 23.00 -22.96
CA LEU B 385 66.53 22.59 -23.30
C LEU B 385 65.51 23.41 -22.52
N LYS B 386 65.83 23.80 -21.28
CA LYS B 386 64.93 24.65 -20.51
C LYS B 386 64.76 26.02 -21.13
N LYS B 387 65.83 26.53 -21.74
CA LYS B 387 65.71 27.82 -22.45
C LYS B 387 65.05 27.66 -23.80
N LYS B 388 65.10 26.46 -24.38
CA LYS B 388 64.39 26.24 -25.65
C LYS B 388 62.91 25.94 -25.40
N LEU B 389 62.54 25.63 -24.14
CA LEU B 389 61.14 25.36 -23.79
C LEU B 389 60.11 26.44 -24.14
N PRO B 390 60.32 27.75 -23.90
CA PRO B 390 59.29 28.72 -24.32
C PRO B 390 58.97 28.72 -25.81
N GLN B 391 59.95 28.43 -26.67
CA GLN B 391 59.68 28.34 -28.10
C GLN B 391 58.70 27.23 -28.42
N LEU B 392 58.95 26.02 -27.91
CA LEU B 392 58.11 24.87 -28.22
C LEU B 392 56.73 25.01 -27.58
N LEU B 393 56.67 25.38 -26.30
CA LEU B 393 55.37 25.52 -25.64
C LEU B 393 54.56 26.68 -26.22
N ARG B 394 55.25 27.76 -26.64
CA ARG B 394 54.55 28.91 -27.18
C ARG B 394 53.99 28.62 -28.56
N ASP B 395 54.78 27.95 -29.40
CA ASP B 395 54.29 27.53 -30.71
C ASP B 395 53.18 26.50 -30.58
N CYS B 396 53.23 25.66 -29.54
CA CYS B 396 52.20 24.65 -29.37
C CYS B 396 50.88 25.25 -28.94
N LEU B 397 50.90 26.14 -27.94
CA LEU B 397 49.68 26.81 -27.52
C LEU B 397 49.16 27.73 -28.62
N LEU B 398 50.08 28.32 -29.38
CA LEU B 398 49.70 29.12 -30.54
C LEU B 398 49.00 28.26 -31.58
N HIS B 399 49.48 27.02 -31.77
CA HIS B 399 48.88 26.11 -32.74
C HIS B 399 47.48 25.68 -32.31
N PHE B 400 47.29 25.43 -31.01
CA PHE B 400 45.96 25.03 -30.57
C PHE B 400 44.97 26.20 -30.61
N LEU B 401 45.41 27.44 -30.32
CA LEU B 401 44.51 28.58 -30.47
C LEU B 401 44.15 28.82 -31.93
N LEU B 402 45.14 28.71 -32.83
CA LEU B 402 44.87 28.82 -34.25
C LEU B 402 43.99 27.69 -34.74
N PHE B 403 44.15 26.50 -34.16
CA PHE B 403 43.29 25.37 -34.46
C PHE B 403 41.85 25.65 -34.08
N ARG B 404 41.64 26.30 -32.93
CA ARG B 404 40.28 26.54 -32.48
C ARG B 404 39.59 27.61 -33.31
N CYS B 405 40.28 28.70 -33.64
CA CYS B 405 39.62 29.73 -34.44
C CYS B 405 39.45 29.27 -35.90
N SER B 406 40.44 28.55 -36.44
CA SER B 406 40.31 28.01 -37.79
C SER B 406 39.22 26.95 -37.87
N LEU B 407 39.05 26.17 -36.79
CA LEU B 407 37.96 25.21 -36.73
C LEU B 407 36.61 25.90 -36.69
N GLU B 408 36.54 27.06 -36.01
CA GLU B 408 35.31 27.84 -36.01
C GLU B 408 34.98 28.36 -37.40
N PHE B 409 36.00 28.86 -38.11
CA PHE B 409 35.77 29.35 -39.47
C PHE B 409 35.34 28.23 -40.41
N LEU B 410 35.92 27.05 -40.23
CA LEU B 410 35.57 25.93 -41.11
C LEU B 410 34.17 25.41 -40.84
N THR B 411 33.78 25.27 -39.57
CA THR B 411 32.44 24.78 -39.30
C THR B 411 31.38 25.82 -39.64
N GLU B 412 31.72 27.11 -39.59
CA GLU B 412 30.79 28.12 -40.08
C GLU B 412 30.67 28.05 -41.59
N LEU B 413 31.74 27.65 -42.28
CA LEU B 413 31.65 27.53 -43.72
C LEU B 413 30.87 26.30 -44.15
N VAL B 414 31.14 25.15 -43.54
CA VAL B 414 30.53 23.88 -43.95
C VAL B 414 29.12 23.72 -43.40
N GLY B 415 28.82 24.29 -42.23
CA GLY B 415 27.51 24.06 -41.63
C GLY B 415 26.33 24.69 -42.35
N ASP B 416 26.54 25.80 -43.04
CA ASP B 416 25.47 26.38 -43.84
C ASP B 416 25.19 25.58 -45.11
N LEU B 417 26.14 24.75 -45.55
CA LEU B 417 25.95 23.94 -46.74
C LEU B 417 24.95 22.82 -46.45
N PRO B 418 24.24 22.33 -47.50
CA PRO B 418 23.35 21.18 -47.36
C PRO B 418 24.19 19.90 -47.22
N ARG B 419 23.63 18.86 -46.60
CA ARG B 419 24.25 17.51 -46.34
C ARG B 419 25.31 17.55 -45.23
N CYS B 420 26.35 18.38 -45.36
CA CYS B 420 27.40 18.50 -44.30
C CYS B 420 27.94 17.12 -43.92
N PRO B 421 28.55 16.36 -44.85
CA PRO B 421 29.08 15.02 -44.53
C PRO B 421 30.12 15.08 -43.41
N LEU B 422 30.97 16.11 -43.41
CA LEU B 422 31.99 16.27 -42.33
C LEU B 422 31.24 16.46 -41.00
N GLY B 423 30.18 17.27 -41.01
CA GLY B 423 29.34 17.52 -39.82
C GLY B 423 28.93 18.97 -39.70
N LYS B 424 27.89 19.25 -38.92
CA LYS B 424 27.39 20.64 -38.69
C LYS B 424 27.73 21.07 -37.26
N LEU B 425 28.56 20.29 -36.57
CA LEU B 425 28.88 20.59 -35.18
C LEU B 425 30.40 20.49 -35.00
N ARG B 426 30.94 21.37 -34.15
CA ARG B 426 32.38 21.59 -34.06
C ARG B 426 33.13 20.36 -33.55
N ARG B 427 32.51 19.56 -32.68
CA ARG B 427 33.19 18.37 -32.17
C ARG B 427 33.38 17.33 -33.27
N GLU B 428 32.49 17.31 -34.27
CA GLU B 428 32.60 16.32 -35.34
C GLU B 428 33.78 16.64 -36.23
N LEU B 429 33.92 17.90 -36.63
CA LEU B 429 35.08 18.32 -37.40
C LEU B 429 36.34 18.24 -36.57
N TYR B 430 36.20 18.41 -35.25
CA TYR B 430 37.35 18.30 -34.34
C TYR B 430 37.89 16.88 -34.32
N VAL B 431 37.01 15.88 -34.21
CA VAL B 431 37.51 14.51 -34.16
C VAL B 431 37.94 14.02 -35.54
N ASN B 432 37.25 14.47 -36.61
CA ASN B 432 37.69 14.12 -37.95
C ASN B 432 39.02 14.77 -38.30
N CYS B 433 39.32 15.92 -37.71
CA CYS B 433 40.56 16.62 -37.99
C CYS B 433 41.71 16.11 -37.15
N LEU B 434 41.49 15.82 -35.88
CA LEU B 434 42.58 15.27 -35.09
C LEU B 434 42.81 13.79 -35.35
N ASN B 435 41.83 13.09 -35.92
CA ASN B 435 42.01 11.67 -36.19
C ASN B 435 42.99 11.41 -37.33
N ARG B 436 42.96 12.25 -38.37
CA ARG B 436 43.73 12.06 -39.58
C ARG B 436 43.84 13.40 -40.27
N ALA B 437 44.80 13.51 -41.20
CA ALA B 437 44.88 14.71 -42.01
C ALA B 437 43.61 14.85 -42.85
N ILE B 438 43.03 16.04 -42.84
CA ILE B 438 41.70 16.22 -43.41
C ILE B 438 41.73 16.20 -44.94
N ILE B 439 42.85 16.62 -45.55
CA ILE B 439 42.95 16.72 -47.01
C ILE B 439 42.94 15.35 -47.67
N SER B 440 43.37 14.30 -46.97
CA SER B 440 43.36 12.97 -47.56
C SER B 440 42.03 12.25 -47.39
N THR B 441 41.10 12.82 -46.63
CA THR B 441 39.82 12.16 -46.41
C THR B 441 38.94 12.26 -47.65
N PRO B 442 38.15 11.23 -47.94
CA PRO B 442 37.07 11.38 -48.95
C PRO B 442 36.07 12.46 -48.62
N GLU B 443 35.79 12.68 -47.33
CA GLU B 443 34.76 13.62 -46.92
C GLU B 443 35.10 15.06 -47.28
N TYR B 444 36.36 15.46 -47.13
CA TYR B 444 36.77 16.78 -47.56
C TYR B 444 36.72 16.91 -49.08
N LYS B 445 36.94 15.81 -49.80
CA LYS B 445 36.82 15.84 -51.25
C LYS B 445 35.37 16.05 -51.67
N GLU B 446 34.43 15.36 -51.02
CA GLU B 446 33.01 15.58 -51.29
C GLU B 446 32.59 16.98 -50.90
N CYS B 447 33.18 17.52 -49.82
CA CYS B 447 32.85 18.87 -49.39
C CYS B 447 33.34 19.91 -50.38
N LEU B 448 34.56 19.76 -50.90
CA LEU B 448 35.04 20.71 -51.91
C LEU B 448 34.33 20.50 -53.24
N GLN B 449 33.82 19.30 -53.51
CA GLN B 449 33.05 19.10 -54.73
C GLN B 449 31.70 19.81 -54.66
N MET B 450 30.95 19.60 -53.57
CA MET B 450 29.69 20.29 -53.39
C MET B 450 29.87 21.78 -53.13
N LEU B 451 31.03 22.19 -52.64
CA LEU B 451 31.34 23.60 -52.42
C LEU B 451 31.77 24.29 -53.70
N SER B 452 32.34 23.55 -54.65
CA SER B 452 32.71 24.09 -55.95
C SER B 452 31.55 24.17 -56.93
N PHE B 453 30.41 23.55 -56.62
CA PHE B 453 29.21 23.65 -57.45
C PHE B 453 28.29 24.78 -57.04
N LEU B 454 28.70 25.62 -56.09
CA LEU B 454 27.82 26.62 -55.50
C LEU B 454 27.56 27.80 -56.44
N SER B 455 26.40 28.42 -56.26
CA SER B 455 26.18 29.74 -56.84
C SER B 455 27.10 30.77 -56.18
N LYS B 456 27.60 31.70 -57.00
CA LYS B 456 28.62 32.63 -56.54
C LYS B 456 28.11 33.59 -55.47
N ASP B 457 26.83 33.97 -55.54
CA ASP B 457 26.35 35.00 -54.61
C ASP B 457 26.03 34.39 -53.25
N GLU B 458 25.47 33.19 -53.23
CA GLU B 458 25.33 32.48 -51.97
C GLU B 458 26.69 32.08 -51.40
N PHE B 459 27.68 31.86 -52.27
CA PHE B 459 29.04 31.60 -51.82
C PHE B 459 29.63 32.80 -51.09
N VAL B 460 29.52 33.99 -51.70
CA VAL B 460 30.11 35.17 -51.06
C VAL B 460 29.32 35.58 -49.82
N ALA B 461 27.99 35.35 -49.80
CA ALA B 461 27.23 35.59 -48.58
C ALA B 461 27.59 34.61 -47.47
N LYS B 462 27.86 33.34 -47.83
CA LYS B 462 28.23 32.34 -46.83
C LYS B 462 29.60 32.63 -46.24
N VAL B 463 30.57 32.99 -47.10
CA VAL B 463 31.88 33.32 -46.59
C VAL B 463 31.84 34.65 -45.81
N ASN B 464 30.91 35.56 -46.15
CA ASN B 464 30.77 36.78 -45.36
C ASN B 464 30.21 36.49 -43.96
N ARG B 465 29.25 35.57 -43.86
CA ARG B 465 28.78 35.15 -42.55
C ARG B 465 29.87 34.46 -41.76
N ALA B 466 30.72 33.67 -42.45
CA ALA B 466 31.85 33.05 -41.79
C ALA B 466 32.88 34.08 -41.33
N LEU B 467 33.04 35.18 -42.08
CA LEU B 467 33.92 36.26 -41.67
C LEU B 467 33.39 36.95 -40.42
N GLU B 468 32.08 37.19 -40.37
CA GLU B 468 31.50 37.81 -39.19
C GLU B 468 31.62 36.90 -37.98
N ARG B 469 31.49 35.58 -38.19
CA ARG B 469 31.62 34.65 -37.08
C ARG B 469 33.06 34.59 -36.56
N THR B 470 34.03 34.55 -37.47
CA THR B 470 35.43 34.46 -37.04
C THR B 470 35.89 35.76 -36.38
N GLU B 471 35.42 36.92 -36.87
CA GLU B 471 35.80 38.17 -36.21
C GLU B 471 35.13 38.31 -34.84
N GLN B 472 33.91 37.78 -34.68
CA GLN B 472 33.29 37.78 -33.36
C GLN B 472 34.04 36.87 -32.41
N PHE B 473 34.55 35.75 -32.92
CA PHE B 473 35.39 34.90 -32.10
C PHE B 473 36.72 35.58 -31.76
N LEU B 474 37.22 36.42 -32.66
CA LEU B 474 38.51 37.06 -32.41
C LEU B 474 38.39 38.20 -31.43
N VAL B 475 37.26 38.90 -31.41
CA VAL B 475 37.11 39.99 -30.47
C VAL B 475 36.52 39.52 -29.15
N GLU B 476 35.91 38.33 -29.11
CA GLU B 476 35.10 38.03 -27.93
C GLU B 476 35.64 36.88 -27.09
N GLU B 477 36.69 36.20 -27.51
CA GLU B 477 37.16 35.06 -26.71
C GLU B 477 38.68 34.95 -26.62
N ILE B 478 39.39 34.99 -27.74
CA ILE B 478 40.84 34.85 -27.71
C ILE B 478 41.49 36.10 -27.09
N ALA B 479 40.81 37.25 -27.17
CA ALA B 479 41.41 38.52 -26.76
C ALA B 479 41.81 38.61 -25.29
N PRO B 480 41.02 38.16 -24.29
CA PRO B 480 41.57 38.13 -22.92
C PRO B 480 42.77 37.23 -22.73
N LEU B 481 42.88 36.13 -23.48
CA LEU B 481 43.93 35.15 -23.23
C LEU B 481 45.30 35.68 -23.62
N GLU B 482 46.30 35.34 -22.80
CA GLU B 482 47.69 35.56 -23.18
C GLU B 482 48.05 34.66 -24.35
N LEU B 483 49.03 35.11 -25.14
CA LEU B 483 49.32 34.58 -26.48
C LEU B 483 48.07 34.58 -27.36
N GLY B 484 47.27 35.62 -27.22
CA GLY B 484 46.06 35.77 -28.02
C GLY B 484 46.26 36.84 -29.07
N GLU B 485 47.03 37.88 -28.72
CA GLU B 485 47.38 38.90 -29.70
C GLU B 485 48.29 38.33 -30.78
N ALA B 486 49.16 37.38 -30.42
CA ALA B 486 50.02 36.75 -31.41
C ALA B 486 49.23 35.91 -32.40
N CYS B 487 48.14 35.28 -31.96
CA CYS B 487 47.40 34.41 -32.86
C CYS B 487 46.54 35.20 -33.84
N THR B 488 45.90 36.28 -33.36
CA THR B 488 45.23 37.16 -34.32
C THR B 488 46.23 37.86 -35.21
N ALA B 489 47.44 38.12 -34.71
CA ALA B 489 48.49 38.66 -35.56
C ALA B 489 48.91 37.68 -36.64
N VAL B 490 48.85 36.38 -36.36
CA VAL B 490 49.20 35.38 -37.37
C VAL B 490 48.06 35.19 -38.37
N LEU B 491 46.83 35.02 -37.88
CA LEU B 491 45.74 34.60 -38.76
C LEU B 491 45.07 35.77 -39.47
N ARG B 492 45.22 36.99 -38.95
CA ARG B 492 44.59 38.16 -39.55
C ARG B 492 45.02 38.46 -40.99
N PRO B 493 46.33 38.43 -41.38
CA PRO B 493 46.64 38.55 -42.82
C PRO B 493 46.01 37.49 -43.73
N LYS B 494 45.88 36.25 -43.26
CA LYS B 494 45.21 35.23 -44.04
C LYS B 494 43.71 35.52 -44.15
N LEU B 495 43.14 36.11 -43.10
CA LEU B 495 41.77 36.58 -43.16
C LEU B 495 41.64 37.75 -44.13
N GLU B 496 42.67 38.59 -44.23
CA GLU B 496 42.69 39.65 -45.23
C GLU B 496 42.78 39.09 -46.65
N ALA B 497 43.50 37.97 -46.81
CA ALA B 497 43.61 37.36 -48.13
C ALA B 497 42.29 36.76 -48.56
N ILE B 498 41.58 36.08 -47.65
CA ILE B 498 40.26 35.59 -48.02
C ILE B 498 39.27 36.75 -48.15
N ARG B 499 39.53 37.89 -47.50
CA ARG B 499 38.69 39.07 -47.67
C ARG B 499 38.82 39.66 -49.07
N LEU B 500 40.06 39.79 -49.56
CA LEU B 500 40.24 40.30 -50.92
C LEU B 500 39.78 39.30 -51.98
N ALA B 501 39.91 38.00 -51.70
CA ALA B 501 39.31 37.02 -52.61
C ALA B 501 37.79 37.11 -52.61
N VAL B 502 37.18 37.45 -51.47
CA VAL B 502 35.76 37.75 -51.44
C VAL B 502 35.43 38.97 -52.29
N ASP B 503 36.24 40.02 -52.20
CA ASP B 503 35.97 41.24 -52.98
C ASP B 503 36.14 41.02 -54.48
N GLU B 504 36.99 40.06 -54.90
CA GLU B 504 37.08 39.81 -56.34
C GLU B 504 36.00 38.84 -56.82
N VAL B 505 35.51 37.94 -55.94
CA VAL B 505 34.31 37.18 -56.28
C VAL B 505 33.08 38.09 -56.38
N VAL B 506 33.05 39.18 -55.60
CA VAL B 506 32.04 40.23 -55.80
C VAL B 506 32.19 40.86 -57.18
N LYS B 507 33.42 40.99 -57.66
CA LYS B 507 33.65 41.43 -59.02
C LYS B 507 33.52 40.26 -59.98
N GLY B 562 33.48 31.77 -61.28
CA GLY B 562 33.81 30.63 -62.10
C GLY B 562 35.11 29.95 -61.71
N ARG B 563 36.22 30.46 -62.25
CA ARG B 563 37.54 29.92 -61.92
C ARG B 563 38.05 30.45 -60.57
N ALA B 564 37.47 31.55 -60.08
CA ALA B 564 37.96 32.21 -58.87
C ALA B 564 37.77 31.39 -57.60
N LEU B 565 36.74 30.54 -57.56
CA LEU B 565 36.49 29.72 -56.38
C LEU B 565 37.58 28.70 -56.15
N GLN B 566 38.23 28.21 -57.22
CA GLN B 566 39.37 27.33 -57.04
C GLN B 566 40.55 28.06 -56.39
N LYS B 567 40.73 29.35 -56.70
CA LYS B 567 41.75 30.12 -56.02
C LYS B 567 41.38 30.35 -54.56
N THR B 568 40.09 30.53 -54.26
CA THR B 568 39.69 30.67 -52.86
C THR B 568 39.92 29.38 -52.09
N LEU B 569 39.66 28.24 -52.71
CA LEU B 569 39.89 26.97 -52.02
C LEU B 569 41.38 26.67 -51.87
N GLN B 570 42.21 27.09 -52.84
CA GLN B 570 43.64 26.90 -52.71
C GLN B 570 44.21 27.78 -51.60
N LEU B 571 43.74 29.02 -51.47
CA LEU B 571 44.21 29.86 -50.37
C LEU B 571 43.66 29.40 -49.02
N ILE B 572 42.46 28.79 -49.01
CA ILE B 572 41.97 28.19 -47.76
C ILE B 572 42.84 27.01 -47.34
N GLU B 573 43.30 26.21 -48.31
CA GLU B 573 44.15 25.07 -47.95
C GLU B 573 45.52 25.53 -47.50
N THR B 574 46.11 26.48 -48.21
CA THR B 574 47.46 26.94 -47.88
C THR B 574 47.52 27.79 -46.62
N GLN B 575 46.63 28.78 -46.49
CA GLN B 575 46.70 29.72 -45.38
C GLN B 575 46.09 29.19 -44.09
N ILE B 576 45.17 28.21 -44.15
CA ILE B 576 44.49 27.76 -42.93
C ILE B 576 44.65 26.27 -42.72
N VAL B 577 44.22 25.47 -43.69
CA VAL B 577 44.02 24.03 -43.48
C VAL B 577 45.35 23.29 -43.29
N GLN B 578 46.39 23.70 -44.00
CA GLN B 578 47.66 22.98 -43.86
C GLN B 578 48.42 23.40 -42.62
N ASP B 579 48.54 24.71 -42.40
CA ASP B 579 49.32 25.22 -41.28
C ASP B 579 48.62 25.13 -39.94
N HIS B 580 47.31 25.43 -39.89
CA HIS B 580 46.62 25.60 -38.62
C HIS B 580 45.34 24.77 -38.54
N LEU B 581 45.38 23.52 -38.99
CA LEU B 581 44.29 22.55 -38.88
C LEU B 581 44.89 21.17 -39.02
N ARG B 582 46.07 21.00 -38.45
CA ARG B 582 46.90 19.83 -38.67
C ARG B 582 46.35 18.61 -37.94
N ALA B 583 46.72 17.43 -38.44
CA ALA B 583 46.43 16.19 -37.77
C ALA B 583 47.25 16.06 -36.49
N LEU B 584 46.82 15.15 -35.62
CA LEU B 584 47.49 14.94 -34.34
C LEU B 584 48.93 14.46 -34.51
N GLN B 585 49.19 13.61 -35.51
CA GLN B 585 50.56 13.25 -35.82
C GLN B 585 51.34 14.41 -36.40
N ASP B 586 50.64 15.32 -37.08
CA ASP B 586 51.23 16.49 -37.73
C ASP B 586 51.30 17.68 -36.79
N ALA B 587 50.98 17.49 -35.52
CA ALA B 587 50.98 18.57 -34.54
C ALA B 587 52.41 19.02 -34.24
N PRO B 588 52.58 20.26 -33.76
CA PRO B 588 53.91 20.71 -33.37
C PRO B 588 54.45 19.90 -32.21
N PRO B 589 55.77 19.72 -32.14
CA PRO B 589 56.35 18.78 -31.18
C PRO B 589 56.17 19.21 -29.74
N ILE B 590 56.32 18.21 -28.86
CA ILE B 590 55.85 18.12 -27.46
C ILE B 590 54.47 18.75 -27.30
N HIS B 591 53.54 18.34 -28.17
CA HIS B 591 52.13 18.51 -27.89
C HIS B 591 51.60 17.37 -27.04
N GLU B 592 52.42 16.35 -26.78
CA GLU B 592 52.02 15.24 -25.92
C GLU B 592 51.73 15.67 -24.49
N LEU B 593 52.35 16.76 -24.03
CA LEU B 593 51.97 17.36 -22.75
C LEU B 593 50.55 17.90 -22.80
N PHE B 594 50.09 18.31 -23.97
CA PHE B 594 48.84 19.04 -24.10
C PHE B 594 47.74 18.23 -24.73
N VAL B 595 48.05 17.03 -25.22
CA VAL B 595 47.03 16.10 -25.70
C VAL B 595 47.02 14.85 -24.83
N PHE B 596 45.91 14.13 -24.87
CA PHE B 596 45.76 12.89 -24.12
C PHE B 596 45.27 11.82 -25.10
N SER B 597 46.23 11.11 -25.70
CA SER B 597 45.94 10.09 -26.70
C SER B 597 45.65 8.71 -26.11
N ASP B 598 45.81 8.52 -24.81
CA ASP B 598 45.78 7.19 -24.22
C ASP B 598 44.33 6.78 -23.98
N ILE B 599 43.79 6.01 -24.92
CA ILE B 599 42.45 5.46 -24.75
C ILE B 599 42.46 4.13 -24.02
N ALA B 600 43.61 3.48 -23.90
CA ALA B 600 43.64 2.09 -23.42
C ALA B 600 43.33 1.99 -21.93
N THR B 601 44.06 2.76 -21.11
CA THR B 601 43.81 2.73 -19.67
C THR B 601 42.45 3.32 -19.32
N VAL B 602 42.00 4.32 -20.08
CA VAL B 602 40.71 4.93 -19.79
C VAL B 602 39.57 3.99 -20.15
N ARG B 603 39.72 3.21 -21.22
CA ARG B 603 38.65 2.31 -21.58
C ARG B 603 38.67 1.05 -20.71
N ARG B 604 39.85 0.64 -20.23
CA ARG B 604 39.86 -0.49 -19.30
C ARG B 604 39.57 -0.07 -17.86
N ASN B 605 39.54 1.23 -17.56
CA ASN B 605 39.17 1.70 -16.24
C ASN B 605 37.87 2.47 -16.19
N ILE B 606 37.14 2.59 -17.29
CA ILE B 606 35.87 3.30 -17.25
C ILE B 606 34.78 2.36 -17.76
N ILE B 607 35.00 1.76 -18.92
CA ILE B 607 34.09 0.74 -19.40
C ILE B 607 34.45 -0.59 -18.77
N GLY B 608 33.56 -1.11 -17.95
CA GLY B 608 33.77 -2.38 -17.31
C GLY B 608 33.19 -3.51 -18.12
N ALA B 609 33.97 -4.56 -18.31
CA ALA B 609 33.53 -5.73 -19.07
C ALA B 609 33.78 -6.97 -18.23
N PRO B 610 32.94 -7.25 -17.24
CA PRO B 610 33.04 -8.53 -16.51
C PRO B 610 32.89 -9.76 -17.39
N ARG B 611 32.06 -9.68 -18.42
CA ARG B 611 31.86 -10.79 -19.33
C ARG B 611 33.14 -11.09 -20.12
N ALA B 612 33.72 -10.03 -20.70
CA ALA B 612 34.94 -10.20 -21.49
C ALA B 612 36.12 -10.59 -20.61
N ALA B 613 36.15 -10.11 -19.36
CA ALA B 613 37.24 -10.46 -18.47
C ALA B 613 37.18 -11.93 -18.06
N LEU B 614 35.96 -12.42 -17.74
CA LEU B 614 35.82 -13.83 -17.40
C LEU B 614 36.08 -14.72 -18.60
N HIS B 615 35.65 -14.31 -19.80
CA HIS B 615 35.85 -15.16 -20.97
C HIS B 615 37.31 -15.18 -21.39
N THR B 616 38.01 -14.04 -21.30
CA THR B 616 39.41 -14.05 -21.68
C THR B 616 40.27 -14.67 -20.60
N ALA B 617 39.75 -14.81 -19.38
CA ALA B 617 40.43 -15.66 -18.42
C ALA B 617 40.24 -17.14 -18.74
N LEU B 618 39.03 -17.53 -19.10
CA LEU B 618 38.71 -18.93 -19.30
C LEU B 618 39.02 -19.45 -20.70
N ASN B 619 39.46 -18.59 -21.61
CA ASN B 619 39.83 -19.05 -22.95
C ASN B 619 41.33 -18.91 -23.16
N ASN B 620 41.91 -17.80 -22.72
CA ASN B 620 43.33 -17.53 -22.90
C ASN B 620 43.91 -17.15 -21.55
N PRO B 621 44.21 -18.12 -20.68
CA PRO B 621 44.82 -17.82 -19.38
C PRO B 621 46.15 -17.10 -19.48
N HIS B 622 46.94 -17.34 -20.54
CA HIS B 622 48.23 -16.68 -20.71
C HIS B 622 48.09 -15.17 -20.85
N PHE B 623 46.95 -14.71 -21.36
CA PHE B 623 46.66 -13.27 -21.42
C PHE B 623 46.62 -12.66 -20.02
N TYR B 624 46.27 -13.46 -19.00
CA TYR B 624 46.41 -13.09 -17.60
C TYR B 624 47.65 -13.70 -16.96
N MET B 625 47.73 -15.04 -16.92
CA MET B 625 48.64 -15.72 -16.00
C MET B 625 50.10 -15.60 -16.41
N GLN B 626 50.36 -15.23 -17.67
CA GLN B 626 51.69 -15.17 -18.29
C GLN B 626 52.43 -16.51 -18.12
N CYS B 627 51.74 -17.58 -18.49
CA CYS B 627 52.38 -18.89 -18.53
C CYS B 627 53.34 -18.97 -19.71
N LYS B 628 54.46 -19.65 -19.48
CA LYS B 628 55.40 -19.96 -20.56
C LYS B 628 54.99 -21.18 -21.35
N CYS B 629 53.97 -21.90 -20.91
CA CYS B 629 53.59 -23.17 -21.52
C CYS B 629 52.14 -23.22 -22.00
N CYS B 630 51.21 -22.55 -21.31
CA CYS B 630 49.78 -22.67 -21.61
C CYS B 630 49.31 -21.76 -22.73
N GLU B 631 50.19 -20.94 -23.30
CA GLU B 631 49.80 -20.04 -24.37
C GLU B 631 49.43 -20.80 -25.64
N THR B 641 48.80 -28.68 -17.75
CA THR B 641 49.24 -27.42 -17.16
C THR B 641 48.08 -26.44 -17.05
N LEU B 642 46.92 -26.85 -17.59
CA LEU B 642 45.75 -26.00 -17.64
C LEU B 642 45.14 -25.84 -16.24
N PRO B 643 44.56 -24.66 -15.96
CA PRO B 643 43.76 -24.50 -14.74
C PRO B 643 42.55 -25.40 -14.75
N ASP B 644 42.17 -25.85 -13.54
CA ASP B 644 41.12 -26.85 -13.37
C ASP B 644 39.75 -26.34 -13.81
N LEU B 645 39.49 -25.05 -13.70
CA LEU B 645 38.21 -24.53 -14.16
C LEU B 645 38.10 -24.54 -15.68
N SER B 646 39.22 -24.29 -16.38
CA SER B 646 39.20 -24.05 -17.81
C SER B 646 38.77 -25.27 -18.61
N VAL B 647 39.14 -26.48 -18.14
CA VAL B 647 38.79 -27.68 -18.87
C VAL B 647 37.29 -27.97 -18.75
N VAL B 648 36.73 -27.77 -17.56
CA VAL B 648 35.30 -27.95 -17.34
C VAL B 648 34.50 -26.86 -18.06
N TYR B 649 35.07 -25.66 -18.17
CA TYR B 649 34.44 -24.60 -18.95
C TYR B 649 34.43 -24.94 -20.43
N LYS B 650 35.55 -25.46 -20.94
CA LYS B 650 35.63 -25.89 -22.34
C LYS B 650 34.72 -27.06 -22.61
N LEU B 651 34.49 -27.92 -21.60
CA LEU B 651 33.66 -29.10 -21.79
C LEU B 651 32.17 -28.76 -21.77
N HIS B 652 31.71 -27.91 -20.86
CA HIS B 652 30.29 -27.56 -20.90
C HIS B 652 29.99 -26.55 -21.99
N LEU B 653 30.99 -25.77 -22.45
CA LEU B 653 30.77 -24.96 -23.64
C LEU B 653 30.58 -25.84 -24.86
N GLU B 654 31.23 -27.00 -24.89
CA GLU B 654 30.98 -28.02 -25.90
C GLU B 654 29.59 -28.64 -25.74
N CYS B 655 29.06 -28.71 -24.52
CA CYS B 655 27.77 -29.31 -24.25
C CYS B 655 26.63 -28.38 -24.65
N GLY B 656 25.45 -28.97 -24.83
CA GLY B 656 24.25 -28.23 -25.19
C GLY B 656 23.58 -27.60 -23.99
N ARG B 657 22.26 -27.40 -24.11
CA ARG B 657 21.45 -26.77 -23.08
C ARG B 657 21.44 -27.57 -21.78
N MET B 658 20.70 -28.67 -21.76
CA MET B 658 20.70 -29.55 -20.60
C MET B 658 22.00 -30.35 -20.56
N ILE B 659 22.41 -30.74 -19.36
CA ILE B 659 23.62 -31.53 -19.18
C ILE B 659 23.24 -32.81 -18.45
N ASN B 660 23.24 -33.92 -19.19
CA ASN B 660 23.39 -35.25 -18.62
C ASN B 660 24.77 -35.34 -17.97
N LEU B 661 24.78 -35.20 -16.65
CA LEU B 661 26.01 -34.95 -15.90
C LEU B 661 27.02 -36.08 -15.97
N PHE B 662 26.58 -37.33 -16.08
CA PHE B 662 27.56 -38.41 -16.05
C PHE B 662 28.29 -38.58 -17.38
N ASP B 663 27.64 -38.30 -18.51
CA ASP B 663 28.39 -38.34 -19.78
C ASP B 663 29.38 -37.19 -19.87
N TRP B 664 29.01 -36.02 -19.36
CA TRP B 664 29.92 -34.88 -19.27
C TRP B 664 31.08 -35.20 -18.33
N LEU B 665 30.78 -35.89 -17.23
CA LEU B 665 31.79 -36.31 -16.28
C LEU B 665 32.71 -37.36 -16.89
N GLN B 666 32.18 -38.21 -17.77
CA GLN B 666 33.03 -39.20 -18.42
C GLN B 666 33.93 -38.56 -19.47
N ALA B 667 33.46 -37.49 -20.11
CA ALA B 667 34.35 -36.71 -20.97
C ALA B 667 35.46 -36.05 -20.16
N PHE B 668 35.14 -35.60 -18.94
CA PHE B 668 36.19 -35.06 -18.08
C PHE B 668 37.16 -36.14 -17.61
N ARG B 669 36.66 -37.35 -17.36
CA ARG B 669 37.55 -38.47 -17.05
C ARG B 669 38.44 -38.83 -18.23
N SER B 670 37.92 -38.65 -19.44
CA SER B 670 38.72 -38.97 -20.61
C SER B 670 39.81 -37.94 -20.86
N VAL B 671 39.55 -36.66 -20.60
CA VAL B 671 40.54 -35.65 -20.97
C VAL B 671 41.72 -35.65 -19.99
N VAL B 672 41.46 -35.87 -18.70
CA VAL B 672 42.53 -35.93 -17.70
C VAL B 672 42.41 -37.18 -16.85
N PRO B 687 37.22 -41.34 -7.80
CA PRO B 687 38.55 -40.93 -7.32
C PRO B 687 38.64 -39.42 -7.14
N GLN B 688 39.87 -38.90 -7.00
CA GLN B 688 40.07 -37.47 -6.78
C GLN B 688 39.74 -36.64 -8.01
N ILE B 689 39.68 -37.26 -9.20
CA ILE B 689 39.22 -36.57 -10.40
C ILE B 689 37.77 -36.13 -10.23
N GLN B 690 36.95 -36.92 -9.53
CA GLN B 690 35.60 -36.49 -9.20
C GLN B 690 35.60 -35.32 -8.23
N ALA B 691 36.61 -35.25 -7.35
CA ALA B 691 36.70 -34.12 -6.43
C ALA B 691 37.08 -32.83 -7.16
N ARG B 692 38.05 -32.91 -8.08
CA ARG B 692 38.39 -31.74 -8.89
C ARG B 692 37.23 -31.33 -9.80
N PHE B 693 36.46 -32.31 -10.27
CA PHE B 693 35.32 -32.01 -11.13
C PHE B 693 34.19 -31.34 -10.38
N THR B 694 33.83 -31.89 -9.21
CA THR B 694 32.77 -31.29 -8.41
C THR B 694 33.20 -29.94 -7.85
N ARG B 695 34.50 -29.76 -7.59
CA ARG B 695 35.02 -28.45 -7.21
C ARG B 695 34.89 -27.46 -8.36
N ALA B 696 35.12 -27.93 -9.58
CA ALA B 696 34.99 -27.05 -10.75
C ALA B 696 33.54 -26.69 -11.03
N VAL B 697 32.62 -27.65 -10.89
CA VAL B 697 31.22 -27.31 -11.09
C VAL B 697 30.70 -26.43 -9.96
N ALA B 698 31.28 -26.52 -8.76
CA ALA B 698 30.89 -25.62 -7.68
C ALA B 698 31.36 -24.19 -7.95
N GLU B 699 32.61 -24.04 -8.40
CA GLU B 699 33.09 -22.72 -8.79
C GLU B 699 32.35 -22.20 -10.03
N LEU B 700 31.91 -23.11 -10.91
CA LEU B 700 31.17 -22.72 -12.08
C LEU B 700 29.79 -22.18 -11.74
N GLN B 701 29.07 -22.88 -10.85
CA GLN B 701 27.74 -22.41 -10.46
C GLN B 701 27.83 -21.23 -9.52
N PHE B 702 28.99 -21.01 -8.88
CA PHE B 702 29.21 -19.75 -8.20
C PHE B 702 29.29 -18.59 -9.19
N LEU B 703 29.78 -18.85 -10.40
CA LEU B 703 29.94 -17.80 -11.40
C LEU B 703 28.65 -17.51 -12.16
N GLY B 704 27.63 -18.33 -12.00
CA GLY B 704 26.39 -18.14 -12.72
C GLY B 704 26.35 -18.69 -14.12
N TYR B 705 27.40 -19.37 -14.57
CA TYR B 705 27.40 -19.96 -15.91
C TYR B 705 26.36 -21.05 -16.06
N ILE B 706 26.11 -21.83 -15.01
CA ILE B 706 25.18 -22.95 -15.03
C ILE B 706 24.29 -22.86 -13.80
N LYS B 707 23.35 -23.80 -13.72
CA LYS B 707 22.67 -24.11 -12.47
C LYS B 707 22.34 -25.59 -12.44
N MET B 708 22.35 -26.16 -11.23
CA MET B 708 21.86 -27.51 -11.05
C MET B 708 20.36 -27.56 -11.30
N SER B 709 19.91 -28.65 -11.90
CA SER B 709 18.50 -28.80 -12.23
C SER B 709 17.65 -28.95 -10.97
N LYS B 710 16.51 -28.26 -10.96
CA LYS B 710 15.55 -28.35 -9.87
C LYS B 710 14.57 -29.51 -10.06
N ARG B 711 14.39 -29.95 -11.31
CA ARG B 711 13.51 -31.07 -11.58
C ARG B 711 14.18 -32.41 -11.38
N LYS B 712 15.51 -32.43 -11.22
CA LYS B 712 16.29 -33.63 -11.40
C LYS B 712 17.66 -33.49 -10.75
N THR B 713 17.91 -34.29 -9.72
CA THR B 713 19.17 -34.27 -9.01
C THR B 713 20.26 -34.91 -9.87
N ASP B 714 21.52 -34.50 -9.61
CA ASP B 714 22.73 -35.00 -10.29
C ASP B 714 22.70 -34.72 -11.79
N HIS B 715 22.16 -33.56 -12.16
CA HIS B 715 22.03 -33.16 -13.55
C HIS B 715 22.14 -31.64 -13.61
N ALA B 716 22.54 -31.11 -14.78
CA ALA B 716 22.85 -29.68 -14.83
C ALA B 716 22.13 -29.01 -15.98
N THR B 717 22.18 -27.67 -16.02
CA THR B 717 21.64 -26.89 -17.12
C THR B 717 22.52 -25.66 -17.34
N ARG B 718 22.97 -25.47 -18.58
CA ARG B 718 23.75 -24.29 -18.95
C ARG B 718 22.88 -23.04 -18.94
N LEU B 719 23.45 -21.93 -18.47
CA LEU B 719 22.77 -20.65 -18.42
C LEU B 719 23.53 -19.61 -19.26
N PRO C 5 -52.52 28.87 12.28
CA PRO C 5 -52.68 27.57 11.62
C PRO C 5 -52.42 26.42 12.57
N GLU C 6 -53.22 26.34 13.64
CA GLU C 6 -53.04 25.32 14.67
C GLU C 6 -53.27 23.90 14.17
N ALA C 7 -54.17 23.69 13.20
CA ALA C 7 -54.36 22.36 12.64
C ALA C 7 -53.13 21.89 11.88
N ASP C 8 -52.43 22.80 11.22
CA ASP C 8 -51.15 22.46 10.63
C ASP C 8 -50.12 22.15 11.71
N ARG C 9 -50.19 22.84 12.84
CA ARG C 9 -49.36 22.46 13.99
C ARG C 9 -49.76 21.11 14.55
N GLU C 10 -51.05 20.75 14.44
CA GLU C 10 -51.48 19.41 14.84
C GLU C 10 -50.88 18.35 13.92
N LEU C 11 -50.84 18.62 12.61
CA LEU C 11 -50.22 17.69 11.68
C LEU C 11 -48.72 17.55 11.92
N VAL C 12 -48.05 18.66 12.26
CA VAL C 12 -46.64 18.61 12.61
C VAL C 12 -46.43 17.79 13.88
N SER C 13 -47.38 17.88 14.83
CA SER C 13 -47.31 17.07 16.03
C SER C 13 -47.48 15.58 15.72
N ILE C 14 -48.41 15.24 14.82
CA ILE C 14 -48.60 13.84 14.46
C ILE C 14 -47.38 13.30 13.72
N ARG C 15 -46.78 14.12 12.87
CA ARG C 15 -45.62 13.66 12.10
C ARG C 15 -44.41 13.45 12.99
N ARG C 16 -44.17 14.37 13.93
CA ARG C 16 -43.05 14.20 14.85
C ARG C 16 -43.28 13.02 15.78
N PHE C 17 -44.53 12.80 16.22
CA PHE C 17 -44.85 11.67 17.08
C PHE C 17 -44.63 10.36 16.35
N LEU C 18 -45.06 10.31 15.09
CA LEU C 18 -44.95 9.08 14.33
C LEU C 18 -43.50 8.74 14.02
N LYS C 19 -42.69 9.74 13.67
CA LYS C 19 -41.28 9.47 13.43
C LYS C 19 -40.56 9.07 14.71
N GLU C 20 -40.97 9.62 15.86
CA GLU C 20 -40.37 9.15 17.11
C GLU C 20 -40.76 7.72 17.42
N ARG C 21 -41.97 7.30 17.06
CA ARG C 21 -42.33 5.92 17.37
C ARG C 21 -41.63 4.94 16.44
N LEU C 22 -41.57 5.26 15.15
CA LEU C 22 -40.89 4.37 14.22
C LEU C 22 -39.40 4.29 14.47
N GLN C 23 -38.78 5.39 14.89
CA GLN C 23 -37.34 5.38 15.06
C GLN C 23 -36.90 5.03 16.47
N ARG C 24 -37.52 5.63 17.47
CA ARG C 24 -37.13 5.38 18.84
C ARG C 24 -38.02 4.32 19.44
N ASP C 25 -38.43 4.51 20.70
CA ASP C 25 -39.22 3.56 21.49
C ASP C 25 -38.53 2.20 21.53
N TYR C 26 -37.50 2.16 22.36
CA TYR C 26 -36.63 1.00 22.46
C TYR C 26 -37.18 -0.07 23.38
N THR C 27 -38.25 0.20 24.13
CA THR C 27 -38.72 -0.71 25.16
C THR C 27 -39.87 -1.60 24.72
N THR C 28 -40.90 -1.05 24.07
CA THR C 28 -42.14 -1.79 23.89
C THR C 28 -41.96 -2.95 22.92
N LEU C 29 -42.57 -4.09 23.26
CA LEU C 29 -42.43 -5.31 22.51
C LEU C 29 -43.82 -5.83 22.16
N ARG C 30 -43.98 -6.26 20.91
CA ARG C 30 -45.24 -6.80 20.43
C ARG C 30 -45.11 -8.31 20.29
N GLY C 31 -46.07 -9.04 20.83
CA GLY C 31 -46.02 -10.49 20.78
C GLY C 31 -44.97 -11.05 21.71
N TYR C 32 -44.53 -12.27 21.37
CA TYR C 32 -43.44 -12.99 22.02
C TYR C 32 -43.69 -13.21 23.50
N ALA C 33 -44.91 -13.60 23.86
CA ALA C 33 -45.29 -13.73 25.26
C ALA C 33 -44.54 -14.87 25.95
N LYS C 34 -44.12 -15.88 25.19
CA LYS C 34 -43.45 -17.01 25.82
C LYS C 34 -42.00 -16.70 26.11
N GLU C 35 -41.26 -16.23 25.10
CA GLU C 35 -39.82 -16.05 25.24
C GLU C 35 -39.47 -14.92 26.19
N ARG C 36 -40.27 -13.84 26.18
CA ARG C 36 -40.01 -12.72 27.07
C ARG C 36 -40.25 -13.11 28.51
N SER C 37 -41.32 -13.87 28.78
CA SER C 37 -41.56 -14.36 30.12
C SER C 37 -40.50 -15.37 30.55
N ASN C 38 -39.96 -16.13 29.60
CA ASN C 38 -38.89 -17.08 29.93
C ASN C 38 -37.63 -16.36 30.37
N VAL C 39 -37.20 -15.36 29.59
CA VAL C 39 -36.01 -14.60 29.93
C VAL C 39 -36.22 -13.82 31.23
N ARG C 40 -37.45 -13.33 31.45
CA ARG C 40 -37.72 -12.54 32.64
C ARG C 40 -37.69 -13.40 33.90
N LEU C 41 -38.30 -14.58 33.85
CA LEU C 41 -38.23 -15.45 35.00
C LEU C 41 -36.84 -15.99 35.24
N LEU C 42 -36.02 -16.15 34.19
CA LEU C 42 -34.63 -16.51 34.41
C LEU C 42 -33.86 -15.39 35.09
N LEU C 43 -34.15 -14.13 34.71
CA LEU C 43 -33.43 -13.03 35.34
C LEU C 43 -33.86 -12.82 36.78
N GLN C 44 -35.13 -13.02 37.10
CA GLN C 44 -35.53 -12.97 38.50
C GLN C 44 -34.93 -14.13 39.30
N ARG C 45 -34.77 -15.30 38.67
CA ARG C 45 -34.17 -16.42 39.39
C ARG C 45 -32.68 -16.19 39.63
N THR C 46 -31.98 -15.50 38.74
CA THR C 46 -30.58 -15.24 39.00
C THR C 46 -30.38 -13.98 39.84
N ALA C 47 -31.43 -13.17 39.99
CA ALA C 47 -31.32 -11.99 40.85
C ALA C 47 -31.65 -12.29 42.29
N GLU C 48 -32.70 -13.10 42.54
CA GLU C 48 -33.15 -13.35 43.90
C GLU C 48 -32.47 -14.56 44.51
N MET C 49 -32.61 -15.72 43.88
CA MET C 49 -32.14 -16.96 44.48
C MET C 49 -30.63 -17.14 44.42
N GLY C 50 -29.92 -16.33 43.64
CA GLY C 50 -28.49 -16.50 43.56
C GLY C 50 -28.02 -17.62 42.66
N GLU C 51 -28.89 -18.15 41.80
CA GLU C 51 -28.45 -19.13 40.82
C GLU C 51 -27.65 -18.46 39.71
N SER C 52 -26.71 -19.20 39.15
CA SER C 52 -26.00 -18.78 37.95
C SER C 52 -26.64 -19.48 36.76
N ASN C 53 -26.78 -18.76 35.64
CA ASN C 53 -27.46 -19.26 34.45
C ASN C 53 -26.75 -18.79 33.19
N SER C 54 -27.04 -19.50 32.10
CA SER C 54 -26.53 -19.14 30.79
C SER C 54 -27.70 -19.13 29.83
N LEU C 55 -27.66 -18.23 28.86
CA LEU C 55 -28.74 -18.13 27.90
C LEU C 55 -28.17 -17.58 26.61
N LEU C 56 -28.81 -17.90 25.50
CA LEU C 56 -28.28 -17.55 24.18
C LEU C 56 -29.46 -17.26 23.27
N LEU C 57 -29.88 -16.00 23.20
CA LEU C 57 -30.91 -15.64 22.24
C LEU C 57 -30.38 -15.78 20.82
N LEU C 58 -31.18 -16.39 19.95
CA LEU C 58 -30.84 -16.54 18.55
C LEU C 58 -32.05 -16.16 17.72
N GLY C 59 -31.77 -15.61 16.55
CA GLY C 59 -32.82 -15.22 15.64
C GLY C 59 -32.27 -14.55 14.40
N PRO C 60 -33.11 -14.35 13.39
CA PRO C 60 -32.69 -13.56 12.24
C PRO C 60 -32.47 -12.12 12.62
N ARG C 61 -31.60 -11.45 11.88
CA ARG C 61 -31.39 -10.02 12.08
C ARG C 61 -32.67 -9.25 11.78
N GLY C 62 -33.00 -8.31 12.65
CA GLY C 62 -34.22 -7.57 12.57
C GLY C 62 -35.36 -8.14 13.37
N SER C 63 -35.21 -9.36 13.90
CA SER C 63 -36.15 -9.83 14.90
C SER C 63 -35.87 -9.15 16.23
N GLY C 64 -36.89 -9.08 17.06
CA GLY C 64 -36.79 -8.29 18.27
C GLY C 64 -35.90 -8.82 19.37
N LYS C 65 -34.60 -8.97 19.13
CA LYS C 65 -33.74 -9.49 20.17
C LYS C 65 -33.40 -8.43 21.22
N THR C 66 -32.82 -7.31 20.80
CA THR C 66 -32.45 -6.25 21.74
C THR C 66 -33.67 -5.61 22.37
N THR C 67 -34.77 -5.50 21.62
CA THR C 67 -36.00 -4.92 22.15
C THR C 67 -36.60 -5.79 23.24
N LEU C 68 -36.43 -7.10 23.15
CA LEU C 68 -36.84 -7.99 24.23
C LEU C 68 -36.03 -7.77 25.49
N ILE C 69 -34.72 -7.55 25.36
CA ILE C 69 -33.88 -7.30 26.52
C ILE C 69 -34.22 -5.97 27.16
N ASN C 70 -34.52 -4.95 26.35
CA ASN C 70 -34.95 -3.68 26.91
C ASN C 70 -36.30 -3.79 27.60
N SER C 71 -37.22 -4.59 27.07
CA SER C 71 -38.50 -4.76 27.74
C SER C 71 -38.36 -5.50 29.05
N VAL C 72 -37.49 -6.51 29.09
CA VAL C 72 -37.30 -7.28 30.31
C VAL C 72 -36.62 -6.44 31.38
N LEU C 73 -35.57 -5.69 31.01
CA LEU C 73 -34.91 -4.85 32.00
C LEU C 73 -35.76 -3.67 32.43
N ALA C 74 -36.58 -3.12 31.52
CA ALA C 74 -37.49 -2.06 31.91
C ALA C 74 -38.59 -2.55 32.82
N ASP C 75 -38.99 -3.82 32.72
CA ASP C 75 -39.92 -4.34 33.71
C ASP C 75 -39.23 -4.63 35.04
N LEU C 76 -37.99 -5.13 35.01
CA LEU C 76 -37.39 -5.63 36.25
C LEU C 76 -36.69 -4.56 37.08
N LEU C 77 -36.01 -3.59 36.46
CA LEU C 77 -35.23 -2.62 37.23
C LEU C 77 -36.01 -1.77 38.24
N PRO C 78 -37.22 -1.23 37.95
CA PRO C 78 -37.90 -0.47 39.03
C PRO C 78 -38.61 -1.32 40.06
N ASN C 79 -38.32 -2.62 40.14
CA ASN C 79 -38.79 -3.41 41.28
C ASN C 79 -38.14 -3.02 42.58
N LYS C 80 -36.90 -2.50 42.52
CA LYS C 80 -36.06 -2.14 43.68
C LYS C 80 -35.84 -3.32 44.63
N SER C 81 -35.84 -4.53 44.09
CA SER C 81 -35.22 -5.68 44.72
C SER C 81 -34.28 -6.25 43.68
N PHE C 82 -34.74 -6.24 42.43
CA PHE C 82 -33.85 -6.44 41.29
C PHE C 82 -32.86 -5.30 41.15
N GLY C 83 -33.25 -4.08 41.53
CA GLY C 83 -32.38 -2.95 41.34
C GLY C 83 -31.28 -2.79 42.36
N GLU C 84 -31.33 -3.55 43.45
CA GLU C 84 -30.33 -3.50 44.50
C GLU C 84 -29.37 -4.67 44.48
N ASN C 85 -29.76 -5.82 43.93
CA ASN C 85 -28.94 -7.01 43.93
C ASN C 85 -28.12 -7.17 42.66
N THR C 86 -28.51 -6.48 41.59
CA THR C 86 -27.96 -6.77 40.27
C THR C 86 -27.05 -5.65 39.82
N LEU C 87 -25.89 -6.01 39.31
CA LEU C 87 -25.07 -5.09 38.54
C LEU C 87 -24.96 -5.64 37.12
N ILE C 88 -25.39 -4.85 36.16
CA ILE C 88 -25.57 -5.28 34.78
C ILE C 88 -24.35 -4.86 33.99
N VAL C 89 -23.79 -5.79 33.23
CA VAL C 89 -22.58 -5.55 32.45
C VAL C 89 -22.96 -5.73 30.99
N HIS C 90 -23.22 -4.63 30.30
CA HIS C 90 -23.44 -4.70 28.86
C HIS C 90 -22.13 -4.91 28.14
N LEU C 91 -22.17 -5.62 27.02
CA LEU C 91 -21.00 -5.87 26.21
C LEU C 91 -21.44 -6.07 24.77
N ASP C 92 -20.57 -5.72 23.83
CA ASP C 92 -20.87 -5.81 22.41
C ASP C 92 -19.66 -6.39 21.69
N GLY C 93 -19.91 -7.01 20.53
CA GLY C 93 -18.81 -7.55 19.75
C GLY C 93 -18.29 -6.64 18.68
N ASN C 94 -19.06 -5.63 18.30
CA ASN C 94 -18.55 -4.67 17.32
C ASN C 94 -17.60 -3.67 17.96
N LEU C 95 -17.95 -3.16 19.13
CA LEU C 95 -17.12 -2.16 19.79
C LEU C 95 -15.97 -2.79 20.55
N HIS C 96 -16.25 -3.76 21.42
CA HIS C 96 -15.21 -4.43 22.18
C HIS C 96 -14.59 -5.48 21.27
N THR C 97 -13.64 -5.03 20.44
CA THR C 97 -13.07 -5.87 19.40
C THR C 97 -12.20 -7.01 19.89
N ASP C 98 -11.01 -6.70 20.38
CA ASP C 98 -10.21 -7.73 21.01
C ASP C 98 -10.65 -7.76 22.47
N ASP C 99 -10.32 -8.87 23.16
CA ASP C 99 -10.89 -9.14 24.48
C ASP C 99 -10.47 -8.13 25.54
N ARG C 100 -9.30 -7.50 25.37
CA ARG C 100 -8.81 -6.57 26.39
C ARG C 100 -9.68 -5.34 26.51
N VAL C 101 -10.33 -4.94 25.42
CA VAL C 101 -11.22 -3.80 25.47
C VAL C 101 -12.51 -4.19 26.19
N ALA C 102 -12.99 -5.42 25.96
CA ALA C 102 -14.13 -5.92 26.69
C ALA C 102 -13.83 -6.05 28.17
N LEU C 103 -12.60 -6.42 28.52
CA LEU C 103 -12.27 -6.58 29.92
C LEU C 103 -12.13 -5.24 30.62
N LYS C 104 -11.61 -4.25 29.91
CA LYS C 104 -11.59 -2.90 30.46
C LYS C 104 -12.99 -2.35 30.64
N SER C 105 -13.92 -2.69 29.73
CA SER C 105 -15.29 -2.20 29.92
C SER C 105 -16.00 -2.96 31.02
N ILE C 106 -15.61 -4.21 31.28
CA ILE C 106 -16.16 -4.92 32.42
C ILE C 106 -15.69 -4.29 33.72
N THR C 107 -14.38 -4.07 33.83
CA THR C 107 -13.81 -3.52 35.06
C THR C 107 -14.27 -2.08 35.31
N VAL C 108 -14.52 -1.32 34.25
CA VAL C 108 -15.10 0.00 34.41
C VAL C 108 -16.55 -0.10 34.82
N GLN C 109 -17.31 -0.99 34.17
CA GLN C 109 -18.76 -0.97 34.34
C GLN C 109 -19.23 -1.77 35.54
N MET C 110 -18.37 -2.60 36.13
CA MET C 110 -18.69 -3.21 37.42
C MET C 110 -18.35 -2.30 38.59
N GLN C 111 -17.73 -1.15 38.33
CA GLN C 111 -17.18 -0.24 39.34
C GLN C 111 -16.22 -0.99 40.27
N LEU C 112 -15.30 -1.74 39.67
CA LEU C 112 -14.28 -2.41 40.45
C LEU C 112 -13.29 -1.40 41.01
N GLU C 113 -12.67 -1.78 42.13
CA GLU C 113 -11.78 -0.87 42.84
C GLU C 113 -10.52 -0.55 42.04
N ASN C 114 -10.10 -1.43 41.13
CA ASN C 114 -9.00 -1.13 40.23
C ASN C 114 -9.30 0.01 39.27
N ALA C 115 -10.55 0.13 38.83
CA ALA C 115 -10.94 1.22 37.96
C ALA C 115 -11.14 2.51 38.75
N ALA C 116 -10.98 3.64 38.07
CA ALA C 116 -11.25 4.93 38.69
C ALA C 116 -11.78 5.88 37.61
N ASP C 117 -13.00 6.38 37.83
CA ASP C 117 -13.76 7.35 37.03
C ASP C 117 -13.74 7.08 35.53
N GLY C 118 -13.98 5.82 35.15
CA GLY C 118 -14.00 5.47 33.74
C GLY C 118 -12.66 5.10 33.15
N LYS C 119 -11.59 5.11 33.94
CA LYS C 119 -10.29 4.69 33.46
C LYS C 119 -9.71 3.67 34.41
N VAL C 120 -9.04 2.66 33.85
CA VAL C 120 -8.49 1.56 34.63
C VAL C 120 -6.97 1.60 34.51
N PHE C 121 -6.30 1.25 35.60
CA PHE C 121 -4.85 1.20 35.67
C PHE C 121 -4.36 -0.22 35.47
N GLY C 122 -3.06 -0.34 35.20
CA GLY C 122 -2.37 -1.62 35.24
C GLY C 122 -2.45 -2.39 33.95
N SER C 123 -1.71 -3.49 33.93
CA SER C 123 -1.65 -4.38 32.79
C SER C 123 -2.93 -5.18 32.64
N PHE C 124 -3.20 -5.57 31.40
CA PHE C 124 -4.37 -6.38 31.08
C PHE C 124 -4.34 -7.74 31.75
N ALA C 125 -3.16 -8.34 31.88
CA ALA C 125 -3.07 -9.61 32.61
C ALA C 125 -3.37 -9.42 34.09
N GLU C 126 -2.94 -8.28 34.64
CA GLU C 126 -3.32 -7.95 36.01
C GLU C 126 -4.80 -7.72 36.13
N ASN C 127 -5.42 -7.09 35.13
CA ASN C 127 -6.85 -6.85 35.20
C ASN C 127 -7.63 -8.15 35.09
N LEU C 128 -7.12 -9.12 34.32
CA LEU C 128 -7.79 -10.41 34.22
C LEU C 128 -7.68 -11.20 35.51
N ALA C 129 -6.47 -11.28 36.08
CA ALA C 129 -6.30 -11.99 37.34
C ALA C 129 -7.06 -11.29 38.47
N PHE C 130 -7.16 -9.96 38.43
CA PHE C 130 -7.93 -9.27 39.43
C PHE C 130 -9.43 -9.49 39.27
N LEU C 131 -9.93 -9.59 38.04
CA LEU C 131 -11.35 -9.82 37.85
C LEU C 131 -11.74 -11.22 38.30
N LEU C 132 -10.90 -12.22 38.00
CA LEU C 132 -11.17 -13.55 38.52
C LEU C 132 -11.04 -13.62 40.03
N GLN C 133 -10.12 -12.84 40.62
CA GLN C 133 -10.02 -12.80 42.07
C GLN C 133 -11.21 -12.10 42.71
N CYS C 134 -11.83 -11.18 41.99
CA CYS C 134 -13.03 -10.55 42.55
C CYS C 134 -14.24 -11.47 42.45
N LEU C 135 -14.41 -12.14 41.31
CA LEU C 135 -15.53 -13.08 41.18
C LEU C 135 -15.33 -14.32 42.04
N LYS C 136 -14.08 -14.64 42.39
CA LYS C 136 -13.81 -15.74 43.31
C LYS C 136 -14.31 -15.43 44.73
N ALA C 137 -14.30 -14.16 45.12
CA ALA C 137 -14.67 -13.78 46.48
C ALA C 137 -16.16 -13.91 46.75
N GLY C 138 -16.99 -13.93 45.71
CA GLY C 138 -18.42 -13.99 45.88
C GLY C 138 -18.92 -15.33 46.37
N GLY C 139 -19.85 -15.25 47.32
CA GLY C 139 -20.66 -16.40 47.68
C GLY C 139 -22.05 -16.18 47.14
N LYS C 140 -23.07 -16.68 47.83
CA LYS C 140 -24.42 -16.24 47.50
C LYS C 140 -24.73 -14.87 48.09
N HIS C 141 -23.88 -14.38 49.00
CA HIS C 141 -24.04 -13.08 49.62
C HIS C 141 -23.50 -11.93 48.77
N SER C 142 -22.86 -12.21 47.65
CA SER C 142 -22.40 -11.19 46.73
C SER C 142 -23.53 -10.72 45.81
N LYS C 143 -23.38 -9.51 45.30
CA LYS C 143 -24.31 -8.97 44.30
C LYS C 143 -24.27 -9.79 43.02
N SER C 144 -25.43 -9.97 42.40
CA SER C 144 -25.51 -10.79 41.21
C SER C 144 -25.09 -10.00 39.98
N VAL C 145 -24.19 -10.58 39.20
CA VAL C 145 -23.71 -9.95 37.98
C VAL C 145 -24.51 -10.48 36.80
N ILE C 146 -24.94 -9.59 35.91
CA ILE C 146 -25.73 -9.99 34.74
C ILE C 146 -24.98 -9.55 33.50
N PHE C 147 -24.19 -10.44 32.92
CA PHE C 147 -23.54 -10.15 31.66
C PHE C 147 -24.56 -10.20 30.52
N ILE C 148 -24.47 -9.26 29.59
CA ILE C 148 -25.29 -9.30 28.38
C ILE C 148 -24.34 -9.11 27.21
N LEU C 149 -24.07 -10.19 26.48
CA LEU C 149 -23.07 -10.22 25.43
C LEU C 149 -23.77 -10.14 24.08
N GLU C 150 -23.91 -8.94 23.53
CA GLU C 150 -24.48 -8.89 22.19
C GLU C 150 -23.39 -9.21 21.17
N GLU C 151 -23.80 -9.79 20.04
CA GLU C 151 -22.95 -10.41 19.03
C GLU C 151 -21.96 -11.39 19.65
N PHE C 152 -22.52 -12.55 20.00
CA PHE C 152 -21.75 -13.63 20.62
C PHE C 152 -20.72 -14.22 19.68
N ASP C 153 -21.02 -14.24 18.38
CA ASP C 153 -20.12 -14.90 17.42
C ASP C 153 -18.81 -14.15 17.23
N LEU C 154 -18.82 -12.82 17.32
CA LEU C 154 -17.55 -12.11 17.28
C LEU C 154 -16.75 -12.34 18.55
N PHE C 155 -17.41 -12.61 19.68
CA PHE C 155 -16.68 -13.06 20.86
C PHE C 155 -16.13 -14.46 20.66
N CYS C 156 -16.79 -15.28 19.85
CA CYS C 156 -16.19 -16.55 19.44
C CYS C 156 -15.01 -16.34 18.51
N ALA C 157 -14.94 -15.19 17.84
CA ALA C 157 -13.80 -14.89 16.98
C ALA C 157 -12.57 -14.42 17.74
N HIS C 158 -12.66 -14.26 19.06
CA HIS C 158 -11.49 -13.92 19.87
C HIS C 158 -10.51 -15.09 19.93
N HIS C 159 -9.28 -14.76 20.33
CA HIS C 159 -8.28 -15.80 20.56
C HIS C 159 -8.70 -16.70 21.72
N ASN C 160 -8.59 -18.01 21.50
CA ASN C 160 -8.94 -19.09 22.42
C ASN C 160 -10.37 -19.08 22.95
N GLN C 161 -11.21 -18.17 22.46
CA GLN C 161 -12.48 -17.76 23.07
C GLN C 161 -12.32 -17.47 24.56
N THR C 162 -11.18 -16.84 24.91
CA THR C 162 -10.66 -16.95 26.27
C THR C 162 -11.57 -16.27 27.29
N LEU C 163 -12.13 -15.10 26.94
CA LEU C 163 -13.06 -14.42 27.84
C LEU C 163 -14.30 -15.25 28.07
N LEU C 164 -14.78 -15.92 27.01
CA LEU C 164 -15.95 -16.77 27.12
C LEU C 164 -15.68 -17.95 28.03
N TYR C 165 -14.44 -18.48 28.00
CA TYR C 165 -14.12 -19.61 28.85
C TYR C 165 -14.19 -19.23 30.31
N ASN C 166 -13.88 -17.98 30.63
CA ASN C 166 -14.03 -17.60 32.02
C ASN C 166 -15.48 -17.30 32.34
N LEU C 167 -16.21 -16.69 31.39
CA LEU C 167 -17.55 -16.22 31.70
C LEU C 167 -18.53 -17.35 31.93
N PHE C 168 -18.28 -18.52 31.37
CA PHE C 168 -19.10 -19.67 31.69
C PHE C 168 -18.56 -20.45 32.87
N ASP C 169 -17.25 -20.36 33.12
CA ASP C 169 -16.69 -21.13 34.23
C ASP C 169 -17.16 -20.60 35.57
N VAL C 170 -17.39 -19.28 35.66
CA VAL C 170 -17.97 -18.70 36.86
C VAL C 170 -19.41 -19.18 37.03
N SER C 171 -20.12 -19.40 35.93
CA SER C 171 -21.49 -19.90 36.00
C SER C 171 -21.57 -21.32 36.54
N GLN C 172 -20.55 -22.14 36.30
CA GLN C 172 -20.58 -23.52 36.75
C GLN C 172 -19.84 -23.74 38.05
N SER C 173 -19.35 -22.68 38.68
CA SER C 173 -18.85 -22.77 40.03
C SER C 173 -19.74 -21.93 40.94
N ALA C 174 -19.71 -22.24 42.24
CA ALA C 174 -20.57 -21.53 43.20
C ALA C 174 -19.83 -20.30 43.71
N GLN C 175 -19.53 -19.40 42.78
CA GLN C 175 -18.80 -18.19 43.13
C GLN C 175 -19.75 -17.01 43.12
N ALA C 176 -19.53 -16.07 42.20
CA ALA C 176 -20.50 -15.00 42.07
C ALA C 176 -21.74 -15.50 41.34
N PRO C 177 -22.91 -15.12 41.77
CA PRO C 177 -24.13 -15.52 41.04
C PRO C 177 -24.33 -14.72 39.77
N ILE C 178 -23.64 -15.07 38.70
CA ILE C 178 -23.71 -14.33 37.46
C ILE C 178 -24.95 -14.76 36.67
N CYS C 179 -24.99 -14.30 35.42
CA CYS C 179 -25.96 -14.70 34.42
C CYS C 179 -25.45 -14.25 33.07
N VAL C 180 -24.95 -15.18 32.27
CA VAL C 180 -24.45 -14.82 30.94
C VAL C 180 -25.66 -14.85 30.02
N LEU C 181 -25.84 -13.81 29.21
CA LEU C 181 -26.94 -13.79 28.27
C LEU C 181 -26.36 -13.34 26.93
N GLY C 182 -25.91 -14.30 26.12
CA GLY C 182 -25.48 -13.97 24.78
C GLY C 182 -26.67 -13.70 23.88
N VAL C 183 -26.47 -12.82 22.91
CA VAL C 183 -27.50 -12.47 21.93
C VAL C 183 -26.83 -12.43 20.58
N THR C 184 -27.20 -13.32 19.67
CA THR C 184 -26.53 -13.31 18.38
C THR C 184 -27.44 -13.81 17.28
N CYS C 185 -27.00 -13.56 16.05
CA CYS C 185 -27.82 -13.83 14.87
C CYS C 185 -27.66 -15.22 14.31
N ARG C 186 -26.44 -15.77 14.34
CA ARG C 186 -26.18 -17.05 13.71
C ARG C 186 -26.88 -18.18 14.44
N LEU C 187 -27.48 -19.09 13.70
CA LEU C 187 -28.30 -20.13 14.31
C LEU C 187 -27.51 -21.37 14.66
N ASP C 188 -26.23 -21.42 14.30
CA ASP C 188 -25.37 -22.53 14.69
C ASP C 188 -24.08 -22.00 15.28
N VAL C 189 -24.21 -20.91 16.04
CA VAL C 189 -23.07 -20.31 16.73
C VAL C 189 -22.54 -21.23 17.82
N ILE C 190 -23.38 -22.15 18.31
CA ILE C 190 -22.96 -23.11 19.31
C ILE C 190 -21.93 -24.10 18.76
N GLU C 191 -21.90 -24.29 17.44
CA GLU C 191 -20.84 -25.06 16.81
C GLU C 191 -19.48 -24.36 16.89
N LEU C 192 -19.46 -23.02 16.92
CA LEU C 192 -18.20 -22.28 16.94
C LEU C 192 -17.40 -22.47 18.22
N LEU C 193 -18.08 -22.70 19.34
CA LEU C 193 -17.40 -22.82 20.62
C LEU C 193 -16.52 -24.06 20.65
N GLU C 194 -15.35 -23.91 21.27
CA GLU C 194 -14.48 -25.06 21.49
C GLU C 194 -15.11 -25.98 22.53
N LYS C 195 -14.72 -27.26 22.48
CA LYS C 195 -15.42 -28.33 23.18
C LYS C 195 -15.41 -28.14 24.70
N ARG C 196 -14.39 -27.47 25.24
CA ARG C 196 -14.45 -27.06 26.64
C ARG C 196 -15.55 -26.04 26.86
N VAL C 197 -15.58 -24.97 26.06
CA VAL C 197 -16.57 -23.93 26.22
C VAL C 197 -17.96 -24.44 25.87
N LYS C 198 -18.02 -25.39 24.94
CA LYS C 198 -19.28 -26.07 24.66
C LYS C 198 -19.71 -26.94 25.84
N SER C 199 -18.75 -27.48 26.60
CA SER C 199 -19.12 -28.29 27.74
C SER C 199 -19.63 -27.43 28.89
N ARG C 200 -18.93 -26.32 29.18
CA ARG C 200 -19.33 -25.45 30.28
C ARG C 200 -20.64 -24.73 30.01
N PHE C 201 -20.99 -24.52 28.75
CA PHE C 201 -22.24 -23.83 28.41
C PHE C 201 -23.44 -24.65 28.84
N SER C 202 -24.39 -23.99 29.49
CA SER C 202 -25.74 -24.53 29.54
C SER C 202 -26.30 -24.46 28.13
N HIS C 203 -26.93 -25.52 27.70
CA HIS C 203 -27.21 -25.58 26.28
C HIS C 203 -28.50 -24.92 25.89
N ARG C 204 -29.22 -24.31 26.84
CA ARG C 204 -30.53 -23.75 26.55
C ARG C 204 -30.39 -22.59 25.57
N GLN C 205 -31.31 -22.51 24.63
CA GLN C 205 -31.36 -21.46 23.63
C GLN C 205 -32.79 -20.98 23.55
N VAL C 206 -32.99 -19.74 23.13
CA VAL C 206 -34.33 -19.19 22.95
C VAL C 206 -34.38 -18.55 21.57
N PHE C 207 -35.28 -19.02 20.74
CA PHE C 207 -35.38 -18.57 19.36
C PHE C 207 -36.45 -17.49 19.24
N LEU C 208 -36.18 -16.47 18.43
CA LEU C 208 -37.19 -15.45 18.19
C LEU C 208 -37.50 -15.27 16.72
N PHE C 209 -37.92 -16.33 16.04
CA PHE C 209 -38.36 -16.19 14.67
C PHE C 209 -39.68 -15.42 14.64
N PRO C 210 -39.78 -14.37 13.82
CA PRO C 210 -40.92 -13.47 13.89
C PRO C 210 -42.25 -14.14 13.57
N SER C 211 -43.29 -13.68 14.27
CA SER C 211 -44.61 -14.30 14.26
C SER C 211 -45.49 -13.80 13.13
N LEU C 212 -44.98 -12.92 12.29
CA LEU C 212 -45.81 -12.27 11.28
C LEU C 212 -45.55 -12.86 9.90
N ARG C 213 -45.33 -14.18 9.86
CA ARG C 213 -45.20 -14.87 8.57
C ARG C 213 -46.49 -14.83 7.77
N ARG C 214 -47.63 -14.88 8.43
CA ARG C 214 -48.89 -14.69 7.72
C ARG C 214 -49.12 -13.21 7.43
N PHE C 215 -49.81 -12.95 6.32
CA PHE C 215 -49.94 -11.58 5.81
C PHE C 215 -50.86 -10.71 6.68
N GLU C 216 -51.84 -11.32 7.35
CA GLU C 216 -52.89 -10.53 7.97
C GLU C 216 -52.40 -9.81 9.22
N ASP C 217 -51.60 -10.48 10.05
CA ASP C 217 -51.07 -9.78 11.20
C ASP C 217 -49.92 -8.83 10.82
N TYR C 218 -49.32 -9.02 9.64
CA TYR C 218 -48.42 -8.00 9.11
C TYR C 218 -49.16 -6.72 8.77
N VAL C 219 -50.34 -6.85 8.16
CA VAL C 219 -51.17 -5.68 7.91
C VAL C 219 -51.69 -5.11 9.24
N ASP C 220 -51.90 -5.97 10.23
CA ASP C 220 -52.30 -5.49 11.55
C ASP C 220 -51.20 -4.66 12.21
N LEU C 221 -49.95 -5.10 12.08
CA LEU C 221 -48.83 -4.34 12.63
C LEU C 221 -48.65 -3.02 11.88
N CYS C 222 -48.89 -3.03 10.56
CA CYS C 222 -48.82 -1.78 9.82
C CYS C 222 -49.93 -0.81 10.21
N ARG C 223 -51.13 -1.33 10.50
CA ARG C 223 -52.21 -0.50 11.03
C ARG C 223 -51.89 -0.01 12.43
N ASP C 224 -51.13 -0.80 13.19
CA ASP C 224 -50.76 -0.42 14.54
C ASP C 224 -49.77 0.73 14.56
N LEU C 225 -48.71 0.64 13.74
CA LEU C 225 -47.65 1.65 13.80
C LEU C 225 -48.09 3.02 13.32
N LEU C 226 -49.06 3.10 12.41
CA LEU C 226 -49.50 4.39 11.91
C LEU C 226 -50.58 5.05 12.76
N SER C 227 -51.20 4.33 13.68
CA SER C 227 -52.30 4.87 14.46
C SER C 227 -51.81 5.75 15.59
N LEU C 228 -52.65 6.71 15.99
CA LEU C 228 -52.42 7.46 17.22
C LEU C 228 -53.15 6.78 18.37
N PRO C 229 -52.46 6.39 19.44
CA PRO C 229 -53.10 5.68 20.54
C PRO C 229 -54.03 6.59 21.33
N THR C 230 -54.97 5.94 22.02
CA THR C 230 -55.85 6.65 22.95
C THR C 230 -55.05 7.21 24.12
N GLY C 231 -55.58 8.29 24.71
CA GLY C 231 -54.76 9.14 25.57
C GLY C 231 -54.38 8.51 26.90
N ASN C 232 -55.22 7.63 27.45
CA ASN C 232 -54.85 6.97 28.70
C ASN C 232 -53.67 6.01 28.50
N SER C 233 -53.52 5.45 27.31
CA SER C 233 -52.31 4.71 27.00
C SER C 233 -51.09 5.62 26.98
N LEU C 234 -51.26 6.87 26.54
CA LEU C 234 -50.16 7.82 26.60
C LEU C 234 -49.81 8.15 28.05
N LEU C 235 -50.81 8.26 28.93
CA LEU C 235 -50.53 8.50 30.34
C LEU C 235 -49.82 7.31 30.98
N LEU C 236 -50.22 6.09 30.62
CA LEU C 236 -49.62 4.90 31.23
C LEU C 236 -48.19 4.70 30.75
N ALA C 237 -47.95 4.90 29.44
CA ALA C 237 -46.59 4.80 28.93
C ALA C 237 -45.71 5.94 29.47
N ALA C 238 -46.30 7.11 29.71
CA ALA C 238 -45.54 8.19 30.31
C ALA C 238 -45.16 7.87 31.74
N GLU C 239 -46.07 7.22 32.49
CA GLU C 239 -45.74 6.79 33.84
C GLU C 239 -44.63 5.74 33.83
N LYS C 240 -44.65 4.82 32.86
CA LYS C 240 -43.64 3.79 32.80
C LYS C 240 -42.26 4.36 32.43
N ILE C 241 -42.23 5.26 31.44
CA ILE C 241 -40.96 5.86 31.03
C ILE C 241 -40.42 6.78 32.12
N TYR C 242 -41.30 7.46 32.85
CA TYR C 242 -40.89 8.30 33.96
C TYR C 242 -40.31 7.48 35.11
N ASN C 243 -40.95 6.35 35.43
CA ASN C 243 -40.46 5.49 36.49
C ASN C 243 -39.15 4.81 36.11
N LEU C 244 -38.92 4.55 34.82
CA LEU C 244 -37.63 3.98 34.47
C LEU C 244 -36.54 5.04 34.41
N GLN C 245 -36.85 6.25 33.97
CA GLN C 245 -35.84 7.30 33.93
C GLN C 245 -35.48 7.86 35.29
N ASN C 246 -36.33 7.65 36.31
CA ASN C 246 -35.97 8.07 37.66
C ASN C 246 -34.79 7.29 38.22
N ILE C 247 -34.59 6.05 37.77
CA ILE C 247 -33.49 5.23 38.27
C ILE C 247 -32.45 5.03 37.18
N TYR C 253 -26.31 3.29 28.42
CA TYR C 253 -27.70 3.00 28.74
C TYR C 253 -28.63 3.85 27.89
N PHE C 254 -29.86 3.37 27.70
CA PHE C 254 -30.77 3.96 26.72
C PHE C 254 -31.74 4.99 27.30
N SER C 255 -31.79 5.16 28.61
CA SER C 255 -32.95 5.82 29.20
C SER C 255 -32.94 7.33 29.03
N ARG C 256 -31.79 7.94 28.69
CA ARG C 256 -31.72 9.40 28.68
C ARG C 256 -32.47 10.01 27.51
N ASN C 257 -32.73 9.24 26.46
CA ASN C 257 -33.54 9.69 25.34
C ASN C 257 -34.41 8.53 24.91
N HIS C 258 -35.68 8.78 24.67
CA HIS C 258 -36.61 7.69 24.46
C HIS C 258 -37.82 8.25 23.72
N PHE C 259 -38.90 7.49 23.69
CA PHE C 259 -40.11 7.93 23.00
C PHE C 259 -40.75 9.11 23.70
N ASP C 260 -40.98 8.99 25.01
CA ASP C 260 -41.56 10.00 25.91
C ASP C 260 -42.90 10.48 25.38
N PRO C 261 -43.97 9.70 25.54
CA PRO C 261 -45.30 10.12 25.08
C PRO C 261 -45.84 11.38 25.75
N GLY C 262 -45.37 11.72 26.95
CA GLY C 262 -45.93 12.80 27.71
C GLY C 262 -45.67 14.20 27.17
N GLU C 263 -44.78 14.32 26.18
CA GLU C 263 -44.63 15.60 25.50
C GLU C 263 -45.72 15.80 24.45
N TYR C 264 -46.51 14.77 24.16
CA TYR C 264 -47.50 14.81 23.09
C TYR C 264 -48.88 14.51 23.63
N GLY C 265 -49.86 15.31 23.21
CA GLY C 265 -51.24 15.11 23.59
C GLY C 265 -52.18 15.42 22.44
N PHE C 266 -53.18 14.57 22.23
CA PHE C 266 -54.04 14.68 21.06
C PHE C 266 -55.51 14.64 21.48
N SER C 267 -56.31 15.44 20.79
CA SER C 267 -57.74 15.38 20.96
C SER C 267 -58.29 14.06 20.41
N PRO C 268 -59.25 13.44 21.11
CA PRO C 268 -59.81 12.16 20.64
C PRO C 268 -60.47 12.21 19.27
N ARG C 269 -61.06 13.34 18.88
CA ARG C 269 -61.60 13.46 17.52
C ARG C 269 -60.50 13.40 16.47
N LEU C 270 -59.32 13.96 16.76
CA LEU C 270 -58.22 13.88 15.83
C LEU C 270 -57.67 12.47 15.73
N ARG C 271 -57.64 11.75 16.85
CA ARG C 271 -57.27 10.34 16.84
C ARG C 271 -58.26 9.51 16.03
N ASP C 272 -59.55 9.84 16.15
CA ASP C 272 -60.56 9.08 15.44
C ASP C 272 -60.49 9.34 13.94
N ALA C 273 -60.26 10.60 13.55
CA ALA C 273 -60.12 10.94 12.14
C ALA C 273 -58.85 10.33 11.54
N TRP C 274 -57.75 10.33 12.30
CA TRP C 274 -56.52 9.76 11.76
C TRP C 274 -56.60 8.25 11.62
N ASN C 275 -57.12 7.56 12.64
CA ASN C 275 -57.21 6.12 12.53
C ASN C 275 -58.28 5.69 11.54
N LYS C 276 -59.31 6.52 11.32
CA LYS C 276 -60.24 6.24 10.24
C LYS C 276 -59.57 6.37 8.89
N GLN C 277 -58.69 7.37 8.75
CA GLN C 277 -57.92 7.51 7.51
C GLN C 277 -57.00 6.32 7.28
N ILE C 278 -56.38 5.81 8.35
CA ILE C 278 -55.40 4.74 8.17
C ILE C 278 -56.10 3.40 7.91
N CYS C 279 -57.18 3.10 8.62
CA CYS C 279 -57.89 1.85 8.32
C CYS C 279 -58.56 1.90 6.95
N LYS C 280 -59.02 3.07 6.50
CA LYS C 280 -59.59 3.17 5.16
C LYS C 280 -58.52 3.03 4.09
N VAL C 281 -57.33 3.61 4.31
CA VAL C 281 -56.23 3.47 3.36
C VAL C 281 -55.72 2.03 3.33
N LEU C 282 -55.67 1.36 4.47
CA LEU C 282 -55.25 -0.03 4.45
C LEU C 282 -56.35 -0.97 3.96
N ALA C 283 -57.59 -0.49 3.85
CA ALA C 283 -58.63 -1.30 3.24
C ALA C 283 -58.49 -1.43 1.73
N THR C 284 -57.79 -0.49 1.07
CA THR C 284 -57.80 -0.47 -0.39
C THR C 284 -56.89 -1.56 -0.97
N GLN C 285 -57.18 -1.96 -2.20
CA GLN C 285 -56.43 -3.02 -2.84
C GLN C 285 -55.01 -2.60 -3.22
N GLN C 286 -54.78 -1.30 -3.45
CA GLN C 286 -53.47 -0.86 -3.91
C GLN C 286 -52.45 -0.91 -2.77
N ALA C 287 -52.82 -0.40 -1.60
CA ALA C 287 -51.93 -0.45 -0.45
C ALA C 287 -51.72 -1.88 0.03
N ARG C 288 -52.75 -2.71 -0.06
CA ARG C 288 -52.57 -4.12 0.24
C ARG C 288 -51.68 -4.81 -0.78
N SER C 289 -51.69 -4.36 -2.03
CA SER C 289 -50.79 -4.93 -3.02
C SER C 289 -49.35 -4.57 -2.76
N THR C 290 -49.10 -3.31 -2.39
CA THR C 290 -47.73 -2.89 -2.11
C THR C 290 -47.17 -3.55 -0.86
N LEU C 291 -47.99 -3.63 0.19
CA LEU C 291 -47.57 -4.35 1.38
C LEU C 291 -47.48 -5.84 1.13
N GLN C 292 -48.25 -6.38 0.19
CA GLN C 292 -48.12 -7.77 -0.19
C GLN C 292 -46.79 -8.02 -0.87
N ALA C 293 -46.33 -7.06 -1.67
CA ALA C 293 -45.03 -7.17 -2.30
C ALA C 293 -43.91 -7.12 -1.28
N LEU C 294 -43.99 -6.18 -0.33
CA LEU C 294 -42.97 -6.11 0.71
C LEU C 294 -43.01 -7.32 1.64
N HIS C 295 -44.19 -7.86 1.90
CA HIS C 295 -44.28 -9.04 2.75
C HIS C 295 -43.75 -10.27 2.05
N ASP C 296 -43.90 -10.34 0.72
CA ASP C 296 -43.23 -11.40 -0.02
C ASP C 296 -41.73 -11.22 -0.03
N PHE C 297 -41.25 -9.98 0.06
CA PHE C 297 -39.81 -9.79 0.07
C PHE C 297 -39.19 -10.19 1.39
N ASP C 298 -39.47 -9.44 2.46
CA ASP C 298 -38.85 -9.72 3.75
C ASP C 298 -39.81 -9.43 4.89
N ILE C 299 -40.07 -10.46 5.70
CA ILE C 299 -41.02 -10.35 6.80
C ILE C 299 -40.54 -9.50 7.96
N SER C 300 -39.23 -9.25 8.05
CA SER C 300 -38.64 -8.68 9.25
C SER C 300 -39.09 -7.25 9.46
N GLU C 301 -39.37 -6.90 10.71
CA GLU C 301 -40.13 -5.69 11.01
C GLU C 301 -39.31 -4.44 10.83
N ALA C 302 -37.97 -4.57 10.78
CA ALA C 302 -37.13 -3.41 10.51
C ALA C 302 -37.36 -2.88 9.10
N TYR C 303 -37.62 -3.79 8.15
CA TYR C 303 -37.89 -3.39 6.77
C TYR C 303 -39.18 -2.61 6.68
N LEU C 304 -40.22 -3.08 7.37
CA LEU C 304 -41.49 -2.37 7.37
C LEU C 304 -41.38 -1.05 8.12
N LYS C 305 -40.55 -0.99 9.17
CA LYS C 305 -40.39 0.28 9.85
C LYS C 305 -39.61 1.29 9.02
N ASN C 306 -38.68 0.82 8.19
CA ASN C 306 -38.00 1.74 7.28
C ASN C 306 -38.94 2.27 6.21
N PHE C 307 -39.76 1.39 5.65
CA PHE C 307 -40.75 1.81 4.66
C PHE C 307 -41.76 2.78 5.26
N LEU C 308 -42.17 2.51 6.50
CA LEU C 308 -43.10 3.41 7.16
C LEU C 308 -42.47 4.75 7.49
N PHE C 309 -41.17 4.78 7.81
CA PHE C 309 -40.54 6.06 8.10
C PHE C 309 -40.44 6.90 6.83
N ARG C 310 -40.09 6.27 5.71
CA ARG C 310 -39.99 7.05 4.49
C ARG C 310 -41.36 7.37 3.91
N LEU C 311 -42.42 6.70 4.38
CA LEU C 311 -43.74 7.18 4.02
C LEU C 311 -44.18 8.35 4.89
N VAL C 312 -43.93 8.27 6.20
CA VAL C 312 -44.38 9.30 7.15
C VAL C 312 -43.64 10.62 6.92
N ALA C 313 -42.40 10.55 6.42
CA ALA C 313 -41.65 11.77 6.19
C ALA C 313 -42.22 12.65 5.09
N HIS C 314 -43.06 12.11 4.22
CA HIS C 314 -43.62 12.88 3.11
C HIS C 314 -44.84 13.70 3.50
N LEU C 315 -45.26 13.67 4.76
CA LEU C 315 -46.50 14.34 5.16
C LEU C 315 -46.24 15.83 5.31
N ARG C 316 -46.15 16.50 4.20
CA ARG C 316 -46.03 17.94 4.20
C ARG C 316 -47.39 18.58 4.52
N PRO C 317 -47.38 19.79 5.09
CA PRO C 317 -48.65 20.49 5.37
C PRO C 317 -49.52 20.77 4.15
N GLN C 318 -48.94 20.94 2.96
CA GLN C 318 -49.75 21.21 1.77
C GLN C 318 -50.62 20.01 1.38
N SER C 319 -50.18 18.79 1.68
CA SER C 319 -50.94 17.56 1.38
C SER C 319 -51.00 16.72 2.64
N PRO C 320 -51.85 17.08 3.59
CA PRO C 320 -51.81 16.48 4.94
C PRO C 320 -52.03 14.98 5.05
N HIS C 321 -52.84 14.38 4.19
CA HIS C 321 -53.36 13.05 4.45
C HIS C 321 -52.51 11.96 3.80
N ILE C 322 -52.39 10.81 4.48
CA ILE C 322 -51.84 9.62 3.87
C ILE C 322 -52.78 9.11 2.79
N THR C 323 -52.22 8.75 1.63
CA THR C 323 -53.00 8.19 0.53
C THR C 323 -52.27 6.97 -0.02
N ALA C 324 -53.04 6.11 -0.71
CA ALA C 324 -52.50 4.86 -1.23
C ALA C 324 -51.51 5.07 -2.36
N GLU C 325 -51.61 6.21 -3.07
CA GLU C 325 -50.64 6.47 -4.12
C GLU C 325 -49.24 6.71 -3.55
N LYS C 326 -49.15 7.25 -2.32
CA LYS C 326 -47.87 7.37 -1.66
C LYS C 326 -47.30 6.01 -1.29
N MET C 327 -48.18 5.06 -0.92
CA MET C 327 -47.76 3.68 -0.71
C MET C 327 -47.19 3.10 -1.98
N ALA C 328 -47.87 3.33 -3.11
CA ALA C 328 -47.39 2.81 -4.39
C ALA C 328 -46.10 3.48 -4.82
N ALA C 329 -45.90 4.75 -4.46
CA ALA C 329 -44.67 5.45 -4.86
C ALA C 329 -43.47 4.93 -4.10
N VAL C 330 -43.59 4.78 -2.77
CA VAL C 330 -42.45 4.24 -2.02
C VAL C 330 -42.22 2.76 -2.36
N GLY C 331 -43.29 2.04 -2.71
CA GLY C 331 -43.09 0.68 -3.18
C GLY C 331 -42.39 0.60 -4.53
N SER C 332 -42.68 1.54 -5.42
CA SER C 332 -41.95 1.62 -6.67
C SER C 332 -40.50 2.01 -6.46
N GLN C 333 -40.21 2.83 -5.45
CA GLN C 333 -38.82 3.12 -5.12
C GLN C 333 -38.12 1.89 -4.58
N PHE C 334 -38.83 1.03 -3.86
CA PHE C 334 -38.19 -0.18 -3.35
C PHE C 334 -37.97 -1.24 -4.41
N GLU C 335 -38.98 -1.55 -5.22
CA GLU C 335 -38.90 -2.70 -6.09
C GLU C 335 -38.04 -2.47 -7.34
N GLY C 336 -37.71 -1.24 -7.67
CA GLY C 336 -36.91 -0.98 -8.85
C GLY C 336 -35.46 -1.34 -8.62
N ASP C 337 -34.75 -1.62 -9.71
CA ASP C 337 -33.32 -1.88 -9.64
C ASP C 337 -32.55 -0.58 -9.78
N ASP C 338 -31.29 -0.59 -9.37
CA ASP C 338 -30.46 0.61 -9.50
C ASP C 338 -29.31 0.45 -10.49
N LYS C 339 -28.87 -0.77 -10.78
CA LYS C 339 -27.92 -0.93 -11.88
C LYS C 339 -28.54 -0.59 -13.23
N ILE C 340 -29.83 -0.88 -13.40
CA ILE C 340 -30.56 -0.34 -14.54
C ILE C 340 -30.68 1.17 -14.42
N GLU C 341 -30.77 1.70 -13.20
CA GLU C 341 -30.76 3.15 -13.05
C GLU C 341 -29.35 3.73 -13.09
N LEU C 342 -28.30 2.90 -13.00
CA LEU C 342 -26.97 3.43 -13.25
C LEU C 342 -26.64 3.45 -14.73
N LEU C 343 -27.03 2.42 -15.46
CA LEU C 343 -26.66 2.32 -16.88
C LEU C 343 -27.33 3.39 -17.72
N CYS C 344 -28.47 3.91 -17.28
CA CYS C 344 -29.08 5.06 -17.95
C CYS C 344 -28.32 6.34 -17.72
N GLY C 345 -27.43 6.40 -16.73
CA GLY C 345 -26.59 7.56 -16.62
C GLY C 345 -25.41 7.59 -17.53
N LEU C 346 -25.01 6.45 -18.09
CA LEU C 346 -23.79 6.37 -18.88
C LEU C 346 -23.95 7.07 -20.24
N SER C 347 -22.88 7.71 -20.67
CA SER C 347 -22.85 8.31 -22.00
C SER C 347 -22.62 7.22 -23.04
N VAL C 348 -22.89 7.59 -24.30
CA VAL C 348 -23.08 6.64 -25.40
C VAL C 348 -21.82 5.85 -25.69
N LEU C 349 -20.64 6.41 -25.41
CA LEU C 349 -19.40 5.67 -25.65
C LEU C 349 -19.22 4.53 -24.64
N GLU C 350 -19.50 4.79 -23.36
CA GLU C 350 -19.48 3.70 -22.39
C GLU C 350 -20.56 2.68 -22.67
N LEU C 351 -21.71 3.12 -23.17
CA LEU C 351 -22.78 2.18 -23.48
C LEU C 351 -22.40 1.31 -24.67
N CYS C 352 -21.66 1.86 -25.63
CA CYS C 352 -21.16 1.03 -26.73
C CYS C 352 -20.07 0.08 -26.28
N LEU C 353 -19.23 0.48 -25.32
CA LEU C 353 -18.29 -0.49 -24.76
C LEU C 353 -19.01 -1.59 -24.00
N ILE C 354 -20.10 -1.25 -23.30
CA ILE C 354 -20.89 -2.26 -22.61
C ILE C 354 -21.54 -3.22 -23.59
N ILE C 355 -22.09 -2.69 -24.69
CA ILE C 355 -22.76 -3.56 -25.63
C ILE C 355 -21.75 -4.38 -26.43
N ALA C 356 -20.50 -3.89 -26.53
CA ALA C 356 -19.47 -4.71 -27.13
C ALA C 356 -19.06 -5.85 -26.21
N ILE C 357 -19.02 -5.59 -24.90
CA ILE C 357 -18.77 -6.68 -23.95
C ILE C 357 -19.93 -7.67 -23.95
N LYS C 358 -21.14 -7.18 -24.18
CA LYS C 358 -22.30 -8.07 -24.27
C LYS C 358 -22.21 -8.96 -25.49
N HIS C 359 -21.84 -8.39 -26.63
CA HIS C 359 -21.70 -9.20 -27.84
C HIS C 359 -20.53 -10.18 -27.74
N HIS C 360 -19.45 -9.78 -27.07
CA HIS C 360 -18.32 -10.68 -26.93
C HIS C 360 -18.63 -11.84 -26.00
N SER C 361 -19.21 -11.56 -24.83
CA SER C 361 -19.47 -12.65 -23.89
C SER C 361 -20.75 -13.39 -24.26
N GLN C 362 -21.52 -12.88 -25.22
CA GLN C 362 -22.63 -13.67 -25.73
C GLN C 362 -22.18 -14.60 -26.85
N ILE C 363 -21.23 -14.16 -27.68
CA ILE C 363 -20.80 -14.99 -28.78
C ILE C 363 -19.83 -16.06 -28.30
N TYR C 364 -18.87 -15.70 -27.44
CA TYR C 364 -17.92 -16.67 -26.94
C TYR C 364 -18.36 -17.32 -25.63
N ASP C 365 -19.56 -16.98 -25.15
CA ASP C 365 -20.20 -17.54 -23.95
C ASP C 365 -19.37 -17.26 -22.69
N ARG C 366 -19.47 -16.00 -22.24
CA ARG C 366 -19.00 -15.52 -20.93
C ARG C 366 -17.50 -15.72 -20.71
N ASP C 367 -16.71 -15.72 -21.78
CA ASP C 367 -15.27 -15.73 -21.60
C ASP C 367 -14.79 -14.37 -21.17
N SER C 368 -13.63 -14.36 -20.51
CA SER C 368 -13.02 -13.12 -20.06
C SER C 368 -12.58 -12.27 -21.23
N PHE C 369 -12.55 -10.96 -21.03
CA PHE C 369 -12.25 -10.04 -22.11
C PHE C 369 -11.13 -9.10 -21.70
N ASN C 370 -10.88 -8.09 -22.55
CA ASN C 370 -9.74 -7.22 -22.42
C ASN C 370 -10.05 -5.95 -23.20
N PHE C 371 -9.26 -4.91 -22.97
CA PHE C 371 -9.49 -3.66 -23.69
C PHE C 371 -9.18 -3.77 -25.18
N GLU C 372 -8.26 -4.64 -25.58
CA GLU C 372 -7.89 -4.66 -27.00
C GLU C 372 -8.87 -5.48 -27.82
N ILE C 373 -9.41 -6.57 -27.25
CA ILE C 373 -10.42 -7.34 -27.96
C ILE C 373 -11.71 -6.55 -28.10
N ILE C 374 -12.10 -5.84 -27.04
CA ILE C 374 -13.25 -4.95 -27.12
C ILE C 374 -12.95 -3.74 -27.99
N TYR C 375 -11.69 -3.34 -28.08
CA TYR C 375 -11.31 -2.28 -29.01
C TYR C 375 -11.46 -2.73 -30.46
N ALA C 376 -11.16 -3.99 -30.74
CA ALA C 376 -11.39 -4.50 -32.09
C ALA C 376 -12.88 -4.60 -32.38
N ARG C 377 -13.66 -5.10 -31.41
CA ARG C 377 -15.11 -5.23 -31.60
C ARG C 377 -15.79 -3.87 -31.67
N PHE C 378 -15.20 -2.85 -31.07
CA PHE C 378 -15.77 -1.51 -31.15
C PHE C 378 -15.35 -0.82 -32.43
N SER C 379 -14.11 -1.04 -32.88
CA SER C 379 -13.65 -0.39 -34.10
C SER C 379 -14.23 -1.05 -35.33
N LYS C 380 -14.79 -2.25 -35.20
CA LYS C 380 -15.64 -2.75 -36.27
C LYS C 380 -16.90 -1.92 -36.43
N PHE C 381 -17.38 -1.30 -35.35
CA PHE C 381 -18.56 -0.45 -35.44
C PHE C 381 -18.20 1.01 -35.71
N ALA C 382 -17.03 1.44 -35.24
CA ALA C 382 -16.63 2.83 -35.34
C ALA C 382 -16.40 3.29 -36.76
N LYS C 383 -15.90 2.42 -37.63
CA LYS C 383 -15.55 2.84 -38.99
C LYS C 383 -16.76 2.85 -39.92
N VAL C 384 -17.88 2.29 -39.49
CA VAL C 384 -19.12 2.32 -40.27
C VAL C 384 -20.19 3.17 -39.60
N SER C 385 -19.87 3.82 -38.49
CA SER C 385 -20.90 4.48 -37.70
C SER C 385 -21.36 5.80 -38.31
N THR C 386 -20.40 6.60 -38.80
CA THR C 386 -20.61 7.98 -39.27
C THR C 386 -21.27 8.83 -38.18
N THR C 387 -20.86 8.60 -36.93
CA THR C 387 -21.14 9.46 -35.79
C THR C 387 -20.12 9.21 -34.69
N MET C 388 -19.42 8.07 -34.78
CA MET C 388 -18.37 7.71 -33.83
C MET C 388 -16.99 7.66 -34.50
N GLN C 389 -16.87 8.25 -35.69
CA GLN C 389 -15.57 8.26 -36.36
C GLN C 389 -14.56 9.12 -35.63
N ALA C 390 -15.01 10.18 -34.95
CA ALA C 390 -14.14 11.20 -34.38
C ALA C 390 -13.45 10.78 -33.09
N VAL C 391 -13.93 9.74 -32.41
CA VAL C 391 -13.34 9.33 -31.13
C VAL C 391 -12.05 8.57 -31.39
N GLU C 392 -11.14 8.60 -30.42
CA GLU C 392 -9.84 7.96 -30.60
C GLU C 392 -9.70 6.75 -29.68
N ARG C 393 -8.46 6.32 -29.51
CA ARG C 393 -8.15 5.35 -28.47
C ARG C 393 -8.30 5.95 -27.08
N SER C 394 -8.05 7.25 -26.93
CA SER C 394 -7.94 7.84 -25.59
C SER C 394 -9.29 7.98 -24.91
N ILE C 395 -10.29 8.47 -25.63
CA ILE C 395 -11.60 8.65 -25.02
C ILE C 395 -12.23 7.30 -24.70
N VAL C 396 -12.01 6.30 -25.56
CA VAL C 396 -12.51 4.96 -25.30
C VAL C 396 -11.77 4.35 -24.11
N LEU C 397 -10.49 4.64 -23.95
CA LEU C 397 -9.75 4.15 -22.79
C LEU C 397 -10.24 4.81 -21.51
N LYS C 398 -10.57 6.10 -21.56
CA LYS C 398 -11.18 6.76 -20.40
C LYS C 398 -12.54 6.19 -20.09
N ALA C 399 -13.31 5.84 -21.12
CA ALA C 399 -14.61 5.22 -20.90
C ALA C 399 -14.46 3.82 -20.30
N PHE C 400 -13.40 3.12 -20.67
CA PHE C 400 -13.15 1.79 -20.13
C PHE C 400 -12.74 1.86 -18.67
N GLU C 401 -11.87 2.80 -18.32
CA GLU C 401 -11.51 2.96 -16.91
C GLU C 401 -12.68 3.46 -16.09
N HIS C 402 -13.56 4.28 -16.68
CA HIS C 402 -14.74 4.71 -15.95
C HIS C 402 -15.73 3.57 -15.74
N LEU C 403 -15.82 2.65 -16.69
CA LEU C 403 -16.61 1.44 -16.45
C LEU C 403 -15.98 0.56 -15.39
N ARG C 404 -14.65 0.59 -15.28
CA ARG C 404 -14.01 -0.17 -14.22
C ARG C 404 -14.26 0.43 -12.84
N ILE C 405 -14.30 1.77 -12.72
CA ILE C 405 -14.40 2.36 -11.38
C ILE C 405 -15.82 2.51 -10.86
N ALA C 406 -16.83 2.29 -11.69
CA ALA C 406 -18.19 2.18 -11.19
C ALA C 406 -18.57 0.73 -10.93
N GLU C 407 -17.61 -0.19 -11.06
CA GLU C 407 -17.73 -1.62 -10.78
C GLU C 407 -18.81 -2.28 -11.64
N LEU C 408 -18.93 -1.84 -12.88
CA LEU C 408 -19.69 -2.60 -13.88
C LEU C 408 -18.84 -3.65 -14.55
N ILE C 409 -17.55 -3.70 -14.24
CA ILE C 409 -16.59 -4.65 -14.80
C ILE C 409 -15.70 -5.07 -13.63
N MET C 410 -15.38 -6.35 -13.53
CA MET C 410 -14.51 -6.66 -12.42
C MET C 410 -13.25 -7.36 -12.90
N PRO C 411 -12.11 -7.00 -12.34
CA PRO C 411 -10.86 -7.71 -12.68
C PRO C 411 -10.88 -9.16 -12.23
N LEU C 412 -10.19 -10.00 -12.99
CA LEU C 412 -10.05 -11.41 -12.66
C LEU C 412 -8.94 -11.56 -11.62
N THR C 413 -9.32 -11.39 -10.37
CA THR C 413 -8.39 -11.55 -9.26
C THR C 413 -9.01 -12.50 -8.23
N VAL C 423 1.14 -5.73 -15.16
CA VAL C 423 0.43 -5.76 -16.42
C VAL C 423 -0.04 -4.37 -16.80
N GLN C 424 -0.29 -4.16 -18.08
CA GLN C 424 -0.70 -2.85 -18.58
C GLN C 424 -2.11 -2.49 -18.14
N LYS C 425 -2.37 -1.18 -18.09
CA LYS C 425 -3.72 -0.68 -17.87
C LYS C 425 -4.64 -1.04 -19.03
N GLU C 426 -4.10 -1.19 -20.23
CA GLU C 426 -4.87 -1.60 -21.38
C GLU C 426 -4.97 -3.10 -21.56
N PHE C 427 -4.34 -3.91 -20.70
CA PHE C 427 -4.32 -5.34 -20.95
C PHE C 427 -4.69 -6.20 -19.75
N GLU C 428 -5.53 -5.72 -18.84
CA GLU C 428 -6.05 -6.61 -17.81
C GLU C 428 -7.12 -7.53 -18.37
N MET C 429 -7.20 -8.72 -17.79
CA MET C 429 -8.36 -9.59 -18.00
C MET C 429 -9.53 -9.05 -17.19
N HIS C 430 -10.75 -9.34 -17.64
CA HIS C 430 -11.91 -8.73 -17.02
C HIS C 430 -13.10 -9.68 -17.09
N LYS C 431 -14.14 -9.37 -16.32
CA LYS C 431 -15.41 -10.11 -16.35
C LYS C 431 -16.57 -9.12 -16.30
N LEU C 432 -17.62 -9.41 -17.06
CA LEU C 432 -18.84 -8.62 -16.96
C LEU C 432 -19.55 -8.94 -15.66
N ALA C 433 -20.21 -7.93 -15.08
CA ALA C 433 -20.89 -8.10 -13.80
C ALA C 433 -22.40 -8.18 -13.92
N LEU C 434 -22.96 -8.25 -15.12
CA LEU C 434 -24.39 -8.15 -15.29
C LEU C 434 -24.99 -9.40 -15.92
N THR C 435 -26.24 -9.67 -15.55
CA THR C 435 -27.07 -10.54 -16.37
C THR C 435 -27.53 -9.77 -17.60
N TYR C 436 -27.82 -10.50 -18.67
CA TYR C 436 -28.14 -9.87 -19.94
C TYR C 436 -29.47 -9.15 -19.91
N SER C 437 -30.38 -9.54 -19.02
CA SER C 437 -31.66 -8.85 -18.92
C SER C 437 -31.50 -7.41 -18.45
N GLN C 438 -30.47 -7.13 -17.64
CA GLN C 438 -30.22 -5.76 -17.24
C GLN C 438 -29.77 -4.91 -18.42
N ILE C 439 -28.93 -5.47 -19.30
CA ILE C 439 -28.48 -4.71 -20.46
C ILE C 439 -29.61 -4.54 -21.45
N HIS C 440 -30.41 -5.59 -21.63
CA HIS C 440 -31.55 -5.53 -22.54
C HIS C 440 -32.63 -4.57 -22.03
N HIS C 441 -32.71 -4.38 -20.71
CA HIS C 441 -33.63 -3.39 -20.18
C HIS C 441 -33.08 -1.99 -20.24
N CYS C 442 -31.76 -1.81 -20.02
CA CYS C 442 -31.20 -0.46 -20.06
C CYS C 442 -31.14 0.09 -21.47
N MET C 443 -31.12 -0.77 -22.49
CA MET C 443 -31.32 -0.27 -23.85
C MET C 443 -32.71 0.31 -24.04
N GLN C 444 -33.71 -0.25 -23.37
CA GLN C 444 -35.08 0.25 -23.49
C GLN C 444 -35.32 1.51 -22.69
N ARG C 445 -34.83 1.56 -21.45
CA ARG C 445 -35.13 2.68 -20.58
C ARG C 445 -34.20 3.87 -20.81
N TYR C 446 -33.19 3.72 -21.66
CA TYR C 446 -32.29 4.83 -21.96
C TYR C 446 -33.02 5.91 -22.73
N GLN C 447 -32.65 7.15 -22.49
CA GLN C 447 -33.30 8.26 -23.18
C GLN C 447 -32.43 8.74 -24.34
N ALA C 448 -33.04 8.83 -25.52
CA ALA C 448 -32.45 9.42 -26.73
C ALA C 448 -31.18 8.69 -27.16
N LEU C 449 -31.23 7.37 -27.12
CA LEU C 449 -30.18 6.54 -27.70
C LEU C 449 -30.17 6.73 -29.21
N PRO C 450 -29.01 6.94 -29.83
CA PRO C 450 -28.94 6.94 -31.30
C PRO C 450 -29.34 5.60 -31.89
N THR C 451 -30.00 5.67 -33.05
CA THR C 451 -30.62 4.48 -33.63
C THR C 451 -29.60 3.48 -34.15
N GLU C 452 -28.40 3.95 -34.54
CA GLU C 452 -27.38 3.04 -35.04
C GLU C 452 -26.91 2.09 -33.95
N VAL C 453 -26.84 2.57 -32.70
CA VAL C 453 -26.50 1.69 -31.60
C VAL C 453 -27.65 0.72 -31.31
N ALA C 454 -28.89 1.14 -31.60
CA ALA C 454 -30.00 0.20 -31.47
C ALA C 454 -29.96 -0.90 -32.53
N GLN C 455 -29.57 -0.56 -33.75
CA GLN C 455 -29.38 -1.59 -34.77
C GLN C 455 -28.23 -2.51 -34.43
N TRP C 456 -27.18 -2.00 -33.77
CA TRP C 456 -26.19 -2.91 -33.23
C TRP C 456 -26.75 -3.74 -32.09
N ALA C 457 -27.70 -3.19 -31.32
CA ALA C 457 -28.31 -3.95 -30.23
C ALA C 457 -29.18 -5.09 -30.74
N GLN C 458 -29.77 -4.93 -31.93
CA GLN C 458 -30.57 -6.01 -32.48
C GLN C 458 -29.73 -7.02 -33.26
N SER C 459 -28.44 -6.77 -33.41
CA SER C 459 -27.56 -7.72 -34.08
C SER C 459 -26.84 -8.62 -33.08
N MET D 1 -37.14 22.71 7.70
CA MET D 1 -37.08 21.87 6.51
C MET D 1 -37.38 22.71 5.28
N GLU D 2 -38.09 23.82 5.49
CA GLU D 2 -38.42 24.70 4.39
C GLU D 2 -37.28 25.64 4.06
N ALA D 3 -36.68 26.25 5.08
CA ALA D 3 -35.62 27.24 4.86
C ALA D 3 -34.37 26.60 4.27
N ILE D 4 -34.06 25.35 4.61
CA ILE D 4 -32.82 24.75 4.12
C ILE D 4 -32.94 24.40 2.64
N CYS D 5 -34.03 23.74 2.25
CA CYS D 5 -34.23 23.44 0.84
C CYS D 5 -34.47 24.71 0.03
N SER D 6 -35.11 25.71 0.62
CA SER D 6 -35.31 26.97 -0.09
C SER D 6 -34.01 27.74 -0.25
N SER D 7 -33.05 27.54 0.65
CA SER D 7 -31.76 28.18 0.49
C SER D 7 -30.80 27.37 -0.36
N LEU D 8 -31.07 26.09 -0.60
CA LEU D 8 -30.16 25.35 -1.46
C LEU D 8 -30.69 25.11 -2.88
N GLU D 9 -31.98 25.35 -3.14
CA GLU D 9 -32.42 25.30 -4.53
C GLU D 9 -31.78 26.35 -5.46
N PRO D 10 -31.68 27.67 -5.13
CA PRO D 10 -31.04 28.60 -6.09
C PRO D 10 -29.59 28.27 -6.42
N LEU D 11 -28.82 27.77 -5.46
CA LEU D 11 -27.46 27.37 -5.76
C LEU D 11 -27.42 26.13 -6.63
N PHE D 12 -28.43 25.25 -6.54
CA PHE D 12 -28.39 23.92 -7.16
C PHE D 12 -29.63 23.69 -8.01
N PRO D 13 -29.69 24.27 -9.21
CA PRO D 13 -30.82 24.01 -10.10
C PRO D 13 -30.78 22.58 -10.63
N CYS D 14 -31.96 22.13 -11.09
CA CYS D 14 -32.23 20.81 -11.65
C CYS D 14 -32.01 19.68 -10.66
N ARG D 15 -32.30 19.92 -9.38
CA ARG D 15 -31.93 19.02 -8.29
C ARG D 15 -32.92 19.31 -7.16
N GLU D 16 -34.10 19.81 -7.52
CA GLU D 16 -35.11 20.14 -6.53
C GLU D 16 -35.67 18.90 -5.84
N ALA D 17 -35.69 17.76 -6.54
CA ALA D 17 -36.28 16.56 -5.95
C ALA D 17 -35.40 15.94 -4.89
N ALA D 18 -34.10 15.79 -5.17
CA ALA D 18 -33.21 15.18 -4.19
C ALA D 18 -33.01 16.09 -2.98
N ILE D 19 -33.00 17.41 -3.20
CA ILE D 19 -32.97 18.35 -2.09
C ILE D 19 -34.25 18.26 -1.28
N GLU D 20 -35.38 18.02 -1.95
CA GLU D 20 -36.63 17.85 -1.23
C GLU D 20 -36.62 16.59 -0.37
N THR D 21 -35.98 15.53 -0.86
CA THR D 21 -35.93 14.30 -0.08
C THR D 21 -34.98 14.43 1.11
N LEU D 22 -33.76 14.94 0.89
CA LEU D 22 -32.86 15.13 2.03
C LEU D 22 -33.36 16.19 3.01
N GLY D 23 -34.08 17.20 2.52
CA GLY D 23 -34.60 18.18 3.43
C GLY D 23 -35.86 17.76 4.13
N GLU D 24 -36.46 16.65 3.71
CA GLU D 24 -37.50 16.07 4.55
C GLU D 24 -36.92 15.06 5.54
N LEU D 25 -35.88 14.33 5.17
CA LEU D 25 -35.34 13.36 6.12
C LEU D 25 -34.50 14.01 7.20
N ILE D 26 -33.57 14.88 6.84
CA ILE D 26 -32.69 15.47 7.85
C ILE D 26 -32.79 16.99 7.84
N GLY D 27 -33.93 17.51 7.40
CA GLY D 27 -34.08 18.95 7.31
C GLY D 27 -34.31 19.60 8.67
N ASP D 28 -35.51 19.43 9.22
CA ASP D 28 -35.80 19.92 10.55
C ASP D 28 -34.99 19.15 11.57
N SER D 29 -34.52 19.84 12.60
CA SER D 29 -33.71 19.16 13.61
C SER D 29 -34.49 18.80 14.86
N SER D 30 -35.69 19.32 15.04
CA SER D 30 -36.53 18.86 16.15
C SER D 30 -36.98 17.42 15.92
N GLU D 31 -37.12 17.02 14.67
CA GLU D 31 -37.49 15.65 14.35
C GLU D 31 -36.30 14.72 14.52
N THR D 32 -36.60 13.45 14.73
CA THR D 32 -35.54 12.44 14.76
C THR D 32 -35.05 12.15 13.35
N TYR D 33 -33.86 11.64 13.27
CA TYR D 33 -33.26 11.34 11.98
C TYR D 33 -33.24 9.83 11.76
N PRO D 34 -33.32 9.38 10.51
CA PRO D 34 -33.09 7.96 10.22
C PRO D 34 -31.65 7.57 10.47
N SER D 35 -31.44 6.29 10.75
CA SER D 35 -30.16 5.81 11.26
C SER D 35 -29.03 5.95 10.25
N ALA D 36 -29.32 5.88 8.95
CA ALA D 36 -28.30 6.10 7.92
C ALA D 36 -28.98 6.43 6.60
N ILE D 37 -28.38 7.33 5.84
CA ILE D 37 -28.88 7.74 4.54
C ILE D 37 -27.76 7.58 3.52
N TYR D 38 -27.95 6.67 2.57
CA TYR D 38 -26.94 6.35 1.57
C TYR D 38 -27.44 6.92 0.25
N LEU D 39 -26.99 8.10 -0.12
CA LEU D 39 -27.31 8.65 -1.42
C LEU D 39 -26.12 8.41 -2.35
N PHE D 40 -26.42 8.15 -3.62
CA PHE D 40 -25.40 7.72 -4.56
C PHE D 40 -25.78 8.15 -5.96
N GLY D 41 -24.76 8.32 -6.79
CA GLY D 41 -24.95 8.70 -8.18
C GLY D 41 -23.64 8.52 -8.92
N HIS D 42 -23.63 8.93 -10.18
CA HIS D 42 -22.41 8.80 -10.96
C HIS D 42 -21.42 9.91 -10.59
N SER D 43 -20.22 9.84 -11.17
CA SER D 43 -19.25 10.90 -10.94
C SER D 43 -19.76 12.20 -11.54
N GLY D 44 -19.61 13.29 -10.78
CA GLY D 44 -20.09 14.56 -11.24
C GLY D 44 -21.59 14.75 -11.13
N THR D 45 -22.29 13.90 -10.40
CA THR D 45 -23.72 14.12 -10.19
C THR D 45 -23.98 15.35 -9.35
N GLY D 46 -23.03 15.71 -8.49
CA GLY D 46 -23.23 16.82 -7.59
C GLY D 46 -23.77 16.35 -6.26
N LYS D 47 -22.97 15.61 -5.53
CA LYS D 47 -23.35 15.11 -4.22
C LYS D 47 -22.39 15.53 -3.11
N THR D 48 -21.09 15.61 -3.37
CA THR D 48 -20.16 16.14 -2.37
C THR D 48 -20.44 17.61 -2.13
N ALA D 49 -20.67 18.37 -3.20
CA ALA D 49 -21.13 19.74 -3.03
C ALA D 49 -22.50 19.79 -2.42
N LEU D 50 -23.36 18.80 -2.68
CA LEU D 50 -24.71 18.81 -2.12
C LEU D 50 -24.70 18.52 -0.63
N THR D 51 -24.04 17.44 -0.20
CA THR D 51 -23.99 17.17 1.24
C THR D 51 -23.15 18.19 1.98
N ARG D 52 -22.09 18.73 1.36
CA ARG D 52 -21.29 19.73 2.06
C ARG D 52 -22.07 21.03 2.23
N ALA D 53 -22.83 21.43 1.21
CA ALA D 53 -23.72 22.56 1.34
C ALA D 53 -24.82 22.29 2.34
N PHE D 54 -25.29 21.05 2.43
CA PHE D 54 -26.36 20.73 3.36
C PHE D 54 -25.87 20.75 4.80
N LEU D 55 -24.69 20.17 5.04
CA LEU D 55 -24.11 20.19 6.38
C LEU D 55 -23.73 21.59 6.83
N LYS D 56 -23.08 22.40 5.98
CA LYS D 56 -22.74 23.75 6.40
C LYS D 56 -23.98 24.63 6.54
N GLU D 57 -25.00 24.43 5.71
CA GLU D 57 -26.23 25.20 5.85
C GLU D 57 -26.98 24.82 7.12
N CYS D 58 -27.03 23.54 7.46
CA CYS D 58 -27.74 23.15 8.66
C CYS D 58 -26.97 23.54 9.91
N GLY D 59 -25.65 23.37 9.89
CA GLY D 59 -24.84 23.70 11.06
C GLY D 59 -24.64 25.18 11.28
N LYS D 60 -24.86 26.00 10.25
CA LYS D 60 -24.92 27.43 10.46
C LYS D 60 -26.32 27.87 10.88
N ARG D 61 -27.35 27.26 10.30
CA ARG D 61 -28.70 27.72 10.57
C ARG D 61 -29.23 27.18 11.89
N GLN D 62 -28.99 25.91 12.19
CA GLN D 62 -29.68 25.29 13.32
C GLN D 62 -28.73 24.70 14.35
N ASN D 63 -29.28 23.85 15.21
CA ASN D 63 -28.62 23.40 16.42
C ASN D 63 -27.67 22.23 16.21
N VAL D 64 -27.59 21.71 14.99
CA VAL D 64 -26.88 20.47 14.74
C VAL D 64 -25.38 20.69 14.80
N ARG D 65 -24.67 19.63 15.15
CA ARG D 65 -23.21 19.60 15.03
C ARG D 65 -22.89 18.72 13.83
N THR D 66 -22.26 19.29 12.84
CA THR D 66 -22.00 18.60 11.60
C THR D 66 -20.54 18.17 11.49
N ALA D 67 -20.30 17.18 10.65
CA ALA D 67 -18.94 16.69 10.42
C ALA D 67 -18.88 16.10 9.03
N HIS D 68 -18.00 16.63 8.19
CA HIS D 68 -17.72 16.03 6.90
C HIS D 68 -16.45 15.20 7.04
N LEU D 69 -16.25 14.27 6.12
CA LEU D 69 -15.09 13.40 6.13
C LEU D 69 -14.87 12.89 4.72
N ASN D 70 -13.63 12.49 4.43
CA ASN D 70 -13.28 11.77 3.20
C ASN D 70 -12.61 10.49 3.62
N ALA D 71 -13.13 9.35 3.15
CA ALA D 71 -12.68 8.06 3.66
C ALA D 71 -11.31 7.65 3.17
N ILE D 72 -10.78 8.27 2.12
CA ILE D 72 -9.43 7.93 1.67
C ILE D 72 -8.38 8.42 2.66
N GLU D 73 -8.70 9.46 3.43
CA GLU D 73 -7.81 9.94 4.49
C GLU D 73 -7.63 8.92 5.60
N CYS D 74 -8.61 8.06 5.81
CA CYS D 74 -8.65 7.19 6.99
C CYS D 74 -8.04 5.84 6.64
N TYR D 75 -6.71 5.82 6.58
CA TYR D 75 -6.01 4.57 6.30
C TYR D 75 -5.94 3.67 7.53
N THR D 76 -6.28 4.19 8.70
CA THR D 76 -6.55 3.39 9.89
C THR D 76 -7.69 4.08 10.62
N THR D 77 -8.50 3.29 11.33
CA THR D 77 -9.79 3.75 11.83
C THR D 77 -9.68 4.84 12.89
N LYS D 78 -8.57 4.89 13.63
CA LYS D 78 -8.45 5.88 14.70
C LYS D 78 -8.34 7.29 14.15
N ILE D 79 -7.80 7.45 12.94
CA ILE D 79 -7.79 8.76 12.30
C ILE D 79 -9.21 9.20 11.96
N MET D 80 -10.04 8.25 11.55
CA MET D 80 -11.44 8.54 11.26
C MET D 80 -12.18 8.97 12.51
N LEU D 81 -11.95 8.25 13.61
CA LEU D 81 -12.56 8.62 14.89
C LEU D 81 -12.06 9.98 15.38
N GLU D 82 -10.80 10.29 15.13
CA GLU D 82 -10.26 11.57 15.55
C GLU D 82 -10.90 12.72 14.79
N ILE D 83 -11.09 12.56 13.47
CA ILE D 83 -11.71 13.64 12.71
C ILE D 83 -13.20 13.78 13.06
N LEU D 84 -13.87 12.65 13.29
CA LEU D 84 -15.29 12.70 13.62
C LEU D 84 -15.54 13.35 14.97
N LEU D 85 -14.82 12.92 16.00
CA LEU D 85 -14.96 13.54 17.30
C LEU D 85 -14.41 14.96 17.34
N ASP D 86 -13.41 15.28 16.52
CA ASP D 86 -12.87 16.62 16.51
C ASP D 86 -13.84 17.61 15.89
N SER D 87 -14.70 17.14 14.98
CA SER D 87 -15.71 18.09 14.53
C SER D 87 -16.99 18.04 15.36
N LEU D 88 -17.38 16.85 15.84
CA LEU D 88 -18.63 16.71 16.56
C LEU D 88 -18.60 17.22 17.99
N ALA D 89 -17.42 17.38 18.57
CA ALA D 89 -17.28 17.82 19.96
C ALA D 89 -16.30 18.98 19.95
N PRO D 90 -16.75 20.17 19.55
CA PRO D 90 -15.85 21.28 19.30
C PRO D 90 -15.18 21.80 20.58
N ASP D 91 -13.99 22.36 20.38
CA ASP D 91 -13.15 22.94 21.43
C ASP D 91 -12.75 21.92 22.49
N GLN D 92 -12.60 20.67 22.09
CA GLN D 92 -12.03 19.66 22.98
C GLN D 92 -10.53 19.86 23.19
N GLY D 93 -9.86 20.53 22.26
CA GLY D 93 -8.43 20.74 22.41
C GLY D 93 -7.66 19.46 22.15
N ASP D 94 -6.43 19.44 22.67
CA ASP D 94 -5.59 18.25 22.58
C ASP D 94 -5.82 17.28 23.72
N ALA D 95 -6.89 17.45 24.49
CA ALA D 95 -7.37 16.42 25.38
C ALA D 95 -8.12 15.31 24.65
N LEU D 96 -8.43 15.52 23.37
CA LEU D 96 -8.96 14.46 22.53
C LEU D 96 -7.96 13.33 22.40
N LYS D 97 -8.45 12.11 22.57
CA LYS D 97 -7.61 10.91 22.53
C LYS D 97 -8.52 9.70 22.40
N VAL D 98 -8.71 9.23 21.17
CA VAL D 98 -9.59 8.11 20.88
C VAL D 98 -8.71 6.96 20.43
N ASP D 99 -9.01 5.76 20.92
CA ASP D 99 -8.17 4.60 20.62
C ASP D 99 -8.91 3.58 19.75
N ASN D 100 -10.20 3.38 19.99
CA ASN D 100 -11.00 2.50 19.15
C ASN D 100 -12.45 2.95 19.18
N MET D 101 -13.32 2.12 18.58
CA MET D 101 -14.71 2.47 18.39
C MET D 101 -15.46 2.58 19.71
N LEU D 102 -15.02 1.83 20.73
CA LEU D 102 -15.67 1.92 22.04
C LEU D 102 -15.46 3.29 22.66
N ASP D 103 -14.22 3.78 22.65
CA ASP D 103 -13.93 5.08 23.24
C ASP D 103 -14.62 6.20 22.50
N PHE D 104 -14.75 6.08 21.18
CA PHE D 104 -15.50 7.08 20.42
C PHE D 104 -16.98 7.02 20.75
N VAL D 105 -17.53 5.82 20.95
CA VAL D 105 -18.94 5.70 21.30
C VAL D 105 -19.22 6.26 22.69
N GLU D 106 -18.30 6.04 23.64
CA GLU D 106 -18.52 6.60 24.98
C GLU D 106 -18.38 8.12 25.00
N GLN D 107 -17.36 8.65 24.31
CA GLN D 107 -17.18 10.08 24.29
C GLN D 107 -18.25 10.77 23.45
N LEU D 108 -18.90 10.05 22.53
CA LEU D 108 -20.08 10.62 21.89
C LEU D 108 -21.33 10.43 22.73
N ARG D 109 -21.34 9.42 23.61
CA ARG D 109 -22.48 9.20 24.47
C ARG D 109 -22.58 10.24 25.55
N ARG D 110 -21.44 10.73 26.04
CA ARG D 110 -21.43 11.78 27.05
C ARG D 110 -21.94 13.11 26.50
N GLN D 111 -21.91 13.31 25.19
CA GLN D 111 -22.35 14.54 24.55
C GLN D 111 -23.87 14.69 24.54
N ALA D 112 -24.60 13.65 24.91
CA ALA D 112 -26.05 13.69 24.94
C ALA D 112 -26.54 14.72 25.95
N ALA D 113 -27.62 15.40 25.58
CA ALA D 113 -28.14 16.49 26.39
C ALA D 113 -29.65 16.38 26.44
N THR D 114 -30.29 17.38 27.03
CA THR D 114 -31.73 17.38 27.18
C THR D 114 -32.42 17.57 25.84
N ARG D 115 -33.64 17.03 25.75
CA ARG D 115 -34.45 17.17 24.55
C ARG D 115 -34.96 18.59 24.33
N VAL D 116 -34.99 19.43 25.36
CA VAL D 116 -35.58 20.76 25.27
C VAL D 116 -34.79 21.70 24.36
N GLU D 117 -33.50 21.46 24.15
CA GLU D 117 -32.77 22.23 23.15
C GLU D 117 -32.80 21.58 21.76
N ASP D 118 -33.34 20.37 21.66
CA ASP D 118 -33.66 19.69 20.39
C ASP D 118 -32.44 19.55 19.47
N GLN D 119 -31.32 19.15 20.05
CA GLN D 119 -30.11 19.05 19.26
C GLN D 119 -30.15 17.84 18.33
N GLY D 120 -29.37 17.92 17.25
CA GLY D 120 -29.18 16.80 16.37
C GLY D 120 -27.72 16.71 15.98
N PHE D 121 -27.37 15.61 15.33
CA PHE D 121 -26.03 15.42 14.80
C PHE D 121 -26.14 14.97 13.36
N LEU D 122 -25.07 15.18 12.59
CA LEU D 122 -24.99 14.70 11.22
C LEU D 122 -23.56 14.31 10.94
N ILE D 123 -23.37 13.31 10.09
CA ILE D 123 -22.05 12.83 9.72
C ILE D 123 -22.11 12.47 8.24
N ALA D 124 -21.17 12.98 7.45
CA ALA D 124 -21.09 12.63 6.05
C ALA D 124 -19.73 12.01 5.76
N VAL D 125 -19.73 10.84 5.13
CA VAL D 125 -18.51 10.13 4.80
C VAL D 125 -18.40 10.10 3.29
N ASP D 126 -17.63 11.03 2.73
CA ASP D 126 -17.38 11.03 1.29
C ASP D 126 -16.50 9.85 0.90
N ASN D 127 -16.73 9.38 -0.33
CA ASN D 127 -16.04 8.22 -0.92
C ASN D 127 -16.11 7.01 -0.02
N ALA D 128 -17.35 6.65 0.34
CA ALA D 128 -17.61 5.57 1.27
C ALA D 128 -17.31 4.21 0.70
N GLU D 129 -17.06 4.11 -0.61
CA GLU D 129 -16.68 2.87 -1.25
C GLU D 129 -15.38 2.29 -0.72
N ARG D 130 -14.52 3.11 -0.12
CA ARG D 130 -13.33 2.62 0.56
C ARG D 130 -13.63 1.99 1.91
N LEU D 131 -14.80 2.28 2.51
CA LEU D 131 -15.10 1.84 3.87
C LEU D 131 -15.20 0.33 3.99
N ARG D 132 -15.56 -0.36 2.91
CA ARG D 132 -15.61 -1.80 2.98
C ARG D 132 -14.23 -2.44 2.87
N ASP D 133 -13.21 -1.68 2.48
CA ASP D 133 -11.86 -2.20 2.33
C ASP D 133 -11.08 -2.24 3.63
N MET D 134 -11.51 -1.50 4.65
CA MET D 134 -10.68 -1.33 5.82
C MET D 134 -11.00 -2.35 6.91
N ASP D 135 -11.19 -1.92 8.16
CA ASP D 135 -11.26 -2.78 9.34
C ASP D 135 -12.47 -3.72 9.32
N ALA D 136 -13.52 -3.39 8.58
CA ALA D 136 -14.73 -4.17 8.37
C ALA D 136 -15.48 -4.50 9.67
N ASN D 137 -15.31 -3.67 10.69
CA ASN D 137 -16.33 -3.47 11.69
C ASN D 137 -16.84 -2.04 11.68
N VAL D 138 -16.30 -1.20 10.81
CA VAL D 138 -16.60 0.23 10.85
C VAL D 138 -17.92 0.52 10.15
N LEU D 139 -18.20 -0.16 9.04
CA LEU D 139 -19.50 -0.03 8.39
C LEU D 139 -20.70 -0.48 9.24
N PRO D 140 -20.72 -1.68 9.88
CA PRO D 140 -21.88 -1.99 10.73
C PRO D 140 -22.06 -1.04 11.92
N VAL D 141 -20.97 -0.52 12.47
CA VAL D 141 -21.10 0.44 13.56
C VAL D 141 -21.64 1.77 13.04
N LEU D 142 -21.14 2.19 11.87
CA LEU D 142 -21.52 3.47 11.29
C LEU D 142 -22.98 3.50 10.84
N LEU D 143 -23.54 2.36 10.46
CA LEU D 143 -24.98 2.39 10.18
C LEU D 143 -25.83 2.56 11.44
N ARG D 144 -25.51 1.86 12.54
CA ARG D 144 -26.40 1.87 13.70
C ARG D 144 -25.82 2.69 14.85
N LEU D 145 -25.01 3.70 14.53
CA LEU D 145 -24.50 4.60 15.55
C LEU D 145 -25.60 5.34 16.30
N GLN D 146 -26.76 5.58 15.68
CA GLN D 146 -27.85 6.22 16.42
C GLN D 146 -28.40 5.30 17.49
N GLU D 147 -28.60 4.03 17.17
CA GLU D 147 -29.05 3.07 18.17
C GLU D 147 -27.97 2.84 19.23
N LEU D 148 -26.71 2.87 18.84
CA LEU D 148 -25.64 2.53 19.78
C LEU D 148 -25.34 3.65 20.77
N THR D 149 -25.15 4.87 20.28
CA THR D 149 -24.78 5.94 21.20
C THR D 149 -25.97 6.54 21.92
N ASN D 150 -27.18 6.18 21.50
CA ASN D 150 -28.44 6.73 21.99
C ASN D 150 -28.47 8.25 21.84
N LEU D 151 -28.11 8.71 20.65
CA LEU D 151 -28.06 10.12 20.36
C LEU D 151 -29.08 10.41 19.27
N ASN D 152 -28.95 11.53 18.57
CA ASN D 152 -29.89 11.88 17.51
C ASN D 152 -29.09 12.20 16.25
N LEU D 153 -28.41 11.20 15.70
CA LEU D 153 -27.53 11.42 14.56
C LEU D 153 -28.06 10.71 13.34
N CYS D 154 -27.30 10.85 12.24
CA CYS D 154 -27.63 10.28 10.95
C CYS D 154 -26.38 10.28 10.08
N VAL D 155 -25.82 9.11 9.86
CA VAL D 155 -24.53 8.96 9.22
C VAL D 155 -24.77 8.85 7.71
N ILE D 156 -24.63 9.97 7.00
CA ILE D 156 -24.69 9.95 5.55
C ILE D 156 -23.46 9.26 4.98
N LEU D 157 -23.64 8.49 3.91
CA LEU D 157 -22.54 7.92 3.15
C LEU D 157 -22.68 8.35 1.70
N LEU D 158 -21.58 8.32 0.97
CA LEU D 158 -21.58 8.75 -0.42
C LEU D 158 -20.63 7.87 -1.21
N SER D 159 -21.10 7.33 -2.33
CA SER D 159 -20.25 6.62 -3.28
C SER D 159 -20.97 6.54 -4.61
N GLN D 160 -20.27 6.04 -5.61
CA GLN D 160 -20.90 5.74 -6.89
C GLN D 160 -21.46 4.34 -6.97
N LEU D 161 -21.04 3.45 -6.11
CA LEU D 161 -21.52 2.08 -6.19
C LEU D 161 -22.95 2.00 -5.68
N PRO D 162 -23.75 1.08 -6.20
CA PRO D 162 -25.01 0.74 -5.55
C PRO D 162 -24.71 0.07 -4.22
N PHE D 163 -25.67 0.17 -3.30
CA PHE D 163 -25.49 -0.33 -1.94
C PHE D 163 -25.26 -1.83 -1.89
N GLU D 164 -25.69 -2.57 -2.91
CA GLU D 164 -25.63 -4.03 -2.89
C GLU D 164 -24.20 -4.55 -2.97
N LYS D 165 -23.25 -3.73 -3.40
CA LYS D 165 -21.85 -4.12 -3.30
C LYS D 165 -21.36 -4.16 -1.86
N PHE D 166 -22.01 -3.44 -0.95
CA PHE D 166 -21.48 -3.16 0.37
C PHE D 166 -21.67 -4.27 1.40
N TYR D 167 -22.49 -5.28 1.12
CA TYR D 167 -22.86 -6.26 2.13
C TYR D 167 -21.68 -7.13 2.54
N ASN D 168 -21.72 -7.62 3.76
CA ASN D 168 -20.69 -8.51 4.27
C ASN D 168 -21.33 -9.77 4.83
N LYS D 169 -20.49 -10.64 5.40
CA LYS D 169 -20.97 -11.95 5.80
C LYS D 169 -21.80 -11.91 7.08
N THR D 170 -21.74 -10.80 7.82
CA THR D 170 -22.56 -10.66 9.01
C THR D 170 -23.84 -9.88 8.77
N GLY D 171 -23.96 -9.18 7.65
CA GLY D 171 -25.14 -8.39 7.37
C GLY D 171 -25.04 -7.01 7.99
N LEU D 172 -25.89 -6.11 7.49
CA LEU D 172 -25.94 -4.74 7.95
C LEU D 172 -27.38 -4.40 8.32
N SER D 173 -27.54 -3.33 9.09
CA SER D 173 -28.85 -2.92 9.51
C SER D 173 -29.56 -2.15 8.38
N GLU D 174 -30.63 -1.46 8.76
CA GLU D 174 -31.41 -0.69 7.79
C GLU D 174 -30.67 0.56 7.36
N ILE D 175 -31.01 1.03 6.16
CA ILE D 175 -30.38 2.19 5.55
C ILE D 175 -31.43 2.78 4.61
N VAL D 176 -31.29 4.06 4.30
CA VAL D 176 -32.22 4.72 3.40
C VAL D 176 -31.48 4.95 2.09
N CYS D 177 -31.73 4.11 1.10
CA CYS D 177 -31.11 4.30 -0.20
C CYS D 177 -31.70 5.51 -0.90
N LEU D 178 -30.87 6.19 -1.69
CA LEU D 178 -31.32 7.39 -2.37
C LEU D 178 -30.49 7.57 -3.63
N HIS D 179 -31.17 7.68 -4.77
CA HIS D 179 -30.52 7.73 -6.06
C HIS D 179 -30.51 9.15 -6.60
N LEU D 180 -29.42 9.52 -7.27
CA LEU D 180 -29.32 10.79 -7.98
C LEU D 180 -29.04 10.46 -9.44
N ALA D 181 -30.04 10.63 -10.29
CA ALA D 181 -29.85 10.39 -11.71
C ALA D 181 -28.98 11.48 -12.34
N GLN D 182 -28.09 11.08 -13.25
CA GLN D 182 -27.32 12.05 -14.00
C GLN D 182 -28.22 12.74 -15.02
N TYR D 183 -27.85 13.97 -15.38
CA TYR D 183 -28.72 14.84 -16.14
C TYR D 183 -28.85 14.39 -17.59
N ASN D 184 -30.06 14.56 -18.13
CA ASN D 184 -30.27 14.54 -19.57
C ASN D 184 -29.83 15.87 -20.16
N LYS D 185 -29.75 15.91 -21.50
CA LYS D 185 -29.03 16.98 -22.20
C LYS D 185 -29.67 18.35 -22.01
N ALA D 186 -31.00 18.42 -21.88
CA ALA D 186 -31.64 19.70 -21.62
C ALA D 186 -31.28 20.24 -20.25
N GLU D 187 -31.13 19.35 -19.27
CA GLU D 187 -30.81 19.84 -17.93
C GLU D 187 -29.34 20.19 -17.82
N THR D 188 -28.46 19.50 -18.55
CA THR D 188 -27.06 19.90 -18.60
C THR D 188 -26.92 21.25 -19.29
N GLN D 189 -27.74 21.50 -20.31
CA GLN D 189 -27.78 22.82 -20.93
C GLN D 189 -28.26 23.89 -19.96
N ARG D 190 -29.23 23.54 -19.10
CA ARG D 190 -29.69 24.49 -18.08
C ARG D 190 -28.62 24.78 -17.03
N ILE D 191 -27.85 23.76 -16.64
CA ILE D 191 -26.76 23.96 -15.68
C ILE D 191 -25.69 24.86 -16.26
N LEU D 192 -25.23 24.56 -17.47
CA LEU D 192 -24.18 25.36 -18.08
C LEU D 192 -24.68 26.76 -18.43
N GLY D 193 -25.98 26.93 -18.67
CA GLY D 193 -26.54 28.23 -18.92
C GLY D 193 -26.87 29.04 -17.70
N SER D 194 -26.87 28.42 -16.51
CA SER D 194 -27.07 29.18 -15.29
C SER D 194 -25.94 30.17 -14.99
N ASP D 195 -24.73 29.92 -15.47
CA ASP D 195 -23.54 30.72 -15.15
C ASP D 195 -23.26 31.77 -16.23
N PHE D 196 -24.29 32.11 -16.99
CA PHE D 196 -24.16 33.07 -18.07
C PHE D 196 -23.80 34.46 -17.56
N GLN D 197 -24.30 34.86 -16.39
CA GLN D 197 -23.98 36.17 -15.84
C GLN D 197 -22.52 36.26 -15.41
N GLN D 198 -22.01 35.20 -14.78
CA GLN D 198 -20.61 35.18 -14.39
C GLN D 198 -19.69 35.15 -15.60
N VAL D 199 -20.07 34.42 -16.65
CA VAL D 199 -19.16 34.37 -17.79
C VAL D 199 -19.23 35.66 -18.62
N ARG D 200 -20.36 36.37 -18.58
CA ARG D 200 -20.41 37.67 -19.23
C ARG D 200 -19.57 38.69 -18.47
N ASN D 201 -19.66 38.68 -17.14
CA ASN D 201 -18.85 39.60 -16.35
C ASN D 201 -17.37 39.24 -16.40
N GLN D 202 -17.05 37.99 -16.73
CA GLN D 202 -15.65 37.64 -16.99
C GLN D 202 -15.20 38.12 -18.36
N LEU D 203 -16.07 38.03 -19.37
CA LEU D 203 -15.70 38.48 -20.71
C LEU D 203 -15.59 40.00 -20.80
N LEU D 204 -16.32 40.73 -19.94
CA LEU D 204 -16.19 42.18 -19.91
C LEU D 204 -14.82 42.64 -19.41
N GLU D 205 -14.12 41.80 -18.65
CA GLU D 205 -12.80 42.13 -18.12
C GLU D 205 -11.75 42.26 -19.21
N GLN D 206 -11.88 41.56 -20.33
CA GLN D 206 -10.89 41.66 -21.41
C GLN D 206 -11.53 41.39 -22.78
N LYS D 211 -11.03 49.90 -27.74
CA LYS D 211 -12.00 49.13 -26.98
C LYS D 211 -13.17 48.70 -27.85
N LYS D 212 -12.92 48.45 -29.14
CA LYS D 212 -13.99 47.98 -30.04
C LYS D 212 -14.46 46.58 -29.66
N ARG D 213 -13.54 45.73 -29.18
CA ARG D 213 -13.91 44.36 -28.85
C ARG D 213 -14.83 44.30 -27.66
N LEU D 214 -14.59 45.12 -26.63
CA LEU D 214 -15.54 45.22 -25.52
C LEU D 214 -16.85 45.87 -25.96
N GLU D 215 -16.78 46.74 -26.98
CA GLU D 215 -17.99 47.35 -27.52
C GLU D 215 -18.86 46.33 -28.26
N ILE D 216 -18.24 45.29 -28.81
CA ILE D 216 -19.07 44.24 -29.42
C ILE D 216 -19.37 43.11 -28.43
N CYS D 217 -18.56 42.97 -27.37
CA CYS D 217 -18.88 41.99 -26.32
C CYS D 217 -20.11 42.41 -25.53
N GLN D 218 -20.26 43.71 -25.26
CA GLN D 218 -21.41 44.14 -24.50
C GLN D 218 -22.70 44.14 -25.32
N GLU D 219 -22.60 44.06 -26.65
CA GLU D 219 -23.81 44.09 -27.46
C GLU D 219 -24.20 42.73 -28.01
N ALA D 220 -23.32 41.73 -27.93
CA ALA D 220 -23.61 40.46 -28.59
C ALA D 220 -23.09 39.25 -27.83
N VAL D 221 -23.06 39.33 -26.50
CA VAL D 221 -22.91 38.13 -25.68
C VAL D 221 -24.14 38.14 -24.81
N THR D 222 -25.27 37.76 -25.40
CA THR D 222 -26.54 37.82 -24.70
C THR D 222 -26.98 36.40 -24.34
N GLU D 223 -28.22 36.26 -23.86
CA GLU D 223 -28.63 34.97 -23.30
C GLU D 223 -28.87 33.93 -24.37
N ASP D 224 -29.64 34.28 -25.42
CA ASP D 224 -29.94 33.30 -26.45
C ASP D 224 -28.71 32.94 -27.27
N PHE D 225 -27.76 33.86 -27.39
CA PHE D 225 -26.50 33.52 -28.05
C PHE D 225 -25.73 32.47 -27.26
N TYR D 226 -25.72 32.59 -25.92
CA TYR D 226 -25.06 31.57 -25.13
C TYR D 226 -25.84 30.26 -25.12
N ASN D 227 -27.17 30.33 -25.21
CA ASN D 227 -27.94 29.10 -25.32
C ASN D 227 -27.69 28.38 -26.64
N ASN D 228 -27.54 29.15 -27.73
CA ASN D 228 -27.18 28.54 -29.01
C ASN D 228 -25.77 27.97 -28.98
N TYR D 229 -24.86 28.63 -28.28
CA TYR D 229 -23.53 28.06 -28.12
C TYR D 229 -23.56 26.79 -27.30
N LEU D 230 -24.42 26.72 -26.29
CA LEU D 230 -24.49 25.52 -25.48
C LEU D 230 -25.13 24.36 -26.25
N ASN D 231 -26.11 24.65 -27.11
CA ASN D 231 -26.63 23.60 -27.98
C ASN D 231 -25.58 23.15 -28.98
N LEU D 232 -24.77 24.09 -29.47
CA LEU D 232 -23.72 23.76 -30.43
C LEU D 232 -22.58 23.01 -29.77
N PHE D 233 -22.43 23.11 -28.46
CA PHE D 233 -21.41 22.33 -27.79
C PHE D 233 -21.92 20.95 -27.39
N LEU D 234 -23.14 20.88 -26.87
CA LEU D 234 -23.68 19.60 -26.47
C LEU D 234 -24.13 18.77 -27.65
N SER D 235 -24.17 19.35 -28.86
CA SER D 235 -24.29 18.52 -30.05
C SER D 235 -23.05 17.68 -30.27
N VAL D 236 -21.91 18.08 -29.72
CA VAL D 236 -20.66 17.37 -29.94
C VAL D 236 -20.21 16.58 -28.73
N PHE D 237 -20.01 17.20 -27.57
CA PHE D 237 -19.36 16.42 -26.51
C PHE D 237 -20.28 15.54 -25.69
N TYR D 238 -21.59 15.69 -25.79
CA TYR D 238 -22.48 14.99 -24.87
C TYR D 238 -22.44 13.48 -25.05
N LYS D 239 -22.11 13.00 -26.26
CA LYS D 239 -21.96 11.58 -26.45
C LYS D 239 -20.69 11.05 -25.82
N ALA D 240 -19.72 11.91 -25.54
CA ALA D 240 -18.45 11.41 -25.03
C ALA D 240 -18.40 11.47 -23.51
N CYS D 241 -19.08 12.45 -22.92
CA CYS D 241 -19.14 12.57 -21.47
C CYS D 241 -20.38 13.36 -21.09
N ARG D 242 -20.97 13.01 -19.95
CA ARG D 242 -22.02 13.80 -19.34
C ARG D 242 -21.56 14.41 -18.03
N ASP D 243 -20.27 14.32 -17.75
CA ASP D 243 -19.69 14.77 -16.49
C ASP D 243 -19.63 16.30 -16.49
N VAL D 244 -20.55 16.93 -15.76
CA VAL D 244 -20.80 18.38 -15.78
C VAL D 244 -19.57 19.24 -15.44
N PRO D 245 -18.72 18.92 -14.44
CA PRO D 245 -17.47 19.70 -14.28
C PRO D 245 -16.55 19.71 -15.49
N GLU D 246 -16.42 18.60 -16.22
CA GLU D 246 -15.56 18.63 -17.40
C GLU D 246 -16.20 19.43 -18.52
N LEU D 247 -17.53 19.39 -18.62
CA LEU D 247 -18.20 20.21 -19.61
C LEU D 247 -18.09 21.70 -19.31
N GLN D 248 -18.08 22.09 -18.02
CA GLN D 248 -17.81 23.47 -17.68
C GLN D 248 -16.39 23.87 -18.04
N LEU D 249 -15.43 23.02 -17.64
CA LEU D 249 -14.00 23.31 -17.80
C LEU D 249 -13.60 23.38 -19.26
N THR D 250 -14.29 22.66 -20.13
CA THR D 250 -13.96 22.76 -21.54
C THR D 250 -14.81 23.81 -22.24
N ALA D 251 -16.05 24.02 -21.76
CA ALA D 251 -16.96 24.97 -22.39
C ALA D 251 -16.47 26.39 -22.26
N ARG D 252 -15.79 26.74 -21.17
CA ARG D 252 -15.28 28.10 -21.05
C ARG D 252 -14.13 28.38 -22.02
N LYS D 253 -13.21 27.42 -22.19
CA LYS D 253 -12.12 27.60 -23.14
C LYS D 253 -12.62 27.62 -24.57
N CYS D 254 -13.60 26.78 -24.89
CA CYS D 254 -14.13 26.79 -26.24
C CYS D 254 -14.97 28.04 -26.51
N LEU D 255 -15.57 28.64 -25.48
CA LEU D 255 -16.16 29.96 -25.68
C LEU D 255 -15.09 31.02 -25.93
N SER D 256 -13.93 30.87 -25.28
CA SER D 256 -12.84 31.81 -25.51
C SER D 256 -12.28 31.72 -26.93
N THR D 257 -12.23 30.53 -27.52
CA THR D 257 -11.79 30.42 -28.91
C THR D 257 -12.94 30.60 -29.89
N TYR D 258 -14.18 30.59 -29.39
CA TYR D 258 -15.34 30.67 -30.27
C TYR D 258 -15.66 32.10 -30.66
N LEU D 259 -15.22 33.08 -29.86
CA LEU D 259 -15.80 34.40 -29.96
C LEU D 259 -15.07 35.31 -30.95
N GLU D 260 -14.00 34.84 -31.57
CA GLU D 260 -13.19 35.68 -32.46
C GLU D 260 -13.93 36.24 -33.68
N PRO D 261 -14.68 35.47 -34.49
CA PRO D 261 -15.31 36.12 -35.64
C PRO D 261 -16.62 36.80 -35.34
N VAL D 262 -16.96 36.99 -34.07
CA VAL D 262 -17.95 38.01 -33.74
C VAL D 262 -17.29 39.16 -32.99
N LEU D 263 -15.99 39.06 -32.73
CA LEU D 263 -15.22 40.23 -32.33
C LEU D 263 -14.79 41.06 -33.52
N ASP D 264 -14.92 40.51 -34.73
CA ASP D 264 -14.44 41.18 -35.93
C ASP D 264 -15.59 41.53 -36.87
N GLY D 265 -15.96 40.60 -37.74
CA GLY D 265 -17.04 40.81 -38.67
C GLY D 265 -17.27 39.60 -39.55
N SER D 273 -26.37 30.96 -37.78
CA SER D 273 -25.07 30.36 -37.48
C SER D 273 -23.93 31.33 -37.74
N ARG D 274 -23.45 31.30 -38.99
CA ARG D 274 -22.26 31.96 -39.54
C ARG D 274 -21.01 31.79 -38.66
N LEU D 275 -20.90 30.66 -37.97
CA LEU D 275 -19.85 30.40 -36.99
C LEU D 275 -19.57 28.93 -36.73
N TRP D 276 -20.48 28.01 -37.09
CA TRP D 276 -20.32 26.60 -36.76
C TRP D 276 -19.14 25.95 -37.47
N ARG D 277 -18.77 26.44 -38.65
CA ARG D 277 -17.59 25.91 -39.31
C ARG D 277 -16.32 26.28 -38.58
N HIS D 278 -16.23 27.57 -38.20
CA HIS D 278 -15.02 28.13 -37.60
C HIS D 278 -14.69 27.50 -36.26
N ILE D 279 -15.72 27.07 -35.51
CA ILE D 279 -15.46 26.45 -34.23
C ILE D 279 -15.54 24.92 -34.32
N ALA D 280 -16.28 24.38 -35.29
CA ALA D 280 -16.34 22.94 -35.46
C ALA D 280 -15.05 22.37 -35.99
N GLY D 281 -14.20 23.22 -36.56
CA GLY D 281 -12.81 22.85 -36.73
C GLY D 281 -12.12 22.47 -35.43
N PRO D 282 -11.83 23.47 -34.58
CA PRO D 282 -11.16 23.20 -33.29
C PRO D 282 -11.91 22.30 -32.32
N LEU D 283 -13.25 22.24 -32.36
CA LEU D 283 -13.97 21.37 -31.42
C LEU D 283 -13.63 19.89 -31.60
N ARG D 284 -13.37 19.47 -32.82
CA ARG D 284 -13.02 18.06 -33.01
C ARG D 284 -11.57 17.78 -32.67
N SER D 285 -10.77 18.83 -32.47
CA SER D 285 -9.49 18.68 -31.79
C SER D 285 -9.67 18.72 -30.28
N ALA D 286 -10.62 19.51 -29.80
CA ALA D 286 -10.91 19.62 -28.37
C ALA D 286 -11.47 18.32 -27.81
N LEU D 287 -12.21 17.56 -28.61
CA LEU D 287 -12.67 16.25 -28.18
C LEU D 287 -11.52 15.29 -27.97
N THR D 288 -10.46 15.42 -28.78
CA THR D 288 -9.29 14.57 -28.65
C THR D 288 -8.55 14.81 -27.35
N GLN D 289 -8.66 16.00 -26.79
CA GLN D 289 -8.03 16.30 -25.51
C GLN D 289 -9.04 16.38 -24.38
N ILE D 290 -10.02 15.47 -24.35
CA ILE D 290 -10.89 15.38 -23.20
C ILE D 290 -10.13 14.71 -22.07
N TYR D 291 -10.51 15.02 -20.83
CA TYR D 291 -10.00 14.45 -19.58
C TYR D 291 -8.53 14.76 -19.28
N MET D 292 -7.64 14.66 -20.28
CA MET D 292 -6.30 15.16 -20.13
C MET D 292 -6.34 16.67 -19.92
N ARG D 293 -5.54 17.17 -18.98
CA ARG D 293 -5.73 18.54 -18.52
C ARG D 293 -4.43 19.34 -18.59
N ILE D 294 -3.82 19.44 -19.76
CA ILE D 294 -2.71 20.36 -19.95
C ILE D 294 -3.27 21.75 -20.23
N GLU D 295 -2.53 22.78 -19.83
CA GLU D 295 -2.91 24.16 -20.13
C GLU D 295 -1.79 24.93 -20.85
N GLU D 320 14.49 12.16 -24.91
CA GLU D 320 14.85 11.17 -25.91
C GLU D 320 15.42 9.91 -25.28
N LEU D 321 15.95 9.02 -26.12
CA LEU D 321 16.41 7.73 -25.67
C LEU D 321 17.80 7.48 -26.24
N PRO D 322 18.65 6.74 -25.51
CA PRO D 322 19.91 6.29 -26.09
C PRO D 322 19.67 5.29 -27.20
N TYR D 323 20.64 5.23 -28.12
CA TYR D 323 20.53 4.39 -29.31
C TYR D 323 20.34 2.91 -28.95
N TYR D 324 21.16 2.40 -28.04
CA TYR D 324 21.04 1.00 -27.70
C TYR D 324 19.83 0.74 -26.83
N ALA D 325 19.34 1.74 -26.10
CA ALA D 325 18.05 1.60 -25.44
C ALA D 325 16.91 1.57 -26.43
N LYS D 326 17.06 2.23 -27.58
CA LYS D 326 16.06 2.09 -28.64
C LYS D 326 16.02 0.69 -29.18
N PHE D 327 17.20 0.10 -29.43
CA PHE D 327 17.22 -1.27 -29.91
C PHE D 327 16.75 -2.26 -28.85
N LEU D 328 17.00 -1.97 -27.57
CA LEU D 328 16.51 -2.86 -26.52
C LEU D 328 15.01 -2.78 -26.36
N LEU D 329 14.40 -1.60 -26.50
CA LEU D 329 12.95 -1.52 -26.47
C LEU D 329 12.31 -2.17 -27.69
N ILE D 330 12.99 -2.09 -28.85
CA ILE D 330 12.50 -2.78 -30.03
C ILE D 330 12.55 -4.30 -29.84
N ALA D 331 13.67 -4.81 -29.31
CA ALA D 331 13.78 -6.25 -29.07
C ALA D 331 12.84 -6.71 -27.96
N ALA D 332 12.51 -5.82 -27.01
CA ALA D 332 11.54 -6.17 -25.99
C ALA D 332 10.15 -6.30 -26.57
N PHE D 333 9.78 -5.42 -27.50
CA PHE D 333 8.49 -5.59 -28.17
C PHE D 333 8.47 -6.84 -29.04
N LEU D 334 9.61 -7.21 -29.62
CA LEU D 334 9.64 -8.42 -30.42
C LEU D 334 9.55 -9.67 -29.55
N ALA D 335 10.21 -9.65 -28.40
CA ALA D 335 10.11 -10.78 -27.47
C ALA D 335 8.74 -10.88 -26.83
N SER D 336 8.04 -9.76 -26.69
CA SER D 336 6.74 -9.79 -26.04
C SER D 336 5.57 -9.74 -27.01
N HIS D 337 5.82 -9.85 -28.32
CA HIS D 337 4.72 -9.99 -29.25
C HIS D 337 4.86 -11.14 -30.23
N ASN D 338 6.07 -11.48 -30.68
CA ASN D 338 6.23 -12.45 -31.75
C ASN D 338 6.36 -13.89 -31.26
N ALA D 339 5.71 -14.23 -30.14
CA ALA D 339 5.55 -15.58 -29.60
C ALA D 339 6.85 -16.31 -29.27
N ALA D 340 6.71 -17.50 -28.67
CA ALA D 340 7.87 -18.25 -28.24
C ALA D 340 8.43 -19.15 -29.33
N LYS D 341 7.70 -19.34 -30.43
CA LYS D 341 8.10 -20.33 -31.42
C LYS D 341 8.23 -19.78 -32.83
N GLN D 342 7.75 -18.57 -33.09
CA GLN D 342 8.03 -17.93 -34.36
C GLN D 342 9.50 -17.53 -34.51
N ASP D 343 10.24 -17.39 -33.41
CA ASP D 343 11.54 -16.75 -33.47
C ASP D 343 12.61 -17.66 -34.05
N LYS D 344 12.32 -18.96 -34.19
CA LYS D 344 13.27 -19.84 -34.87
C LYS D 344 13.39 -19.53 -36.36
N ARG D 345 12.30 -19.05 -36.99
CA ARG D 345 12.32 -18.82 -38.43
C ARG D 345 12.57 -17.37 -38.81
N LEU D 346 12.18 -16.41 -37.95
CA LEU D 346 12.56 -15.01 -38.18
C LEU D 346 14.05 -14.77 -38.00
N PHE D 347 14.71 -15.61 -37.22
CA PHE D 347 16.12 -15.43 -36.88
C PHE D 347 16.93 -16.67 -37.21
N LEU D 375 -4.31 -12.62 -27.08
CA LEU D 375 -4.08 -13.11 -25.73
C LEU D 375 -3.24 -12.10 -24.96
N GLY D 376 -2.91 -10.99 -25.61
CA GLY D 376 -2.13 -9.95 -25.00
C GLY D 376 -0.65 -10.18 -25.15
N PRO D 377 0.16 -9.23 -24.67
CA PRO D 377 1.61 -9.41 -24.67
C PRO D 377 2.03 -10.55 -23.74
N LYS D 378 3.07 -11.25 -24.15
CA LYS D 378 3.55 -12.41 -23.42
C LYS D 378 4.79 -12.08 -22.62
N SER D 379 4.85 -12.61 -21.40
CA SER D 379 6.01 -12.37 -20.56
C SER D 379 7.21 -13.18 -21.05
N PHE D 380 8.41 -12.67 -20.77
CA PHE D 380 9.62 -13.18 -21.38
C PHE D 380 10.80 -13.01 -20.45
N SER D 381 11.69 -13.99 -20.45
CA SER D 381 12.95 -13.89 -19.74
C SER D 381 13.95 -13.06 -20.54
N ILE D 382 14.91 -12.47 -19.81
CA ILE D 382 15.79 -11.46 -20.39
C ILE D 382 16.84 -12.06 -21.31
N ASP D 383 17.14 -13.35 -21.20
CA ASP D 383 18.08 -13.95 -22.14
C ASP D 383 17.49 -14.03 -23.55
N ARG D 384 16.17 -14.18 -23.63
CA ARG D 384 15.48 -14.02 -24.90
C ARG D 384 15.64 -12.59 -25.43
N LEU D 385 15.64 -11.62 -24.53
CA LEU D 385 15.83 -10.23 -24.92
C LEU D 385 17.24 -9.97 -25.43
N LEU D 386 18.25 -10.52 -24.76
CA LEU D 386 19.61 -10.36 -25.25
C LEU D 386 19.85 -11.14 -26.54
N ALA D 387 19.16 -12.27 -26.74
CA ALA D 387 19.32 -13.00 -27.98
C ALA D 387 18.71 -12.25 -29.17
N ILE D 388 17.52 -11.68 -28.99
CA ILE D 388 16.93 -10.87 -30.05
C ILE D 388 17.75 -9.59 -30.27
N PHE D 389 18.35 -9.05 -29.20
CA PHE D 389 19.22 -7.88 -29.33
C PHE D 389 20.48 -8.19 -30.13
N TYR D 390 21.06 -9.37 -29.91
CA TYR D 390 22.20 -9.79 -30.72
C TYR D 390 21.82 -9.99 -32.17
N ALA D 391 20.66 -10.60 -32.42
CA ALA D 391 20.24 -10.87 -33.78
C ALA D 391 19.90 -9.60 -34.53
N ILE D 392 19.29 -8.62 -33.86
CA ILE D 392 18.89 -7.38 -34.50
C ILE D 392 20.00 -6.33 -34.50
N LEU D 393 21.10 -6.57 -33.78
CA LEU D 393 22.10 -5.52 -33.61
C LEU D 393 22.98 -5.34 -34.84
N GLU D 394 23.33 -6.46 -35.49
CA GLU D 394 24.20 -6.57 -36.69
C GLU D 394 25.55 -5.86 -36.56
N GLU D 395 26.02 -5.66 -35.31
CA GLU D 395 27.33 -5.06 -35.05
C GLU D 395 28.07 -5.83 -33.97
N LYS D 396 27.30 -6.49 -33.08
CA LYS D 396 27.77 -7.31 -31.96
C LYS D 396 28.61 -6.52 -30.97
N VAL D 397 27.95 -5.77 -30.09
CA VAL D 397 28.64 -4.97 -29.08
C VAL D 397 29.12 -5.90 -27.96
N GLY D 398 30.21 -5.51 -27.30
CA GLY D 398 30.59 -6.18 -26.08
C GLY D 398 29.62 -5.88 -24.96
N LEU D 399 29.49 -6.82 -24.02
CA LEU D 399 28.45 -6.75 -23.00
C LEU D 399 29.00 -6.01 -21.80
N THR D 400 29.04 -4.69 -21.92
CA THR D 400 29.50 -3.79 -20.88
C THR D 400 28.49 -3.70 -19.75
N CYS D 401 28.95 -3.13 -18.63
CA CYS D 401 28.06 -2.85 -17.50
C CYS D 401 26.98 -1.85 -17.87
N ASN D 402 27.28 -0.93 -18.81
CA ASN D 402 26.31 0.09 -19.20
C ASN D 402 25.09 -0.50 -19.91
N LEU D 403 25.24 -1.64 -20.58
CA LEU D 403 24.11 -2.20 -21.30
C LEU D 403 23.12 -2.89 -20.36
N LEU D 404 23.63 -3.65 -19.40
CA LEU D 404 22.74 -4.22 -18.38
C LEU D 404 22.18 -3.14 -17.47
N SER D 405 22.93 -2.05 -17.27
CA SER D 405 22.35 -0.89 -16.61
C SER D 405 21.23 -0.28 -17.44
N GLN D 406 21.35 -0.32 -18.76
CA GLN D 406 20.27 0.16 -19.61
C GLN D 406 19.03 -0.70 -19.49
N ILE D 407 19.22 -2.01 -19.29
CA ILE D 407 18.10 -2.90 -18.98
C ILE D 407 17.41 -2.46 -17.70
N SER D 408 18.20 -2.20 -16.65
CA SER D 408 17.58 -1.83 -15.37
C SER D 408 16.95 -0.44 -15.41
N THR D 409 17.45 0.46 -16.26
CA THR D 409 16.80 1.77 -16.40
C THR D 409 15.51 1.70 -17.21
N LEU D 410 15.42 0.81 -18.21
CA LEU D 410 14.11 0.58 -18.82
C LEU D 410 13.14 -0.06 -17.84
N VAL D 411 13.65 -0.82 -16.87
CA VAL D 411 12.79 -1.28 -15.77
C VAL D 411 12.32 -0.10 -14.92
N HIS D 412 13.22 0.79 -14.52
CA HIS D 412 12.85 1.85 -13.57
C HIS D 412 11.96 2.92 -14.18
N LEU D 413 12.00 3.12 -15.50
CA LEU D 413 11.23 4.17 -16.15
C LEU D 413 9.87 3.70 -16.65
N ASN D 414 9.46 2.49 -16.25
CA ASN D 414 8.20 1.84 -16.68
C ASN D 414 8.15 1.70 -18.20
N LEU D 415 9.29 1.42 -18.82
CA LEU D 415 9.27 0.96 -20.20
C LEU D 415 9.24 -0.56 -20.28
N LEU D 416 9.73 -1.22 -19.25
CA LEU D 416 9.54 -2.64 -18.99
C LEU D 416 8.89 -2.79 -17.62
N SER D 417 8.45 -4.00 -17.32
CA SER D 417 7.83 -4.27 -16.03
C SER D 417 8.18 -5.69 -15.59
N PHE D 418 8.07 -5.91 -14.29
CA PHE D 418 8.33 -7.20 -13.68
C PHE D 418 7.00 -7.87 -13.32
N VAL D 419 6.99 -9.19 -13.35
CA VAL D 419 5.85 -9.96 -12.86
C VAL D 419 6.34 -10.98 -11.84
N SER D 420 7.56 -11.47 -12.00
CA SER D 420 8.08 -12.53 -11.15
C SER D 420 9.60 -12.54 -11.23
N GLY D 421 10.22 -13.30 -10.34
CA GLY D 421 11.66 -13.48 -10.35
C GLY D 421 12.45 -12.33 -9.79
N GLU D 422 11.82 -11.43 -9.03
CA GLU D 422 12.46 -10.21 -8.56
C GLU D 422 13.61 -10.52 -7.60
N GLN D 423 13.49 -11.61 -6.83
CA GLN D 423 14.51 -11.95 -5.85
C GLN D 423 15.76 -12.53 -6.50
N ASN D 424 15.68 -12.98 -7.76
CA ASN D 424 16.80 -13.63 -8.43
C ASN D 424 16.87 -13.13 -9.89
N ILE D 425 16.93 -11.81 -10.03
CA ILE D 425 17.07 -11.20 -11.35
C ILE D 425 18.42 -11.56 -11.98
N MET D 426 19.46 -11.69 -11.16
CA MET D 426 20.77 -12.06 -11.70
C MET D 426 20.85 -13.52 -12.07
N GLU D 427 19.91 -14.35 -11.61
CA GLU D 427 19.83 -15.74 -12.04
C GLU D 427 19.27 -15.91 -13.45
N GLY D 428 18.60 -14.88 -13.98
CA GLY D 428 18.03 -14.95 -15.30
C GLY D 428 16.66 -15.60 -15.36
N SER D 429 16.14 -16.08 -14.23
CA SER D 429 14.83 -16.71 -14.18
C SER D 429 13.69 -15.70 -14.08
N ALA D 430 14.00 -14.41 -13.93
CA ALA D 430 12.96 -13.42 -13.81
C ALA D 430 12.21 -13.23 -15.11
N ARG D 431 10.91 -13.01 -14.99
CA ARG D 431 10.03 -12.82 -16.13
C ARG D 431 9.73 -11.33 -16.26
N LEU D 432 10.01 -10.78 -17.43
CA LEU D 432 9.78 -9.38 -17.73
C LEU D 432 8.67 -9.24 -18.75
N GLN D 433 8.20 -8.01 -18.93
CA GLN D 433 7.02 -7.75 -19.74
C GLN D 433 7.13 -6.40 -20.40
N CYS D 434 7.36 -6.39 -21.71
CA CYS D 434 7.42 -5.14 -22.45
C CYS D 434 6.05 -4.49 -22.53
N THR D 435 6.02 -3.17 -22.33
CA THR D 435 4.77 -2.41 -22.23
C THR D 435 4.80 -1.20 -23.18
N ILE D 436 4.60 -1.46 -24.47
CA ILE D 436 4.50 -0.38 -25.45
C ILE D 436 3.64 -0.84 -26.62
N GLY D 437 2.83 0.09 -27.16
CA GLY D 437 2.03 -0.19 -28.32
C GLY D 437 2.82 -0.07 -29.61
N LEU D 438 2.14 -0.35 -30.73
CA LEU D 438 2.80 -0.40 -32.03
C LEU D 438 3.30 0.97 -32.49
N GLU D 439 2.61 2.05 -32.12
CA GLU D 439 2.87 3.34 -32.74
C GLU D 439 4.21 3.93 -32.30
N PHE D 440 4.52 3.86 -31.02
CA PHE D 440 5.78 4.45 -30.58
C PHE D 440 6.98 3.59 -30.98
N VAL D 441 6.85 2.27 -30.99
CA VAL D 441 7.98 1.45 -31.44
C VAL D 441 8.18 1.59 -32.94
N LEU D 442 7.10 1.89 -33.69
CA LEU D 442 7.29 2.29 -35.08
C LEU D 442 7.97 3.65 -35.19
N GLN D 443 7.70 4.57 -34.26
CA GLN D 443 8.43 5.83 -34.24
C GLN D 443 9.90 5.63 -33.91
N ILE D 444 10.20 4.63 -33.08
CA ILE D 444 11.58 4.29 -32.76
C ILE D 444 12.28 3.68 -33.98
N GLY D 445 11.58 2.81 -34.70
CA GLY D 445 12.15 2.26 -35.91
C GLY D 445 12.21 3.25 -37.05
N LYS D 446 11.46 4.34 -36.95
CA LYS D 446 11.60 5.44 -37.92
C LYS D 446 12.78 6.33 -37.59
N VAL D 447 12.94 6.70 -36.30
CA VAL D 447 14.05 7.58 -35.93
C VAL D 447 15.39 6.88 -36.01
N VAL D 448 15.43 5.55 -35.91
CA VAL D 448 16.59 4.79 -36.34
C VAL D 448 16.61 4.64 -37.85
N GLY D 449 15.44 4.56 -38.47
CA GLY D 449 15.31 4.22 -39.87
C GLY D 449 15.26 2.75 -40.15
N PHE D 450 15.36 1.91 -39.13
CA PHE D 450 15.36 0.46 -39.27
C PHE D 450 13.92 -0.02 -39.07
N ASN D 451 13.32 -0.54 -40.14
CA ASN D 451 11.95 -1.02 -40.05
C ASN D 451 11.85 -2.28 -39.20
N VAL D 452 10.76 -2.38 -38.44
CA VAL D 452 10.52 -3.53 -37.58
C VAL D 452 9.38 -4.40 -38.09
N ARG D 453 8.70 -4.00 -39.18
CA ARG D 453 7.59 -4.80 -39.68
C ARG D 453 8.06 -6.05 -40.41
N GLN D 454 9.34 -6.12 -40.77
CA GLN D 454 9.88 -7.31 -41.41
C GLN D 454 9.90 -8.51 -40.46
N TYR D 455 9.96 -8.26 -39.15
CA TYR D 455 9.98 -9.31 -38.16
C TYR D 455 8.67 -9.31 -37.38
N ASP E 224 60.71 2.27 -30.68
CA ASP E 224 61.61 1.85 -29.61
C ASP E 224 62.44 3.03 -29.11
N TYR E 225 62.57 3.13 -27.79
CA TYR E 225 63.43 4.15 -27.20
C TYR E 225 64.91 3.90 -27.45
N GLU E 226 65.35 2.63 -27.48
CA GLU E 226 66.77 2.35 -27.42
C GLU E 226 67.47 2.62 -28.75
N ILE E 227 66.89 2.18 -29.86
CA ILE E 227 67.50 2.45 -31.16
C ILE E 227 67.46 3.94 -31.48
N TRP E 228 66.40 4.64 -31.08
CA TRP E 228 66.34 6.08 -31.25
C TRP E 228 67.35 6.78 -30.35
N LYS E 229 67.61 6.21 -29.16
CA LYS E 229 68.61 6.77 -28.26
C LYS E 229 70.00 6.67 -28.87
N ALA E 230 70.34 5.50 -29.43
CA ALA E 230 71.65 5.33 -30.07
C ALA E 230 71.77 6.22 -31.30
N ARG E 231 70.70 6.32 -32.09
CA ARG E 231 70.74 7.07 -33.34
C ARG E 231 70.87 8.57 -33.09
N MET E 232 70.08 9.12 -32.18
CA MET E 232 70.13 10.55 -31.96
C MET E 232 71.24 11.01 -31.03
N LEU E 233 71.73 10.15 -30.13
CA LEU E 233 72.92 10.53 -29.39
C LEU E 233 74.18 10.28 -30.21
N ALA E 234 74.07 9.56 -31.33
CA ALA E 234 75.15 9.58 -32.31
C ALA E 234 75.05 10.78 -33.24
N LYS E 235 73.81 11.19 -33.57
CA LYS E 235 73.60 12.25 -34.55
C LYS E 235 73.76 13.63 -33.92
N ALA E 236 72.80 14.03 -33.07
CA ALA E 236 72.85 15.33 -32.40
C ALA E 236 74.01 15.46 -31.43
N GLN E 237 74.44 14.37 -30.82
CA GLN E 237 75.64 14.40 -29.99
C GLN E 237 76.76 13.64 -30.68
N THR F 83 -5.79 7.38 47.47
CA THR F 83 -5.21 7.83 46.22
C THR F 83 -4.98 6.62 45.31
N PRO F 84 -5.10 6.82 43.99
CA PRO F 84 -4.87 5.71 43.05
C PRO F 84 -3.50 5.06 43.12
N SER F 85 -2.44 5.83 43.42
CA SER F 85 -1.09 5.26 43.42
C SER F 85 -0.89 4.28 44.58
N GLN F 86 -1.37 4.63 45.77
CA GLN F 86 -1.27 3.72 46.90
C GLN F 86 -2.11 2.47 46.67
N LYS F 87 -3.26 2.60 46.00
CA LYS F 87 -4.08 1.41 45.81
C LYS F 87 -3.52 0.51 44.71
N MET F 88 -2.90 1.05 43.65
CA MET F 88 -2.30 0.16 42.67
C MET F 88 -1.05 -0.50 43.21
N LYS F 89 -0.31 0.19 44.10
CA LYS F 89 0.76 -0.48 44.84
C LYS F 89 0.22 -1.53 45.81
N LYS F 90 -0.97 -1.30 46.38
CA LYS F 90 -1.59 -2.31 47.24
C LYS F 90 -2.00 -3.55 46.45
N ILE F 91 -2.41 -3.38 45.19
CA ILE F 91 -2.76 -4.53 44.38
C ILE F 91 -1.50 -5.27 43.92
N ARG F 92 -0.48 -4.53 43.49
CA ARG F 92 0.71 -5.18 42.93
C ARG F 92 1.52 -5.95 43.96
N ALA F 93 1.50 -5.53 45.22
CA ALA F 93 2.07 -6.35 46.27
C ALA F 93 1.05 -7.29 46.90
N GLY F 94 -0.23 -7.13 46.55
CA GLY F 94 -1.26 -8.09 46.92
C GLY F 94 -1.90 -7.93 48.27
N GLU F 95 -1.52 -6.91 49.05
CA GLU F 95 -2.07 -6.77 50.39
C GLU F 95 -3.52 -6.28 50.41
N LEU F 96 -4.03 -5.72 49.32
CA LEU F 96 -5.44 -5.36 49.21
C LEU F 96 -6.23 -6.56 48.73
N SER F 97 -7.17 -7.02 49.54
CA SER F 97 -8.01 -8.15 49.15
C SER F 97 -9.03 -7.69 48.12
N PRO F 98 -9.16 -8.40 47.00
CA PRO F 98 -10.26 -8.12 46.07
C PRO F 98 -11.61 -8.45 46.71
N SER F 99 -12.61 -7.65 46.35
CA SER F 99 -13.94 -7.82 46.90
C SER F 99 -14.99 -7.24 45.97
N MET F 100 -16.18 -7.83 46.02
CA MET F 100 -17.35 -7.35 45.31
C MET F 100 -18.29 -6.68 46.30
N GLN F 101 -19.17 -5.84 45.78
CA GLN F 101 -20.19 -5.21 46.60
C GLN F 101 -21.18 -6.27 47.09
N GLN F 102 -21.52 -6.19 48.38
CA GLN F 102 -22.45 -7.12 48.99
C GLN F 102 -23.88 -6.73 48.68
N ARG F 103 -24.77 -7.72 48.74
CA ARG F 103 -26.19 -7.46 48.57
C ARG F 103 -26.70 -6.59 49.71
N THR F 104 -27.49 -5.59 49.35
CA THR F 104 -28.11 -4.77 50.40
C THR F 104 -29.27 -5.52 51.04
N ASP F 105 -30.09 -6.19 50.25
CA ASP F 105 -31.10 -7.09 50.77
C ASP F 105 -30.46 -8.39 51.25
N LEU F 106 -31.01 -8.95 52.32
CA LEU F 106 -30.51 -10.22 52.83
C LEU F 106 -30.91 -11.36 51.90
N PRO F 107 -30.11 -12.45 51.85
CA PRO F 107 -30.49 -13.63 51.07
C PRO F 107 -31.77 -14.29 51.57
N ALA F 108 -32.54 -14.86 50.62
CA ALA F 108 -33.84 -15.45 50.92
C ALA F 108 -33.71 -16.68 51.82
N LYS F 109 -34.69 -16.86 52.71
CA LYS F 109 -34.64 -17.91 53.72
C LYS F 109 -34.91 -19.29 53.11
N ASP F 110 -34.22 -20.28 53.69
CA ASP F 110 -34.28 -21.66 53.20
C ASP F 110 -35.65 -22.31 53.42
N SER F 111 -36.37 -21.90 54.47
CA SER F 111 -37.61 -22.59 54.85
C SER F 111 -38.73 -22.39 53.85
N SER F 112 -38.72 -21.29 53.10
CA SER F 112 -39.79 -21.03 52.14
C SER F 112 -39.64 -21.81 50.85
N LYS F 113 -38.51 -22.47 50.62
CA LYS F 113 -38.28 -23.17 49.37
C LYS F 113 -39.17 -24.40 49.23
N SER F 114 -39.70 -24.58 48.01
CA SER F 114 -40.49 -25.74 47.67
C SER F 114 -39.59 -26.97 47.49
N GLU F 115 -40.21 -28.15 47.59
CA GLU F 115 -39.46 -29.39 47.38
C GLU F 115 -38.92 -29.49 45.96
N LEU F 116 -39.66 -28.98 44.98
CA LEU F 116 -39.12 -28.83 43.64
C LEU F 116 -37.99 -27.81 43.62
N GLN F 117 -38.11 -26.74 44.41
CA GLN F 117 -37.08 -25.71 44.44
C GLN F 117 -35.80 -26.21 45.10
N LEU F 118 -35.94 -26.97 46.19
CA LEU F 118 -34.77 -27.60 46.80
C LEU F 118 -34.17 -28.65 45.89
N ALA F 119 -35.01 -29.36 45.13
CA ALA F 119 -34.52 -30.33 44.16
C ALA F 119 -33.73 -29.65 43.05
N ARG F 120 -34.15 -28.45 42.66
CA ARG F 120 -33.38 -27.69 41.67
C ARG F 120 -32.07 -27.19 42.25
N GLU F 121 -32.10 -26.69 43.49
CA GLU F 121 -30.90 -26.15 44.10
C GLU F 121 -29.84 -27.21 44.36
N GLN F 122 -30.25 -28.45 44.65
CA GLN F 122 -29.25 -29.50 44.78
C GLN F 122 -28.78 -30.00 43.42
N LEU F 123 -29.50 -29.65 42.35
CA LEU F 123 -29.17 -30.13 41.01
C LEU F 123 -28.31 -29.16 40.22
N HIS F 124 -27.83 -28.09 40.83
CA HIS F 124 -26.94 -27.18 40.14
C HIS F 124 -25.59 -27.85 39.92
N VAL F 125 -24.94 -27.52 38.81
CA VAL F 125 -23.67 -28.14 38.46
C VAL F 125 -22.54 -27.75 39.39
N SER F 126 -22.64 -26.59 40.06
CA SER F 126 -21.59 -26.11 40.94
C SER F 126 -21.39 -26.96 42.18
N VAL F 127 -22.46 -27.58 42.70
CA VAL F 127 -22.44 -28.17 44.02
C VAL F 127 -21.85 -29.58 43.86
N VAL F 128 -20.53 -29.65 43.90
CA VAL F 128 -19.83 -30.93 43.83
C VAL F 128 -19.97 -31.67 45.15
N PRO F 129 -20.39 -32.93 45.14
CA PRO F 129 -20.45 -33.71 46.38
C PRO F 129 -19.06 -33.98 46.94
N LYS F 130 -19.00 -34.12 48.27
CA LYS F 130 -17.75 -34.47 48.93
C LYS F 130 -17.26 -35.85 48.53
N SER F 131 -18.18 -36.78 48.27
CA SER F 131 -17.84 -38.09 47.74
C SER F 131 -18.48 -38.22 46.37
N LEU F 132 -17.67 -38.33 45.34
CA LEU F 132 -18.20 -38.38 43.98
C LEU F 132 -18.73 -39.78 43.70
N PRO F 133 -19.98 -39.92 43.27
CA PRO F 133 -20.46 -41.22 42.79
C PRO F 133 -19.75 -41.67 41.53
N CYS F 134 -19.58 -42.99 41.43
CA CYS F 134 -18.98 -43.76 40.33
C CYS F 134 -17.68 -43.18 39.80
N ARG F 135 -16.75 -42.81 40.68
CA ARG F 135 -15.43 -42.38 40.26
C ARG F 135 -14.36 -42.90 41.20
N GLU F 136 -14.73 -43.89 42.03
CA GLU F 136 -13.90 -44.31 43.15
C GLU F 136 -12.60 -44.96 42.72
N ARG F 137 -12.58 -45.56 41.53
CA ARG F 137 -11.36 -46.18 41.05
C ARG F 137 -10.30 -45.14 40.72
N GLU F 138 -10.70 -44.10 39.97
CA GLU F 138 -9.75 -43.02 39.67
C GLU F 138 -9.39 -42.24 40.92
N PHE F 139 -10.31 -42.12 41.88
CA PHE F 139 -10.01 -41.41 43.11
C PHE F 139 -8.96 -42.18 43.92
N GLU F 140 -9.13 -43.49 44.07
CA GLU F 140 -8.13 -44.26 44.80
C GLU F 140 -6.82 -44.34 44.04
N ASN F 141 -6.86 -44.29 42.71
CA ASN F 141 -5.62 -44.30 41.92
C ASN F 141 -4.82 -43.03 42.15
N ILE F 142 -5.47 -41.87 41.99
CA ILE F 142 -4.77 -40.60 42.19
C ILE F 142 -4.37 -40.42 43.65
N TYR F 143 -5.18 -40.96 44.59
CA TYR F 143 -4.88 -40.80 46.00
C TYR F 143 -3.67 -41.61 46.41
N ALA F 144 -3.62 -42.89 46.00
CA ALA F 144 -2.46 -43.72 46.29
C ALA F 144 -1.21 -43.20 45.59
N PHE F 145 -1.38 -42.66 44.36
CA PHE F 145 -0.22 -42.15 43.64
C PHE F 145 0.36 -40.91 44.29
N LEU F 146 -0.48 -39.89 44.53
CA LEU F 146 0.02 -38.66 45.13
C LEU F 146 0.48 -38.85 46.57
N GLU F 147 -0.14 -39.78 47.31
CA GLU F 147 0.34 -40.06 48.65
C GLU F 147 1.70 -40.74 48.63
N GLY F 148 1.91 -41.68 47.71
CA GLY F 148 3.19 -42.36 47.65
C GLY F 148 4.27 -41.51 47.02
N LYS F 149 3.87 -40.43 46.34
CA LYS F 149 4.89 -39.51 45.84
C LYS F 149 5.12 -38.35 46.80
N ILE F 150 4.21 -38.11 47.74
CA ILE F 150 4.38 -36.95 48.61
C ILE F 150 4.93 -37.39 49.97
N GLN F 151 4.87 -38.68 50.30
CA GLN F 151 5.58 -39.13 51.49
C GLN F 151 7.04 -39.40 51.22
N ASP F 152 7.36 -39.95 50.04
CA ASP F 152 8.71 -40.41 49.78
C ASP F 152 9.60 -39.33 49.19
N GLN F 153 9.07 -38.12 49.03
CA GLN F 153 9.84 -36.90 48.75
C GLN F 153 10.62 -37.00 47.42
N CYS F 154 9.99 -37.54 46.39
CA CYS F 154 10.69 -37.75 45.13
C CYS F 154 10.16 -36.92 43.97
N GLY F 155 8.85 -36.81 43.81
CA GLY F 155 8.28 -35.96 42.79
C GLY F 155 8.29 -36.60 41.41
N GLY F 156 7.53 -36.00 40.51
CA GLY F 156 7.42 -36.53 39.17
C GLY F 156 6.29 -35.86 38.39
N CYS F 157 5.73 -36.62 37.47
CA CYS F 157 4.71 -36.09 36.56
C CYS F 157 3.62 -37.13 36.37
N MET F 158 2.40 -36.64 36.15
CA MET F 158 1.27 -37.51 35.89
C MET F 158 0.32 -36.76 34.97
N TYR F 159 -0.29 -37.50 34.05
CA TYR F 159 -1.06 -36.94 32.94
C TYR F 159 -2.43 -37.60 32.92
N VAL F 160 -3.45 -36.90 33.42
CA VAL F 160 -4.81 -37.40 33.31
C VAL F 160 -5.47 -36.73 32.11
N SER F 161 -6.32 -37.49 31.43
CA SER F 161 -6.90 -36.97 30.20
C SER F 161 -8.22 -37.63 29.91
N GLY F 162 -9.04 -36.92 29.15
CA GLY F 162 -10.32 -37.47 28.73
C GLY F 162 -11.24 -36.43 28.12
N VAL F 163 -12.39 -36.89 27.62
CA VAL F 163 -13.40 -36.07 26.98
C VAL F 163 -13.93 -35.10 28.02
N PRO F 164 -14.20 -33.84 27.69
CA PRO F 164 -14.76 -32.91 28.67
C PRO F 164 -16.13 -33.36 29.16
N GLY F 165 -16.41 -33.05 30.43
CA GLY F 165 -17.59 -33.54 31.12
C GLY F 165 -17.38 -34.80 31.93
N THR F 166 -16.16 -35.32 31.98
CA THR F 166 -15.85 -36.55 32.70
C THR F 166 -15.47 -36.31 34.16
N GLY F 167 -15.47 -35.07 34.62
CA GLY F 167 -15.21 -34.82 36.03
C GLY F 167 -13.77 -34.97 36.47
N LYS F 168 -12.82 -34.61 35.61
CA LYS F 168 -11.40 -34.72 35.96
C LYS F 168 -11.01 -33.75 37.07
N THR F 169 -11.24 -32.45 36.83
CA THR F 169 -10.78 -31.41 37.73
C THR F 169 -11.47 -31.50 39.08
N ALA F 170 -12.75 -31.93 39.09
CA ALA F 170 -13.44 -32.14 40.36
C ALA F 170 -12.81 -33.27 41.15
N THR F 171 -12.32 -34.31 40.47
CA THR F 171 -11.71 -35.43 41.17
C THR F 171 -10.34 -35.06 41.73
N VAL F 172 -9.51 -34.39 40.94
CA VAL F 172 -8.18 -34.04 41.44
C VAL F 172 -8.25 -32.96 42.52
N THR F 173 -9.16 -31.99 42.38
CA THR F 173 -9.36 -31.03 43.45
C THR F 173 -9.95 -31.68 44.68
N GLY F 174 -10.80 -32.71 44.51
CA GLY F 174 -11.34 -33.40 45.66
C GLY F 174 -10.29 -34.21 46.41
N VAL F 175 -9.37 -34.83 45.68
CA VAL F 175 -8.36 -35.62 46.37
C VAL F 175 -7.31 -34.71 47.01
N ILE F 176 -7.01 -33.55 46.41
CA ILE F 176 -6.14 -32.60 47.08
C ILE F 176 -6.81 -31.99 48.30
N ARG F 177 -8.15 -31.84 48.25
CA ARG F 177 -8.88 -31.35 49.41
C ARG F 177 -8.84 -32.37 50.54
N THR F 178 -8.94 -33.66 50.21
CA THR F 178 -8.82 -34.69 51.22
C THR F 178 -7.40 -34.75 51.79
N LEU F 179 -6.39 -34.52 50.95
CA LEU F 179 -5.01 -34.54 51.46
C LEU F 179 -4.70 -33.35 52.35
N GLN F 180 -5.21 -32.16 52.03
CA GLN F 180 -5.01 -31.04 52.93
C GLN F 180 -5.80 -31.20 54.23
N ARG F 181 -6.98 -31.83 54.17
CA ARG F 181 -7.70 -32.13 55.39
C ARG F 181 -6.97 -33.17 56.22
N MET F 182 -6.24 -34.07 55.55
CA MET F 182 -5.36 -35.00 56.25
C MET F 182 -4.18 -34.27 56.90
N ALA F 183 -3.61 -33.30 56.20
CA ALA F 183 -2.47 -32.56 56.72
C ALA F 183 -2.84 -31.67 57.91
N LYS F 184 -4.09 -31.20 57.97
CA LYS F 184 -4.54 -30.50 59.17
C LYS F 184 -4.61 -31.42 60.38
N GLN F 185 -4.85 -32.71 60.19
CA GLN F 185 -4.75 -33.70 61.25
C GLN F 185 -3.36 -34.31 61.35
N ASN F 186 -2.43 -33.84 60.52
CA ASN F 186 -0.98 -34.14 60.60
C ASN F 186 -0.67 -35.62 60.42
N GLU F 187 -1.52 -36.34 59.71
CA GLU F 187 -1.18 -37.69 59.30
C GLU F 187 -0.22 -37.73 58.13
N LEU F 188 -0.02 -36.59 57.47
CA LEU F 188 0.81 -36.44 56.27
C LEU F 188 1.75 -35.27 56.51
N PRO F 189 2.92 -35.28 55.89
CA PRO F 189 3.75 -34.06 55.87
C PRO F 189 3.04 -32.92 55.17
N ALA F 190 3.26 -31.71 55.69
CA ALA F 190 2.64 -30.52 55.13
C ALA F 190 3.18 -30.21 53.75
N PHE F 191 2.37 -29.53 52.95
CA PHE F 191 2.72 -29.20 51.59
C PHE F 191 1.91 -27.99 51.16
N GLU F 192 2.43 -27.26 50.19
CA GLU F 192 1.68 -26.19 49.55
C GLU F 192 1.14 -26.69 48.21
N TYR F 193 -0.16 -26.54 48.01
CA TYR F 193 -0.82 -26.93 46.76
C TYR F 193 -0.86 -25.71 45.85
N LEU F 194 -0.15 -25.78 44.74
CA LEU F 194 -0.24 -24.75 43.73
C LEU F 194 -1.26 -25.16 42.68
N GLU F 195 -1.81 -24.17 41.97
CA GLU F 195 -2.64 -24.48 40.83
C GLU F 195 -2.51 -23.35 39.82
N ILE F 196 -2.68 -23.71 38.55
CA ILE F 196 -2.78 -22.74 37.48
C ILE F 196 -4.02 -23.07 36.66
N ASN F 197 -4.19 -22.33 35.59
CA ASN F 197 -5.24 -22.58 34.60
C ASN F 197 -4.78 -21.89 33.33
N GLY F 198 -4.61 -22.67 32.27
CA GLY F 198 -3.98 -22.15 31.07
C GLY F 198 -4.76 -21.08 30.35
N MET F 199 -6.10 -21.14 30.38
CA MET F 199 -6.91 -20.18 29.67
C MET F 199 -7.26 -18.95 30.49
N ARG F 200 -6.91 -18.93 31.77
CA ARG F 200 -7.00 -17.73 32.58
C ARG F 200 -5.77 -16.85 32.43
N LEU F 201 -4.81 -17.28 31.63
CA LEU F 201 -3.60 -16.53 31.31
C LEU F 201 -3.86 -15.70 30.07
N THR F 202 -2.94 -14.80 29.77
CA THR F 202 -2.96 -14.15 28.46
C THR F 202 -1.95 -14.85 27.55
N GLU F 203 -0.74 -14.33 27.49
CA GLU F 203 0.34 -15.06 26.85
C GLU F 203 0.72 -16.26 27.72
N PRO F 204 1.19 -17.35 27.13
CA PRO F 204 1.63 -18.50 27.96
C PRO F 204 2.75 -18.18 28.95
N ARG F 205 3.66 -17.27 28.61
CA ARG F 205 4.78 -16.92 29.48
C ARG F 205 4.32 -16.29 30.79
N GLN F 206 3.14 -15.68 30.80
CA GLN F 206 2.50 -15.13 31.99
C GLN F 206 2.26 -16.17 33.06
N ALA F 207 2.20 -17.46 32.68
CA ALA F 207 2.10 -18.55 33.65
C ALA F 207 3.27 -18.57 34.62
N TYR F 208 4.46 -18.16 34.15
CA TYR F 208 5.61 -18.06 35.05
C TYR F 208 5.40 -17.04 36.15
N VAL F 209 4.62 -15.99 35.88
CA VAL F 209 4.26 -15.08 36.95
C VAL F 209 3.29 -15.72 37.91
N GLN F 210 2.35 -16.53 37.41
CA GLN F 210 1.25 -16.99 38.24
C GLN F 210 1.66 -18.04 39.26
N ILE F 211 2.55 -18.97 38.84
CA ILE F 211 3.12 -19.96 39.74
C ILE F 211 3.80 -19.29 40.91
N TYR F 212 4.67 -18.32 40.60
CA TYR F 212 5.34 -17.54 41.64
C TYR F 212 4.34 -16.68 42.42
N LYS F 213 3.23 -16.28 41.78
CA LYS F 213 2.20 -15.52 42.49
C LYS F 213 1.54 -16.37 43.56
N GLN F 214 1.48 -17.68 43.38
CA GLN F 214 0.98 -18.51 44.45
C GLN F 214 2.11 -19.11 45.28
N LEU F 215 3.34 -18.66 45.06
CA LEU F 215 4.45 -19.08 45.90
C LEU F 215 4.65 -18.09 47.04
N THR F 216 5.58 -17.16 46.84
CA THR F 216 5.83 -16.10 47.81
C THR F 216 4.68 -15.11 47.89
N GLY F 217 3.89 -15.00 46.83
CA GLY F 217 2.89 -13.98 46.71
C GLY F 217 3.37 -12.70 46.08
N LYS F 218 4.67 -12.59 45.80
CA LYS F 218 5.19 -11.42 45.11
C LYS F 218 4.85 -11.48 43.63
N THR F 219 4.72 -10.32 43.01
CA THR F 219 4.45 -10.21 41.59
C THR F 219 5.64 -9.52 40.91
N VAL F 220 5.95 -9.96 39.70
CA VAL F 220 7.18 -9.57 39.02
C VAL F 220 7.02 -9.87 37.53
N SER F 221 7.88 -9.28 36.71
CA SER F 221 7.92 -9.55 35.28
C SER F 221 8.37 -10.99 35.03
N TRP F 222 7.93 -11.54 33.89
CA TRP F 222 8.03 -12.98 33.65
C TRP F 222 9.47 -13.46 33.50
N GLU F 223 10.39 -12.61 33.08
CA GLU F 223 11.78 -13.05 32.97
C GLU F 223 12.42 -13.19 34.36
N GLN F 224 12.20 -12.20 35.22
CA GLN F 224 12.63 -12.34 36.61
C GLN F 224 11.89 -13.44 37.32
N ALA F 225 10.62 -13.67 36.95
CA ALA F 225 9.89 -14.82 37.46
C ALA F 225 10.51 -16.12 37.00
N HIS F 226 11.04 -16.15 35.77
CA HIS F 226 11.70 -17.34 35.25
C HIS F 226 12.97 -17.63 36.03
N ALA F 227 13.74 -16.58 36.31
CA ALA F 227 14.97 -16.73 37.09
C ALA F 227 14.68 -17.13 38.54
N LEU F 228 13.62 -16.59 39.14
CA LEU F 228 13.30 -16.96 40.52
C LEU F 228 12.70 -18.35 40.63
N LEU F 229 11.93 -18.78 39.62
CA LEU F 229 11.48 -20.17 39.61
C LEU F 229 12.65 -21.12 39.42
N GLU F 230 13.66 -20.70 38.65
CA GLU F 230 14.88 -21.47 38.56
C GLU F 230 15.60 -21.51 39.91
N LYS F 231 15.67 -20.37 40.59
CA LYS F 231 16.39 -20.30 41.87
C LYS F 231 15.69 -21.08 42.97
N ARG F 232 14.36 -21.21 42.90
CA ARG F 232 13.71 -22.14 43.83
C ARG F 232 13.83 -23.57 43.33
N PHE F 233 14.16 -23.77 42.05
CA PHE F 233 14.17 -25.15 41.58
C PHE F 233 15.57 -25.70 41.34
N THR F 234 16.49 -24.90 40.81
CA THR F 234 17.83 -25.40 40.50
C THR F 234 18.68 -25.67 41.75
N THR F 235 18.40 -25.01 42.88
CA THR F 235 19.30 -25.05 44.02
C THR F 235 18.90 -26.15 45.00
N PRO F 236 19.78 -27.11 45.29
CA PRO F 236 19.53 -28.05 46.39
C PRO F 236 19.69 -27.43 47.77
N ALA F 237 18.60 -26.88 48.31
CA ALA F 237 18.62 -26.17 49.58
C ALA F 237 17.53 -26.70 50.49
N PRO F 238 17.79 -27.81 51.21
CA PRO F 238 16.84 -28.26 52.23
C PRO F 238 16.71 -27.23 53.34
N ARG F 239 15.51 -27.08 53.91
CA ARG F 239 14.33 -27.94 53.67
C ARG F 239 13.49 -27.52 52.46
N ARG F 240 13.40 -28.43 51.48
CA ARG F 240 12.57 -28.19 50.31
C ARG F 240 11.30 -29.02 50.37
N VAL F 241 10.22 -28.37 50.79
CA VAL F 241 8.91 -28.99 50.95
C VAL F 241 8.39 -29.36 49.56
N THR F 242 7.76 -30.52 49.45
CA THR F 242 7.08 -30.92 48.24
C THR F 242 5.89 -30.02 47.96
N THR F 243 5.70 -29.68 46.71
CA THR F 243 4.57 -28.87 46.26
C THR F 243 4.00 -29.46 44.98
N VAL F 244 2.72 -29.80 45.01
CA VAL F 244 2.00 -30.32 43.86
C VAL F 244 1.69 -29.15 42.94
N LEU F 245 1.49 -29.44 41.66
CA LEU F 245 1.21 -28.42 40.67
C LEU F 245 0.13 -28.95 39.73
N LEU F 246 -1.13 -28.75 40.12
CA LEU F 246 -2.25 -29.04 39.23
C LEU F 246 -2.22 -28.10 38.05
N VAL F 247 -2.43 -28.65 36.84
CA VAL F 247 -2.37 -27.88 35.60
C VAL F 247 -3.67 -28.10 34.84
N ASP F 248 -4.59 -27.15 34.93
CA ASP F 248 -5.70 -27.11 33.99
C ASP F 248 -5.20 -26.73 32.60
N GLU F 249 -5.73 -27.43 31.60
CA GLU F 249 -5.66 -27.10 30.17
C GLU F 249 -4.21 -26.86 29.71
N LEU F 250 -3.44 -27.95 29.67
CA LEU F 250 -2.05 -27.85 29.24
C LEU F 250 -1.93 -27.45 27.77
N ASP F 251 -2.91 -27.83 26.94
CA ASP F 251 -2.82 -27.62 25.50
C ASP F 251 -2.81 -26.15 25.11
N ILE F 252 -3.37 -25.27 25.94
CA ILE F 252 -3.38 -23.85 25.63
C ILE F 252 -2.02 -23.24 25.92
N LEU F 253 -1.15 -23.96 26.64
CA LEU F 253 0.19 -23.47 26.92
C LEU F 253 1.16 -23.71 25.78
N CYS F 254 0.72 -24.35 24.69
CA CYS F 254 1.61 -24.58 23.56
C CYS F 254 1.95 -23.27 22.84
N ASN F 255 3.18 -23.18 22.37
CA ASN F 255 3.69 -22.05 21.60
C ASN F 255 4.26 -22.59 20.31
N ARG F 256 4.81 -21.70 19.49
CA ARG F 256 5.67 -22.17 18.40
C ARG F 256 6.95 -22.78 18.95
N ARG F 257 7.46 -22.27 20.07
CA ARG F 257 8.60 -22.87 20.74
C ARG F 257 8.20 -24.00 21.68
N GLN F 258 6.94 -23.99 22.14
CA GLN F 258 6.42 -24.88 23.19
C GLN F 258 7.27 -24.83 24.46
N ASP F 259 7.81 -23.65 24.77
CA ASP F 259 8.85 -23.53 25.79
C ASP F 259 8.30 -23.67 27.21
N VAL F 260 7.12 -23.13 27.48
CA VAL F 260 6.62 -23.06 28.84
C VAL F 260 6.19 -24.44 29.33
N VAL F 261 5.47 -25.19 28.49
CA VAL F 261 5.09 -26.54 28.84
C VAL F 261 6.31 -27.46 28.93
N TYR F 262 7.34 -27.19 28.12
CA TYR F 262 8.58 -27.95 28.17
C TYR F 262 9.31 -27.74 29.48
N ASN F 263 9.35 -26.49 29.96
CA ASN F 263 9.95 -26.24 31.26
C ASN F 263 9.10 -26.79 32.39
N LEU F 264 7.77 -26.75 32.25
CA LEU F 264 6.89 -27.27 33.29
C LEU F 264 6.98 -28.79 33.39
N LEU F 265 7.33 -29.45 32.29
CA LEU F 265 7.62 -30.88 32.35
C LEU F 265 9.03 -31.19 32.83
N ASP F 266 10.02 -30.37 32.46
CA ASP F 266 11.40 -30.60 32.90
C ASP F 266 11.64 -30.34 34.38
N TRP F 267 10.81 -29.49 35.01
CA TRP F 267 11.03 -29.15 36.42
C TRP F 267 10.95 -30.31 37.41
N PRO F 268 10.02 -31.28 37.32
CA PRO F 268 10.12 -32.45 38.22
C PRO F 268 11.38 -33.27 38.09
N THR F 269 12.06 -33.24 36.94
CA THR F 269 13.26 -34.04 36.72
C THR F 269 14.40 -33.66 37.67
N LYS F 270 14.43 -32.43 38.16
CA LYS F 270 15.38 -32.07 39.20
C LYS F 270 15.00 -32.75 40.51
N SER F 271 15.89 -33.64 40.97
CA SER F 271 15.61 -34.41 42.18
C SER F 271 15.67 -33.54 43.42
N ALA F 272 16.40 -32.43 43.38
CA ALA F 272 16.59 -31.61 44.57
C ALA F 272 15.34 -30.84 44.94
N ALA F 273 14.69 -30.21 43.96
CA ALA F 273 13.41 -29.53 44.16
C ALA F 273 12.31 -30.55 43.97
N LYS F 274 11.77 -31.05 45.07
CA LYS F 274 10.82 -32.16 45.03
C LYS F 274 9.47 -31.65 44.56
N LEU F 275 9.34 -31.59 43.24
CA LEU F 275 8.11 -31.18 42.58
C LEU F 275 7.36 -32.42 42.10
N VAL F 276 6.05 -32.29 42.02
CA VAL F 276 5.19 -33.28 41.38
C VAL F 276 4.12 -32.48 40.64
N VAL F 277 3.86 -32.84 39.39
CA VAL F 277 2.92 -32.10 38.56
C VAL F 277 1.83 -33.06 38.08
N VAL F 278 0.58 -32.61 38.14
CA VAL F 278 -0.58 -33.37 37.67
C VAL F 278 -1.25 -32.55 36.59
N THR F 279 -0.97 -32.87 35.34
CA THR F 279 -1.56 -32.15 34.22
C THR F 279 -2.86 -32.79 33.78
N ILE F 280 -3.77 -31.94 33.30
CA ILE F 280 -5.13 -32.33 32.98
C ILE F 280 -5.41 -31.92 31.53
N ALA F 281 -5.79 -32.88 30.70
CA ALA F 281 -5.92 -32.58 29.28
C ALA F 281 -7.07 -33.36 28.65
N ASN F 282 -7.44 -32.94 27.45
CA ASN F 282 -8.57 -33.57 26.77
C ASN F 282 -8.13 -34.64 25.77
N THR F 283 -7.30 -34.27 24.80
CA THR F 283 -6.75 -35.27 23.88
C THR F 283 -5.79 -36.20 24.60
N MET F 284 -5.84 -37.49 24.23
CA MET F 284 -5.18 -38.50 25.05
C MET F 284 -3.71 -38.67 24.68
N ASP F 285 -3.26 -38.04 23.60
CA ASP F 285 -1.94 -38.31 23.05
C ASP F 285 -1.14 -37.03 22.78
N LEU F 286 -1.34 -35.99 23.57
CA LEU F 286 -0.68 -34.71 23.34
C LEU F 286 0.85 -34.74 23.40
N PRO F 287 1.53 -35.36 24.38
CA PRO F 287 3.02 -35.36 24.35
C PRO F 287 3.62 -36.01 23.11
N GLU F 288 2.99 -37.04 22.55
CA GLU F 288 3.42 -37.52 21.24
C GLU F 288 3.07 -36.57 20.11
N ARG F 289 2.03 -35.75 20.27
CA ARG F 289 1.46 -35.07 19.12
C ARG F 289 2.20 -33.79 18.78
N LEU F 290 2.72 -33.09 19.78
CA LEU F 290 3.51 -31.89 19.53
C LEU F 290 4.60 -31.61 20.55
N LEU F 291 5.00 -32.59 21.35
CA LEU F 291 6.11 -32.42 22.27
C LEU F 291 7.23 -33.39 21.94
N ARG F 303 0.16 -42.52 33.14
CA ARG F 303 -0.96 -41.80 32.57
C ARG F 303 -2.27 -42.27 33.18
N LEU F 304 -3.35 -41.56 32.86
CA LEU F 304 -4.68 -42.00 33.28
C LEU F 304 -5.70 -41.38 32.32
N THR F 305 -6.77 -42.13 32.07
CA THR F 305 -7.79 -41.69 31.12
C THR F 305 -9.17 -41.88 31.75
N PHE F 306 -9.87 -40.77 31.91
CA PHE F 306 -11.22 -40.77 32.48
C PHE F 306 -12.20 -41.05 31.35
N GLN F 307 -12.65 -42.29 31.26
CA GLN F 307 -13.58 -42.67 30.19
C GLN F 307 -14.95 -42.05 30.44
N PRO F 308 -15.67 -41.68 29.36
CA PRO F 308 -16.99 -41.07 29.52
C PRO F 308 -18.00 -42.01 30.14
N TYR F 309 -18.96 -41.42 30.84
CA TYR F 309 -19.98 -42.18 31.56
C TYR F 309 -20.90 -42.93 30.62
N SER F 310 -21.30 -44.13 31.03
CA SER F 310 -22.26 -44.92 30.28
C SER F 310 -23.67 -44.55 30.73
N HIS F 311 -24.64 -45.39 30.40
CA HIS F 311 -26.01 -45.13 30.84
C HIS F 311 -26.18 -45.33 32.34
N LYS F 312 -25.56 -46.35 32.91
CA LYS F 312 -25.80 -46.63 34.32
C LYS F 312 -25.04 -45.68 35.24
N GLN F 313 -23.84 -45.25 34.87
CA GLN F 313 -23.14 -44.25 35.67
C GLN F 313 -23.86 -42.92 35.63
N LEU F 314 -24.42 -42.57 34.47
CA LEU F 314 -25.11 -41.30 34.36
C LEU F 314 -26.49 -41.38 35.01
N GLN F 315 -27.01 -42.59 35.19
CA GLN F 315 -28.15 -42.74 36.09
C GLN F 315 -27.72 -42.53 37.54
N GLU F 316 -26.60 -43.14 37.92
CA GLU F 316 -26.14 -43.14 39.31
C GLU F 316 -25.82 -41.74 39.81
N ILE F 317 -25.27 -40.89 38.93
CA ILE F 317 -24.87 -39.54 39.34
C ILE F 317 -26.09 -38.70 39.71
N VAL F 318 -27.09 -38.69 38.84
CA VAL F 318 -28.27 -37.88 39.12
C VAL F 318 -29.09 -38.49 40.25
N THR F 319 -29.13 -39.82 40.37
CA THR F 319 -29.96 -40.38 41.42
C THR F 319 -29.28 -40.33 42.78
N ALA F 320 -27.98 -40.06 42.82
CA ALA F 320 -27.38 -39.72 44.10
C ALA F 320 -27.50 -38.23 44.37
N ARG F 321 -27.50 -37.42 43.31
CA ARG F 321 -27.61 -35.98 43.46
C ARG F 321 -28.98 -35.57 43.97
N LEU F 322 -30.03 -36.31 43.62
CA LEU F 322 -31.39 -35.91 43.99
C LEU F 322 -31.67 -36.00 45.48
N GLY F 323 -30.99 -36.87 46.21
CA GLY F 323 -31.36 -37.07 47.60
C GLY F 323 -32.60 -37.91 47.71
N GLY F 324 -33.22 -37.89 48.89
CA GLY F 324 -34.33 -38.75 49.21
C GLY F 324 -35.69 -38.31 48.72
N SER F 325 -35.80 -37.13 48.12
CA SER F 325 -37.07 -36.70 47.55
C SER F 325 -37.37 -37.49 46.28
N GLU F 326 -38.66 -37.75 46.05
CA GLU F 326 -39.10 -38.47 44.86
C GLU F 326 -39.65 -37.53 43.79
N THR F 327 -39.03 -36.36 43.64
CA THR F 327 -39.49 -35.40 42.63
C THR F 327 -39.27 -35.90 41.21
N PHE F 328 -38.23 -36.70 40.98
CA PHE F 328 -38.08 -37.37 39.70
C PHE F 328 -38.64 -38.78 39.78
N LYS F 329 -39.43 -39.13 38.77
CA LYS F 329 -39.78 -40.52 38.55
C LYS F 329 -38.54 -41.28 38.10
N GLY F 330 -38.53 -42.59 38.35
CA GLY F 330 -37.29 -43.33 38.22
C GLY F 330 -36.85 -43.60 36.80
N GLU F 331 -37.72 -43.38 35.83
CA GLU F 331 -37.36 -43.61 34.45
C GLU F 331 -36.86 -42.35 33.75
N ALA F 332 -37.14 -41.16 34.30
CA ALA F 332 -36.69 -39.93 33.66
C ALA F 332 -35.18 -39.79 33.70
N VAL F 333 -34.54 -40.25 34.78
CA VAL F 333 -33.09 -40.27 34.83
C VAL F 333 -32.52 -41.28 33.83
N GLN F 334 -33.24 -42.37 33.59
CA GLN F 334 -32.80 -43.34 32.59
C GLN F 334 -32.93 -42.77 31.19
N LEU F 335 -33.97 -41.96 30.97
CA LEU F 335 -34.18 -41.34 29.67
C LEU F 335 -33.10 -40.31 29.39
N VAL F 336 -32.72 -39.54 30.42
CA VAL F 336 -31.63 -38.58 30.30
C VAL F 336 -30.31 -39.30 30.03
N ALA F 337 -30.08 -40.41 30.73
CA ALA F 337 -28.85 -41.15 30.57
C ALA F 337 -28.76 -41.80 29.20
N ARG F 338 -29.90 -42.21 28.65
CA ARG F 338 -29.88 -42.79 27.31
C ARG F 338 -29.67 -41.73 26.24
N LYS F 339 -30.25 -40.54 26.42
CA LYS F 339 -30.08 -39.53 25.38
C LYS F 339 -28.83 -38.68 25.56
N VAL F 340 -28.07 -38.85 26.63
CA VAL F 340 -26.83 -38.10 26.81
C VAL F 340 -25.60 -38.99 26.75
N ALA F 341 -25.70 -40.23 27.26
CA ALA F 341 -24.57 -41.13 27.29
C ALA F 341 -24.08 -41.54 25.90
N ALA F 342 -24.95 -41.49 24.89
CA ALA F 342 -24.54 -41.79 23.53
C ALA F 342 -23.91 -40.59 22.83
N VAL F 343 -24.44 -39.39 23.04
CA VAL F 343 -24.04 -38.23 22.26
C VAL F 343 -22.69 -37.69 22.68
N SER F 344 -22.48 -37.50 23.98
CA SER F 344 -21.26 -36.84 24.46
C SER F 344 -20.78 -37.31 25.82
N GLY F 345 -21.66 -37.64 26.76
CA GLY F 345 -21.24 -38.11 28.06
C GLY F 345 -20.87 -37.03 29.05
N ASP F 346 -21.23 -35.77 28.79
CA ASP F 346 -21.00 -34.71 29.76
C ASP F 346 -21.80 -34.96 31.03
N ALA F 347 -21.15 -34.84 32.18
CA ALA F 347 -21.92 -34.79 33.42
C ALA F 347 -22.74 -33.51 33.51
N ARG F 348 -22.19 -32.41 33.00
CA ARG F 348 -22.88 -31.12 33.05
C ARG F 348 -24.13 -31.14 32.20
N ARG F 349 -24.14 -31.88 31.09
CA ARG F 349 -25.30 -31.90 30.24
C ARG F 349 -26.45 -32.66 30.89
N ALA F 350 -26.16 -33.79 31.53
CA ALA F 350 -27.19 -34.51 32.26
C ALA F 350 -27.74 -33.68 33.40
N LEU F 351 -26.87 -32.94 34.10
CA LEU F 351 -27.34 -32.14 35.21
C LEU F 351 -28.18 -30.94 34.77
N ASP F 352 -27.75 -30.17 33.76
CA ASP F 352 -28.61 -29.03 33.45
C ASP F 352 -29.81 -29.43 32.59
N ILE F 353 -29.79 -30.60 31.96
CA ILE F 353 -31.01 -31.10 31.33
C ILE F 353 -32.05 -31.42 32.39
N CYS F 354 -31.61 -32.07 33.49
CA CYS F 354 -32.53 -32.32 34.59
C CYS F 354 -32.99 -31.03 35.25
N ARG F 355 -32.12 -30.03 35.31
CA ARG F 355 -32.48 -28.76 35.94
C ARG F 355 -33.47 -27.97 35.10
N ARG F 356 -33.26 -27.93 33.79
CA ARG F 356 -34.21 -27.27 32.90
C ARG F 356 -35.54 -28.01 32.86
N ALA F 357 -35.51 -29.35 32.97
CA ALA F 357 -36.76 -30.10 33.07
C ALA F 357 -37.49 -29.80 34.38
N THR F 358 -36.73 -29.58 35.47
CA THR F 358 -37.33 -29.19 36.73
C THR F 358 -37.96 -27.81 36.61
N GLU F 359 -37.34 -26.93 35.83
CA GLU F 359 -37.94 -25.62 35.57
C GLU F 359 -39.22 -25.74 34.76
N ILE F 360 -39.26 -26.64 33.77
CA ILE F 360 -40.51 -26.84 33.01
C ILE F 360 -41.60 -27.42 33.91
N ALA F 361 -41.22 -28.28 34.86
CA ALA F 361 -42.19 -28.79 35.82
C ALA F 361 -42.70 -27.70 36.74
N ASP F 362 -41.86 -26.72 37.05
CA ASP F 362 -42.33 -25.54 37.79
C ASP F 362 -43.30 -24.73 36.93
N THR F 363 -43.07 -24.65 35.62
CA THR F 363 -44.01 -23.96 34.74
C THR F 363 -45.35 -24.70 34.63
N ALA F 364 -45.36 -26.01 34.77
CA ALA F 364 -46.60 -26.78 34.70
C ALA F 364 -47.36 -26.79 36.02
N ALA F 365 -46.76 -26.23 37.09
CA ALA F 365 -47.32 -26.16 38.44
C ALA F 365 -47.67 -27.55 38.99
N VAL F 366 -46.85 -28.53 38.64
CA VAL F 366 -46.95 -29.87 39.20
C VAL F 366 -45.71 -30.12 40.04
N LYS F 367 -45.89 -30.72 41.20
CA LYS F 367 -44.80 -30.90 42.15
C LYS F 367 -43.86 -32.04 41.76
N CYS F 368 -44.26 -32.91 40.86
CA CYS F 368 -43.41 -33.99 40.39
C CYS F 368 -43.26 -33.88 38.89
N VAL F 369 -42.11 -34.27 38.38
CA VAL F 369 -41.89 -34.24 36.94
C VAL F 369 -42.63 -35.40 36.28
N THR F 370 -42.96 -35.22 35.02
CA THR F 370 -43.42 -36.31 34.17
C THR F 370 -42.36 -36.55 33.10
N MET F 371 -42.43 -37.71 32.45
CA MET F 371 -41.44 -38.03 31.42
C MET F 371 -41.57 -37.12 30.20
N LEU F 372 -42.77 -36.59 29.94
CA LEU F 372 -42.93 -35.67 28.82
C LEU F 372 -42.26 -34.33 29.09
N HIS F 373 -42.09 -33.97 30.37
CA HIS F 373 -41.29 -32.79 30.71
C HIS F 373 -39.84 -32.98 30.30
N VAL F 374 -39.29 -34.16 30.56
CA VAL F 374 -37.95 -34.46 30.12
C VAL F 374 -37.86 -34.55 28.60
N GLN F 375 -38.94 -35.01 27.95
CA GLN F 375 -38.96 -35.02 26.49
C GLN F 375 -38.95 -33.60 25.93
N GLN F 376 -39.66 -32.69 26.60
CA GLN F 376 -39.68 -31.29 26.17
C GLN F 376 -38.33 -30.62 26.42
N ALA F 377 -37.68 -30.95 27.53
CA ALA F 377 -36.37 -30.37 27.83
C ALA F 377 -35.31 -30.87 26.87
N LEU F 378 -35.32 -32.16 26.54
CA LEU F 378 -34.40 -32.68 25.54
C LEU F 378 -34.70 -32.16 24.15
N ALA F 379 -35.97 -31.94 23.84
CA ALA F 379 -36.31 -31.39 22.53
C ALA F 379 -35.91 -29.93 22.42
N GLU F 380 -35.84 -29.21 23.53
CA GLU F 380 -35.43 -27.81 23.44
C GLU F 380 -33.93 -27.64 23.51
N MET F 381 -33.24 -28.34 24.41
CA MET F 381 -31.82 -28.08 24.60
C MET F 381 -30.95 -28.85 23.61
N ILE F 382 -31.48 -29.91 23.01
CA ILE F 382 -30.75 -30.65 21.98
C ILE F 382 -31.53 -30.50 20.68
N ALA F 383 -31.23 -29.44 19.93
CA ALA F 383 -32.06 -29.05 18.81
C ALA F 383 -31.30 -28.17 17.83
N SER F 384 -31.85 -28.09 16.62
CA SER F 384 -31.54 -27.03 15.67
C SER F 384 -32.87 -26.53 15.15
N ALA F 385 -32.96 -25.22 14.94
CA ALA F 385 -34.23 -24.66 14.48
C ALA F 385 -34.16 -24.34 13.00
N LYS F 386 -33.19 -24.96 12.31
CA LYS F 386 -33.01 -24.79 10.89
C LYS F 386 -34.23 -25.22 10.09
N VAL F 387 -34.98 -26.21 10.57
CA VAL F 387 -36.26 -26.53 9.95
C VAL F 387 -37.26 -25.41 10.19
N GLN F 388 -37.33 -24.91 11.43
CA GLN F 388 -38.24 -23.81 11.73
C GLN F 388 -37.78 -22.51 11.07
N ALA F 389 -36.48 -22.34 10.86
CA ALA F 389 -35.99 -21.14 10.20
C ALA F 389 -36.39 -21.13 8.74
N ILE F 390 -36.21 -22.25 8.04
CA ILE F 390 -36.59 -22.35 6.64
C ILE F 390 -38.11 -22.26 6.50
N ARG F 391 -38.85 -22.77 7.49
CA ARG F 391 -40.29 -22.59 7.49
C ARG F 391 -40.69 -21.14 7.72
N ASN F 392 -39.87 -20.37 8.41
CA ASN F 392 -40.25 -18.99 8.71
C ASN F 392 -39.43 -17.94 7.97
N CYS F 393 -38.75 -18.30 6.88
CA CYS F 393 -38.24 -17.29 5.97
C CYS F 393 -39.35 -16.77 5.07
N SER F 394 -39.16 -15.57 4.55
CA SER F 394 -40.07 -15.03 3.56
C SER F 394 -39.95 -15.80 2.24
N ARG F 395 -40.96 -15.60 1.39
CA ARG F 395 -41.18 -16.49 0.25
C ARG F 395 -40.05 -16.43 -0.78
N MET F 396 -39.43 -15.26 -0.94
CA MET F 396 -38.31 -15.16 -1.87
C MET F 396 -37.09 -15.93 -1.38
N GLU F 397 -36.85 -15.96 -0.08
CA GLU F 397 -35.76 -16.80 0.40
C GLU F 397 -36.12 -18.28 0.30
N GLN F 398 -37.40 -18.63 0.35
CA GLN F 398 -37.77 -20.02 0.10
C GLN F 398 -37.54 -20.41 -1.35
N ILE F 399 -37.81 -19.48 -2.28
CA ILE F 399 -37.52 -19.72 -3.69
C ILE F 399 -36.02 -19.86 -3.91
N PHE F 400 -35.24 -19.01 -3.23
CA PHE F 400 -33.79 -19.08 -3.33
C PHE F 400 -33.24 -20.38 -2.75
N LEU F 401 -33.85 -20.86 -1.67
CA LEU F 401 -33.39 -22.10 -1.06
C LEU F 401 -33.75 -23.31 -1.90
N GLN F 402 -34.90 -23.28 -2.58
CA GLN F 402 -35.19 -24.34 -3.54
C GLN F 402 -34.23 -24.29 -4.72
N ALA F 403 -33.81 -23.09 -5.11
CA ALA F 403 -32.99 -22.97 -6.31
C ALA F 403 -31.56 -23.41 -6.08
N ILE F 404 -31.02 -23.19 -4.88
CA ILE F 404 -29.66 -23.69 -4.62
C ILE F 404 -29.64 -25.22 -4.62
N ALA F 405 -30.69 -25.84 -4.09
CA ALA F 405 -30.77 -27.30 -4.12
C ALA F 405 -30.95 -27.83 -5.52
N ALA F 406 -31.75 -27.14 -6.34
CA ALA F 406 -31.90 -27.53 -7.74
C ALA F 406 -30.60 -27.35 -8.51
N GLU F 407 -29.78 -26.36 -8.12
CA GLU F 407 -28.50 -26.18 -8.77
C GLU F 407 -27.51 -27.27 -8.40
N VAL F 408 -27.49 -27.69 -7.12
CA VAL F 408 -26.64 -28.82 -6.72
C VAL F 408 -27.11 -30.10 -7.40
N THR F 409 -28.41 -30.24 -7.66
CA THR F 409 -28.87 -31.37 -8.46
C THR F 409 -28.42 -31.27 -9.91
N ARG F 410 -28.62 -30.11 -10.55
CA ARG F 410 -28.41 -29.98 -11.99
C ARG F 410 -26.93 -29.98 -12.36
N THR F 411 -26.13 -29.13 -11.75
CA THR F 411 -24.71 -29.13 -12.09
C THR F 411 -23.98 -30.32 -11.46
N GLY F 412 -24.46 -30.83 -10.33
CA GLY F 412 -23.81 -31.94 -9.68
C GLY F 412 -22.67 -31.59 -8.74
N VAL F 413 -22.46 -30.31 -8.45
CA VAL F 413 -21.47 -29.88 -7.46
C VAL F 413 -22.19 -29.11 -6.37
N GLU F 414 -21.58 -29.06 -5.18
CA GLU F 414 -22.22 -28.45 -4.03
C GLU F 414 -21.95 -26.95 -3.92
N GLU F 415 -20.77 -26.48 -4.32
CA GLU F 415 -20.47 -25.05 -4.31
C GLU F 415 -20.85 -24.48 -5.68
N THR F 416 -21.56 -23.36 -5.66
CA THR F 416 -22.17 -22.81 -6.86
C THR F 416 -21.74 -21.37 -7.05
N THR F 417 -21.61 -20.96 -8.31
CA THR F 417 -21.51 -19.55 -8.62
C THR F 417 -22.92 -18.96 -8.59
N PHE F 418 -23.01 -17.67 -8.24
CA PHE F 418 -24.31 -17.02 -8.03
C PHE F 418 -25.14 -16.93 -9.31
N MET F 419 -24.49 -16.84 -10.48
CA MET F 419 -25.24 -16.63 -11.73
C MET F 419 -26.07 -17.86 -12.11
N GLY F 420 -25.54 -19.05 -11.87
CA GLY F 420 -26.30 -20.26 -12.15
C GLY F 420 -27.44 -20.43 -11.19
N VAL F 421 -27.24 -20.00 -9.93
CA VAL F 421 -28.35 -19.98 -8.98
C VAL F 421 -29.40 -18.98 -9.42
N TYR F 422 -28.99 -17.85 -10.00
CA TYR F 422 -29.99 -16.89 -10.44
C TYR F 422 -30.73 -17.37 -11.67
N GLN F 423 -30.08 -18.17 -12.53
CA GLN F 423 -30.79 -18.74 -13.66
C GLN F 423 -31.81 -19.78 -13.20
N GLN F 424 -31.42 -20.61 -12.24
CA GLN F 424 -32.37 -21.55 -11.66
C GLN F 424 -33.49 -20.82 -10.91
N VAL F 425 -33.16 -19.66 -10.32
CA VAL F 425 -34.15 -18.82 -9.67
C VAL F 425 -35.17 -18.33 -10.68
N GLU F 426 -34.72 -17.87 -11.85
CA GLU F 426 -35.65 -17.39 -12.85
C GLU F 426 -36.50 -18.52 -13.41
N THR F 427 -35.96 -19.74 -13.46
CA THR F 427 -36.78 -20.89 -13.86
C THR F 427 -37.88 -21.17 -12.83
N ILE F 428 -37.53 -21.24 -11.54
CA ILE F 428 -38.53 -21.55 -10.52
C ILE F 428 -39.55 -20.42 -10.37
N ALA F 429 -39.11 -19.17 -10.49
CA ALA F 429 -40.05 -18.06 -10.43
C ALA F 429 -40.95 -18.02 -11.65
N ALA F 430 -40.46 -18.49 -12.80
CA ALA F 430 -41.33 -18.67 -13.96
C ALA F 430 -42.36 -19.76 -13.72
N PHE F 431 -41.99 -20.81 -13.00
CA PHE F 431 -42.94 -21.90 -12.78
C PHE F 431 -44.00 -21.52 -11.75
N MET F 432 -43.58 -20.92 -10.64
CA MET F 432 -44.51 -20.57 -9.57
C MET F 432 -45.47 -19.45 -9.94
N GLY F 433 -45.12 -18.62 -10.93
CA GLY F 433 -45.96 -17.51 -11.33
C GLY F 433 -45.78 -16.25 -10.53
N VAL F 434 -44.82 -16.23 -9.60
CA VAL F 434 -44.50 -15.01 -8.85
C VAL F 434 -43.17 -14.49 -9.34
N THR F 435 -43.12 -13.18 -9.59
CA THR F 435 -41.93 -12.53 -10.12
C THR F 435 -40.80 -12.49 -9.10
N PHE F 436 -39.62 -12.41 -9.60
CA PHE F 436 -38.51 -12.36 -8.67
C PHE F 436 -37.91 -10.96 -8.66
N PRO F 437 -37.33 -10.56 -7.52
CA PRO F 437 -36.68 -9.26 -7.45
C PRO F 437 -35.47 -9.19 -8.35
N PRO F 438 -35.14 -7.99 -8.85
CA PRO F 438 -33.94 -7.80 -9.67
C PRO F 438 -32.68 -8.06 -8.87
N PRO F 439 -31.57 -8.44 -9.52
CA PRO F 439 -30.49 -9.17 -8.82
C PRO F 439 -29.82 -8.46 -7.66
N GLY F 440 -29.88 -7.13 -7.56
CA GLY F 440 -29.36 -6.51 -6.36
C GLY F 440 -30.12 -6.85 -5.09
N ARG F 441 -31.44 -6.88 -5.16
CA ARG F 441 -32.21 -7.37 -4.01
C ARG F 441 -31.98 -8.85 -3.77
N ALA F 442 -31.71 -9.63 -4.81
CA ALA F 442 -31.32 -11.01 -4.61
C ALA F 442 -29.96 -11.12 -3.92
N LEU F 443 -29.06 -10.17 -4.18
CA LEU F 443 -27.81 -10.13 -3.43
C LEU F 443 -28.05 -9.81 -1.97
N ARG F 444 -29.05 -8.97 -1.69
CA ARG F 444 -29.40 -8.68 -0.31
C ARG F 444 -29.96 -9.91 0.39
N LEU F 445 -30.79 -10.68 -0.32
CA LEU F 445 -31.33 -11.92 0.24
C LEU F 445 -30.25 -12.94 0.48
N CYS F 446 -29.26 -13.00 -0.41
CA CYS F 446 -28.17 -13.93 -0.23
C CYS F 446 -27.32 -13.55 0.97
N SER F 447 -27.09 -12.25 1.17
CA SER F 447 -26.31 -11.81 2.33
C SER F 447 -27.06 -12.03 3.63
N LYS F 448 -28.39 -11.88 3.61
CA LYS F 448 -29.16 -12.07 4.83
C LYS F 448 -29.24 -13.54 5.21
N LEU F 449 -29.44 -14.43 4.23
CA LEU F 449 -29.39 -15.85 4.54
C LEU F 449 -27.98 -16.30 4.89
N GLY F 450 -26.96 -15.59 4.42
CA GLY F 450 -25.61 -15.92 4.82
C GLY F 450 -25.28 -15.48 6.22
N ALA F 451 -25.93 -14.42 6.71
CA ALA F 451 -25.76 -14.02 8.10
C ALA F 451 -26.36 -15.03 9.07
N GLU F 452 -27.40 -15.73 8.63
CA GLU F 452 -28.12 -16.69 9.45
C GLU F 452 -27.53 -18.09 9.32
N ARG F 453 -26.49 -18.24 8.50
CA ARG F 453 -25.75 -19.48 8.25
C ARG F 453 -26.62 -20.62 7.72
N LEU F 454 -27.72 -20.29 7.03
CA LEU F 454 -28.34 -21.30 6.20
C LEU F 454 -27.48 -21.63 4.99
N ILE F 455 -26.67 -20.68 4.51
CA ILE F 455 -25.75 -20.86 3.39
C ILE F 455 -24.47 -20.10 3.70
N ILE F 456 -23.38 -20.53 3.10
CA ILE F 456 -22.08 -19.92 3.30
C ILE F 456 -21.75 -19.08 2.08
N SER F 457 -21.80 -17.76 2.22
CA SER F 457 -21.65 -16.87 1.08
C SER F 457 -20.52 -15.88 1.33
N GLU F 458 -19.89 -15.44 0.25
CA GLU F 458 -18.77 -14.53 0.31
C GLU F 458 -19.27 -13.09 0.47
N HIS F 459 -18.32 -12.18 0.69
CA HIS F 459 -18.63 -10.76 0.72
C HIS F 459 -19.14 -10.32 -0.64
N SER F 460 -20.10 -9.41 -0.65
CA SER F 460 -20.81 -9.10 -1.88
C SER F 460 -20.10 -8.09 -2.77
N ARG F 461 -18.82 -7.81 -2.54
CA ARG F 461 -18.09 -6.94 -3.47
C ARG F 461 -17.89 -7.60 -4.83
N ASN F 462 -17.90 -8.93 -4.89
CA ASN F 462 -17.75 -9.65 -6.15
C ASN F 462 -19.06 -10.36 -6.48
N ASP F 463 -20.05 -9.53 -6.78
CA ASP F 463 -21.39 -9.97 -7.11
C ASP F 463 -21.41 -10.74 -8.42
N LEU F 464 -22.36 -11.67 -8.52
CA LEU F 464 -22.53 -12.63 -9.61
C LEU F 464 -21.30 -13.49 -9.88
N PHE F 465 -20.41 -13.59 -8.90
CA PHE F 465 -19.27 -14.51 -8.91
C PHE F 465 -18.96 -15.00 -7.51
N GLN F 466 -19.72 -14.55 -6.50
CA GLN F 466 -19.55 -15.03 -5.15
C GLN F 466 -19.94 -16.50 -5.05
N LYS F 467 -19.12 -17.26 -4.34
CA LYS F 467 -19.40 -18.67 -4.15
C LYS F 467 -20.52 -18.82 -3.15
N ILE F 468 -21.30 -19.90 -3.29
CA ILE F 468 -22.39 -20.19 -2.38
C ILE F 468 -22.30 -21.69 -2.09
N LEU F 469 -22.10 -22.04 -0.84
CA LEU F 469 -22.30 -23.41 -0.41
C LEU F 469 -23.71 -23.56 0.13
N LEU F 470 -24.16 -24.80 0.27
CA LEU F 470 -25.36 -25.08 1.03
C LEU F 470 -24.92 -25.59 2.39
N ASN F 471 -25.45 -24.98 3.46
CA ASN F 471 -25.04 -25.37 4.80
C ASN F 471 -26.07 -26.28 5.45
N VAL F 472 -27.34 -25.93 5.34
CA VAL F 472 -28.42 -26.84 5.70
C VAL F 472 -28.42 -28.00 4.70
N SER F 473 -28.74 -29.20 5.19
CA SER F 473 -28.84 -30.35 4.31
C SER F 473 -30.05 -30.22 3.39
N ALA F 474 -29.88 -30.72 2.16
CA ALA F 474 -30.83 -30.43 1.09
C ALA F 474 -32.22 -31.02 1.32
N ASP F 475 -32.29 -32.17 1.99
CA ASP F 475 -33.58 -32.77 2.32
C ASP F 475 -34.39 -31.95 3.31
N ASP F 476 -33.73 -31.21 4.20
CA ASP F 476 -34.44 -30.41 5.20
C ASP F 476 -35.20 -29.27 4.55
N ILE F 477 -34.77 -28.81 3.38
CA ILE F 477 -35.46 -27.74 2.69
C ILE F 477 -36.85 -28.17 2.26
N HIS F 478 -36.95 -29.29 1.55
CA HIS F 478 -38.26 -29.81 1.16
C HIS F 478 -39.06 -30.28 2.36
N TYR F 479 -38.38 -30.81 3.38
CA TYR F 479 -39.06 -31.27 4.58
C TYR F 479 -39.65 -30.10 5.37
N ALA F 480 -39.04 -28.93 5.28
CA ALA F 480 -39.60 -27.76 5.97
C ALA F 480 -40.61 -27.05 5.10
N LEU F 481 -40.48 -27.15 3.78
CA LEU F 481 -41.35 -26.42 2.88
C LEU F 481 -42.69 -27.10 2.63
N ARG F 482 -42.74 -28.43 2.63
CA ARG F 482 -44.02 -29.11 2.40
C ARG F 482 -44.65 -29.53 3.72
N VAL F 483 -43.88 -30.19 4.58
CA VAL F 483 -44.40 -30.66 5.85
C VAL F 483 -44.37 -29.53 6.87
PG ATP I . -29.58 -7.54 15.64
O1G ATP I . -29.22 -7.45 17.09
O2G ATP I . -29.51 -8.92 15.06
O3G ATP I . -29.01 -6.46 14.77
PB ATP I . -31.67 -6.15 16.66
O1B ATP I . -31.93 -6.83 17.96
O2B ATP I . -30.72 -4.99 16.62
O3B ATP I . -31.15 -7.23 15.61
PA ATP I . -34.01 -4.86 17.04
O1A ATP I . -34.73 -5.85 17.89
O2A ATP I . -33.17 -3.81 17.70
O3A ATP I . -33.08 -5.70 16.07
O5' ATP I . -35.08 -4.17 16.08
C5' ATP I . -34.70 -3.01 15.36
C4' ATP I . -35.95 -2.25 15.02
O4' ATP I . -36.96 -3.21 14.74
C3' ATP I . -36.42 -1.41 16.19
O3' ATP I . -36.72 -0.08 15.77
C2' ATP I . -37.70 -2.07 16.67
O2' ATP I . -38.70 -1.06 16.84
C1' ATP I . -38.11 -2.99 15.54
N9 ATP I . -38.57 -4.30 16.02
C8 ATP I . -38.05 -5.46 15.59
N7 ATP I . -38.66 -6.52 16.16
C5 ATP I . -39.60 -6.03 16.98
C6 ATP I . -40.58 -6.62 17.89
N6 ATP I . -40.66 -7.96 17.99
N1 ATP I . -41.38 -5.78 18.57
C2 ATP I . -41.28 -4.46 18.44
N3 ATP I . -40.41 -3.84 17.63
C4 ATP I . -39.55 -4.58 16.89
MG MG J . -29.93 -6.00 18.34
PG ATP K . -16.51 12.32 -7.42
O1G ATP K . -17.23 11.48 -6.40
O2G ATP K . -15.98 11.58 -8.61
O3G ATP K . -15.57 13.35 -6.84
PB ATP K . -18.84 13.75 -7.07
O1B ATP K . -19.94 12.71 -7.04
O2B ATP K . -18.18 14.19 -5.79
O3B ATP K . -17.69 13.22 -8.04
PA ATP K . -19.23 16.46 -7.08
O1A ATP K . -17.78 16.79 -6.87
O2A ATP K . -20.19 16.40 -5.92
O3A ATP K . -19.33 15.06 -7.85
O5' ATP K . -19.76 17.56 -8.11
C5' ATP K . -19.66 18.89 -7.66
C4' ATP K . -19.67 19.85 -8.84
O4' ATP K . -20.83 19.65 -9.63
C3' ATP K . -19.71 21.26 -8.31
O3' ATP K . -18.68 22.04 -8.93
C2' ATP K . -21.05 21.80 -8.75
O2' ATP K . -20.91 23.15 -9.18
C1' ATP K . -21.46 20.90 -9.89
N9 ATP K . -22.92 20.69 -9.88
C8 ATP K . -23.50 19.49 -9.82
N7 ATP K . -24.84 19.59 -9.84
C5 ATP K . -25.13 20.89 -9.93
C6 ATP K . -26.37 21.69 -10.00
N6 ATP K . -27.58 21.09 -9.96
N1 ATP K . -26.26 23.02 -10.08
C2 ATP K . -25.06 23.62 -10.10
N3 ATP K . -23.90 22.96 -10.05
C4 ATP K . -23.87 21.61 -9.96
MG MG L . -16.44 13.50 -4.92
PG ATP M . -12.77 -30.27 31.65
O1G ATP M . -11.80 -31.41 31.58
O2G ATP M . -13.37 -29.87 30.34
O3G ATP M . -12.33 -29.11 32.51
PB ATP M . -13.74 -31.74 33.76
O1B ATP M . -13.89 -33.19 33.43
O2B ATP M . -12.48 -31.24 34.42
O3B ATP M . -14.02 -30.87 32.45
PA ATP M . -14.70 -30.77 36.13
O1A ATP M . -14.05 -29.42 36.01
O2A ATP M . -14.07 -31.88 36.92
O3A ATP M . -14.98 -31.32 34.66
O5' ATP M . -16.21 -30.54 36.58
C5' ATP M . -16.98 -31.63 37.02
C4' ATP M . -18.44 -31.23 36.96
O4' ATP M . -19.19 -32.37 36.61
C3' ATP M . -18.90 -30.75 38.32
O3' ATP M . -19.63 -29.53 38.19
C2' ATP M . -19.84 -31.80 38.82
O2' ATP M . -21.10 -31.19 39.11
C1' ATP M . -20.02 -32.79 37.69
N9 ATP M . -19.54 -34.12 38.11
C8 ATP M . -18.46 -34.75 37.63
N7 ATP M . -18.29 -35.96 38.22
C5 ATP M . -19.30 -36.09 39.09
C6 ATP M . -19.73 -37.12 40.04
N6 ATP M . -19.03 -38.26 40.17
N1 ATP M . -20.83 -36.88 40.76
C2 ATP M . -21.54 -35.74 40.65
N3 ATP M . -21.21 -34.77 39.80
C4 ATP M . -20.12 -34.88 39.02
MG MG N . -11.51 -28.90 34.45
#